data_2DMT
#
_entry.id   2DMT
#
_entity_poly.entity_id   1
_entity_poly.type   'polypeptide(L)'
_entity_poly.pdbx_seq_one_letter_code
;GSSGSSGGEPGTKAKKGRRSRTVFTELQLMGLEKRFEKQKYLSTPDRIDLAESLGLSQLQVKTWYQNRRMKWKKSGPSSG
;
_entity_poly.pdbx_strand_id   A
#
# COMPACT_ATOMS: atom_id res chain seq x y z
N GLY A 1 -43.84 -8.44 11.89
CA GLY A 1 -42.50 -8.06 11.47
C GLY A 1 -41.42 -8.81 12.22
N SER A 2 -40.17 -8.66 11.79
CA SER A 2 -39.05 -9.33 12.42
C SER A 2 -37.72 -8.74 11.96
N SER A 3 -37.07 -7.99 12.84
CA SER A 3 -35.80 -7.35 12.52
C SER A 3 -34.78 -7.60 13.64
N GLY A 4 -33.50 -7.49 13.28
CA GLY A 4 -32.45 -7.70 14.27
C GLY A 4 -32.68 -6.91 15.54
N SER A 5 -32.03 -7.32 16.62
CA SER A 5 -32.15 -6.65 17.90
C SER A 5 -30.84 -5.99 18.33
N SER A 6 -29.78 -6.79 18.31
CA SER A 6 -28.45 -6.29 18.69
C SER A 6 -27.36 -7.27 18.26
N GLY A 7 -26.47 -6.80 17.40
CA GLY A 7 -25.39 -7.64 16.93
C GLY A 7 -24.02 -7.02 17.17
N GLY A 8 -23.52 -7.16 18.39
CA GLY A 8 -22.22 -6.59 18.72
C GLY A 8 -21.10 -7.62 18.62
N GLU A 9 -19.91 -7.16 18.27
CA GLU A 9 -18.76 -8.04 18.14
C GLU A 9 -18.32 -8.58 19.50
N PRO A 10 -17.88 -9.84 19.52
CA PRO A 10 -17.42 -10.50 20.75
C PRO A 10 -16.11 -9.91 21.27
N GLY A 11 -15.39 -9.21 20.40
CA GLY A 11 -14.13 -8.61 20.78
C GLY A 11 -13.21 -8.40 19.60
N THR A 12 -12.77 -7.15 19.42
CA THR A 12 -11.87 -6.82 18.31
C THR A 12 -10.63 -6.09 18.82
N LYS A 13 -9.63 -5.97 17.95
CA LYS A 13 -8.38 -5.30 18.30
C LYS A 13 -7.72 -4.71 17.07
N ALA A 14 -6.94 -3.64 17.28
CA ALA A 14 -6.25 -2.99 16.18
C ALA A 14 -4.77 -2.77 16.51
N LYS A 15 -3.92 -3.00 15.52
CA LYS A 15 -2.48 -2.83 15.71
C LYS A 15 -1.94 -1.72 14.82
N LYS A 16 -0.88 -1.05 15.28
CA LYS A 16 -0.26 0.03 14.52
C LYS A 16 1.21 -0.25 14.27
N GLY A 17 1.65 -0.02 13.04
CA GLY A 17 3.04 -0.26 12.69
C GLY A 17 3.72 0.98 12.16
N ARG A 18 3.52 2.10 12.84
CA ARG A 18 4.12 3.37 12.42
C ARG A 18 5.63 3.31 12.54
N ARG A 19 6.28 2.69 11.56
CA ARG A 19 7.74 2.57 11.55
C ARG A 19 8.32 3.12 10.25
N SER A 20 9.24 4.07 10.38
CA SER A 20 9.87 4.69 9.21
C SER A 20 11.13 3.92 8.82
N ARG A 21 11.00 2.60 8.69
CA ARG A 21 12.12 1.76 8.32
C ARG A 21 11.89 1.10 6.96
N THR A 22 10.78 0.39 6.84
CA THR A 22 10.43 -0.30 5.60
C THR A 22 10.58 0.64 4.40
N VAL A 23 11.37 0.21 3.43
CA VAL A 23 11.59 1.00 2.22
C VAL A 23 11.36 0.17 0.97
N PHE A 24 10.66 0.77 0.00
CA PHE A 24 10.37 0.09 -1.26
C PHE A 24 11.09 0.75 -2.42
N THR A 25 11.63 -0.06 -3.32
CA THR A 25 12.35 0.45 -4.48
C THR A 25 11.38 0.88 -5.58
N GLU A 26 11.75 1.93 -6.31
CA GLU A 26 10.91 2.43 -7.39
C GLU A 26 10.24 1.29 -8.15
N LEU A 27 11.00 0.23 -8.39
CA LEU A 27 10.49 -0.93 -9.11
C LEU A 27 9.40 -1.63 -8.30
N GLN A 28 9.72 -1.99 -7.06
CA GLN A 28 8.77 -2.67 -6.18
C GLN A 28 7.48 -1.86 -6.07
N LEU A 29 7.61 -0.59 -5.73
CA LEU A 29 6.45 0.29 -5.58
C LEU A 29 5.60 0.28 -6.85
N MET A 30 6.25 0.45 -7.99
CA MET A 30 5.54 0.45 -9.27
C MET A 30 4.60 -0.74 -9.38
N GLY A 31 5.10 -1.92 -9.02
CA GLY A 31 4.29 -3.12 -9.09
C GLY A 31 3.21 -3.15 -8.02
N LEU A 32 3.57 -2.76 -6.81
CA LEU A 32 2.62 -2.74 -5.71
C LEU A 32 1.41 -1.86 -6.03
N GLU A 33 1.68 -0.70 -6.64
CA GLU A 33 0.61 0.22 -7.01
C GLU A 33 -0.26 -0.36 -8.12
N LYS A 34 0.38 -1.06 -9.06
CA LYS A 34 -0.32 -1.67 -10.18
C LYS A 34 -1.31 -2.71 -9.69
N ARG A 35 -0.83 -3.63 -8.86
CA ARG A 35 -1.68 -4.69 -8.32
C ARG A 35 -2.82 -4.11 -7.49
N PHE A 36 -2.47 -3.46 -6.38
CA PHE A 36 -3.45 -2.86 -5.49
C PHE A 36 -4.55 -2.16 -6.30
N GLU A 37 -4.13 -1.21 -7.15
CA GLU A 37 -5.08 -0.46 -7.97
C GLU A 37 -6.08 -1.40 -8.63
N LYS A 38 -5.57 -2.40 -9.34
CA LYS A 38 -6.43 -3.36 -10.02
C LYS A 38 -7.34 -4.07 -9.04
N GLN A 39 -6.75 -4.58 -7.95
CA GLN A 39 -7.52 -5.28 -6.93
C GLN A 39 -7.22 -4.72 -5.54
N LYS A 40 -8.09 -3.85 -5.05
CA LYS A 40 -7.92 -3.24 -3.74
C LYS A 40 -7.39 -4.26 -2.73
N TYR A 41 -7.96 -5.46 -2.75
CA TYR A 41 -7.53 -6.51 -1.85
C TYR A 41 -7.24 -7.81 -2.61
N LEU A 42 -6.01 -8.29 -2.47
CA LEU A 42 -5.60 -9.51 -3.16
C LEU A 42 -6.07 -10.74 -2.39
N SER A 43 -5.90 -11.92 -3.00
CA SER A 43 -6.31 -13.17 -2.37
C SER A 43 -5.16 -13.79 -1.60
N THR A 44 -5.44 -14.88 -0.90
CA THR A 44 -4.44 -15.57 -0.10
C THR A 44 -3.24 -15.96 -0.97
N PRO A 45 -3.49 -16.75 -2.02
CA PRO A 45 -2.45 -17.21 -2.94
C PRO A 45 -1.91 -16.08 -3.81
N ASP A 46 -2.81 -15.26 -4.34
CA ASP A 46 -2.42 -14.13 -5.18
C ASP A 46 -1.32 -13.31 -4.52
N ARG A 47 -1.63 -12.74 -3.37
CA ARG A 47 -0.65 -11.93 -2.64
C ARG A 47 0.72 -12.59 -2.65
N ILE A 48 0.74 -13.90 -2.57
CA ILE A 48 2.00 -14.65 -2.58
C ILE A 48 2.67 -14.58 -3.95
N ASP A 49 1.93 -14.97 -4.99
CA ASP A 49 2.46 -14.95 -6.34
C ASP A 49 3.16 -13.63 -6.64
N LEU A 50 2.56 -12.53 -6.20
CA LEU A 50 3.12 -11.20 -6.41
C LEU A 50 4.44 -11.04 -5.64
N ALA A 51 4.38 -11.24 -4.33
CA ALA A 51 5.57 -11.12 -3.50
C ALA A 51 6.74 -11.88 -4.10
N GLU A 52 6.44 -12.89 -4.91
CA GLU A 52 7.47 -13.69 -5.56
C GLU A 52 7.94 -13.05 -6.86
N SER A 53 7.03 -12.35 -7.52
CA SER A 53 7.34 -11.69 -8.79
C SER A 53 8.21 -10.46 -8.56
N LEU A 54 7.85 -9.66 -7.56
CA LEU A 54 8.59 -8.46 -7.23
C LEU A 54 9.72 -8.77 -6.24
N GLY A 55 9.57 -9.86 -5.49
CA GLY A 55 10.57 -10.24 -4.52
C GLY A 55 10.29 -9.68 -3.14
N LEU A 56 9.03 -9.30 -2.90
CA LEU A 56 8.64 -8.75 -1.62
C LEU A 56 8.11 -9.84 -0.69
N SER A 57 7.80 -9.46 0.54
CA SER A 57 7.29 -10.41 1.53
C SER A 57 5.78 -10.28 1.66
N GLN A 58 5.09 -11.42 1.65
CA GLN A 58 3.64 -11.44 1.76
C GLN A 58 3.15 -10.33 2.69
N LEU A 59 3.84 -10.16 3.82
CA LEU A 59 3.48 -9.14 4.79
C LEU A 59 3.42 -7.77 4.14
N GLN A 60 4.43 -7.45 3.33
CA GLN A 60 4.49 -6.17 2.65
C GLN A 60 3.14 -5.81 2.04
N VAL A 61 2.69 -6.60 1.08
CA VAL A 61 1.41 -6.36 0.42
C VAL A 61 0.30 -6.14 1.45
N LYS A 62 0.17 -7.08 2.38
CA LYS A 62 -0.85 -6.99 3.41
C LYS A 62 -0.82 -5.62 4.09
N THR A 63 0.31 -5.32 4.72
CA THR A 63 0.47 -4.03 5.42
C THR A 63 0.36 -2.86 4.44
N TRP A 64 1.31 -2.78 3.51
CA TRP A 64 1.31 -1.71 2.52
C TRP A 64 -0.11 -1.39 2.06
N TYR A 65 -0.87 -2.43 1.76
CA TYR A 65 -2.25 -2.26 1.30
C TYR A 65 -3.07 -1.49 2.32
N GLN A 66 -3.35 -2.13 3.45
CA GLN A 66 -4.12 -1.50 4.52
C GLN A 66 -3.81 -0.01 4.61
N ASN A 67 -2.53 0.32 4.72
CA ASN A 67 -2.10 1.70 4.82
C ASN A 67 -2.63 2.53 3.64
N ARG A 68 -2.52 1.97 2.44
CA ARG A 68 -2.99 2.65 1.24
C ARG A 68 -4.49 2.92 1.32
N ARG A 69 -5.24 1.89 1.69
CA ARG A 69 -6.70 2.01 1.80
C ARG A 69 -7.08 3.34 2.44
N MET A 70 -6.53 3.61 3.61
CA MET A 70 -6.81 4.85 4.33
C MET A 70 -6.98 6.02 3.36
N LYS A 71 -5.92 6.33 2.62
CA LYS A 71 -5.95 7.42 1.66
C LYS A 71 -7.01 7.16 0.59
N TRP A 72 -7.06 5.94 0.09
CA TRP A 72 -8.03 5.58 -0.94
C TRP A 72 -9.44 5.99 -0.53
N LYS A 73 -9.78 5.75 0.73
CA LYS A 73 -11.10 6.11 1.25
C LYS A 73 -11.32 7.62 1.18
N LYS A 74 -12.53 8.05 1.53
CA LYS A 74 -12.87 9.47 1.51
C LYS A 74 -13.95 9.78 2.53
N SER A 75 -13.68 10.73 3.41
CA SER A 75 -14.64 11.13 4.43
C SER A 75 -15.01 12.60 4.31
N GLY A 76 -16.30 12.87 4.10
CA GLY A 76 -16.76 14.23 3.96
C GLY A 76 -17.91 14.56 4.88
N PRO A 77 -17.58 14.86 6.15
CA PRO A 77 -18.59 15.19 7.17
C PRO A 77 -19.25 16.54 6.91
N SER A 78 -18.45 17.53 6.51
CA SER A 78 -18.95 18.86 6.25
C SER A 78 -17.84 19.76 5.70
N SER A 79 -17.91 20.05 4.40
CA SER A 79 -16.92 20.90 3.76
C SER A 79 -17.39 22.34 3.68
N GLY A 80 -16.72 23.23 4.40
CA GLY A 80 -17.09 24.64 4.41
C GLY A 80 -16.70 25.34 5.69
N GLY A 1 -29.00 32.03 -26.77
CA GLY A 1 -27.89 32.12 -25.83
C GLY A 1 -26.94 33.26 -26.16
N SER A 2 -25.73 32.92 -26.59
CA SER A 2 -24.73 33.92 -26.93
C SER A 2 -24.19 34.59 -25.67
N SER A 3 -23.94 33.79 -24.64
CA SER A 3 -23.42 34.30 -23.38
C SER A 3 -22.06 33.68 -23.05
N GLY A 4 -21.40 34.22 -22.03
CA GLY A 4 -20.10 33.71 -21.64
C GLY A 4 -19.54 34.41 -20.42
N SER A 5 -18.27 34.15 -20.11
CA SER A 5 -17.63 34.75 -18.96
C SER A 5 -16.13 34.48 -18.96
N SER A 6 -15.42 35.02 -17.97
CA SER A 6 -13.98 34.84 -17.88
C SER A 6 -13.46 35.38 -16.54
N GLY A 7 -12.25 34.96 -16.19
CA GLY A 7 -11.66 35.42 -14.94
C GLY A 7 -12.24 34.71 -13.73
N GLY A 8 -11.39 34.37 -12.77
CA GLY A 8 -11.84 33.69 -11.58
C GLY A 8 -11.02 32.45 -11.26
N GLU A 9 -10.79 31.63 -12.28
CA GLU A 9 -10.02 30.40 -12.11
C GLU A 9 -8.82 30.64 -11.18
N PRO A 10 -8.50 29.62 -10.37
CA PRO A 10 -7.38 29.69 -9.43
C PRO A 10 -6.02 29.69 -10.13
N GLY A 11 -4.96 29.60 -9.35
CA GLY A 11 -3.62 29.59 -9.92
C GLY A 11 -3.06 28.18 -10.06
N THR A 12 -3.91 27.24 -10.46
CA THR A 12 -3.50 25.85 -10.63
C THR A 12 -2.48 25.45 -9.57
N LYS A 13 -2.75 25.84 -8.33
CA LYS A 13 -1.85 25.52 -7.22
C LYS A 13 -2.16 24.12 -6.66
N ALA A 14 -1.14 23.50 -6.07
CA ALA A 14 -1.30 22.17 -5.50
C ALA A 14 -0.10 21.79 -4.63
N LYS A 15 -0.23 20.71 -3.87
CA LYS A 15 0.84 20.25 -3.00
C LYS A 15 1.65 19.15 -3.67
N LYS A 16 2.95 19.15 -3.42
CA LYS A 16 3.84 18.13 -4.01
C LYS A 16 4.70 17.49 -2.94
N GLY A 17 5.03 18.26 -1.90
CA GLY A 17 5.85 17.74 -0.82
C GLY A 17 5.22 16.54 -0.14
N ARG A 18 5.58 15.35 -0.60
CA ARG A 18 5.05 14.11 -0.03
C ARG A 18 6.13 13.34 0.72
N ARG A 19 5.70 12.42 1.57
CA ARG A 19 6.63 11.62 2.36
C ARG A 19 6.05 10.24 2.65
N SER A 20 6.88 9.20 2.50
CA SER A 20 6.44 7.83 2.74
C SER A 20 7.57 7.00 3.33
N ARG A 21 7.41 6.60 4.59
CA ARG A 21 8.41 5.79 5.26
C ARG A 21 8.34 4.34 4.82
N THR A 22 9.04 4.01 3.72
CA THR A 22 9.05 2.66 3.19
C THR A 22 10.38 2.36 2.51
N VAL A 23 10.74 1.07 2.48
CA VAL A 23 11.99 0.65 1.86
C VAL A 23 11.73 -0.02 0.51
N PHE A 24 10.74 0.49 -0.21
CA PHE A 24 10.39 -0.06 -1.52
C PHE A 24 10.97 0.79 -2.64
N THR A 25 11.62 0.13 -3.60
CA THR A 25 12.22 0.84 -4.73
C THR A 25 11.18 1.10 -5.82
N GLU A 26 11.44 2.13 -6.63
CA GLU A 26 10.54 2.49 -7.71
C GLU A 26 9.94 1.24 -8.36
N LEU A 27 10.81 0.28 -8.68
CA LEU A 27 10.36 -0.96 -9.30
C LEU A 27 9.31 -1.67 -8.45
N GLN A 28 9.68 -1.98 -7.21
CA GLN A 28 8.77 -2.65 -6.29
C GLN A 28 7.47 -1.86 -6.14
N LEU A 29 7.60 -0.57 -5.85
CA LEU A 29 6.44 0.28 -5.67
C LEU A 29 5.56 0.28 -6.92
N MET A 30 6.20 0.28 -8.08
CA MET A 30 5.48 0.26 -9.35
C MET A 30 4.53 -0.92 -9.42
N GLY A 31 5.01 -2.09 -9.03
CA GLY A 31 4.19 -3.28 -9.05
C GLY A 31 3.16 -3.30 -7.93
N LEU A 32 3.53 -2.78 -6.78
CA LEU A 32 2.63 -2.73 -5.63
C LEU A 32 1.39 -1.90 -5.94
N GLU A 33 1.60 -0.75 -6.58
CA GLU A 33 0.51 0.15 -6.93
C GLU A 33 -0.33 -0.45 -8.08
N LYS A 34 0.34 -1.16 -8.98
CA LYS A 34 -0.33 -1.77 -10.11
C LYS A 34 -1.34 -2.82 -9.64
N ARG A 35 -0.88 -3.77 -8.83
CA ARG A 35 -1.75 -4.82 -8.31
C ARG A 35 -2.82 -4.24 -7.41
N PHE A 36 -2.42 -3.32 -6.53
CA PHE A 36 -3.35 -2.69 -5.59
C PHE A 36 -4.42 -1.91 -6.35
N GLU A 37 -4.00 -1.20 -7.39
CA GLU A 37 -4.92 -0.41 -8.20
C GLU A 37 -5.94 -1.30 -8.91
N LYS A 38 -5.44 -2.27 -9.66
CA LYS A 38 -6.30 -3.20 -10.39
C LYS A 38 -7.17 -4.00 -9.43
N GLN A 39 -6.59 -4.43 -8.32
CA GLN A 39 -7.32 -5.20 -7.32
C GLN A 39 -7.04 -4.68 -5.92
N LYS A 40 -7.87 -3.75 -5.46
CA LYS A 40 -7.72 -3.16 -4.13
C LYS A 40 -7.26 -4.22 -3.13
N TYR A 41 -7.63 -5.47 -3.38
CA TYR A 41 -7.26 -6.57 -2.50
C TYR A 41 -6.51 -7.65 -3.26
N LEU A 42 -6.13 -8.71 -2.55
CA LEU A 42 -5.41 -9.82 -3.16
C LEU A 42 -5.77 -11.14 -2.48
N SER A 43 -6.07 -12.15 -3.29
CA SER A 43 -6.42 -13.47 -2.76
C SER A 43 -5.25 -14.10 -2.03
N THR A 44 -5.50 -15.22 -1.36
CA THR A 44 -4.47 -15.91 -0.61
C THR A 44 -3.28 -16.25 -1.49
N PRO A 45 -3.52 -17.01 -2.57
CA PRO A 45 -2.48 -17.42 -3.52
C PRO A 45 -1.98 -16.26 -4.36
N ASP A 46 -2.76 -15.18 -4.39
CA ASP A 46 -2.39 -13.99 -5.16
C ASP A 46 -1.28 -13.23 -4.46
N ARG A 47 -1.58 -12.68 -3.29
CA ARG A 47 -0.60 -11.92 -2.52
C ARG A 47 0.75 -12.62 -2.52
N ILE A 48 0.73 -13.96 -2.48
CA ILE A 48 1.95 -14.74 -2.48
C ILE A 48 2.67 -14.66 -3.82
N ASP A 49 1.96 -15.01 -4.89
CA ASP A 49 2.53 -14.98 -6.22
C ASP A 49 3.26 -13.66 -6.47
N LEU A 50 2.59 -12.55 -6.17
CA LEU A 50 3.15 -11.22 -6.35
C LEU A 50 4.42 -11.06 -5.51
N ALA A 51 4.26 -11.14 -4.20
CA ALA A 51 5.38 -11.01 -3.27
C ALA A 51 6.61 -11.73 -3.80
N GLU A 52 6.39 -12.77 -4.60
CA GLU A 52 7.48 -13.54 -5.17
C GLU A 52 8.03 -12.87 -6.43
N SER A 53 7.13 -12.37 -7.27
CA SER A 53 7.51 -11.71 -8.51
C SER A 53 8.44 -10.53 -8.22
N LEU A 54 7.99 -9.64 -7.36
CA LEU A 54 8.79 -8.47 -7.00
C LEU A 54 9.84 -8.82 -5.95
N GLY A 55 9.58 -9.87 -5.19
CA GLY A 55 10.51 -10.29 -4.16
C GLY A 55 10.11 -9.81 -2.78
N LEU A 56 8.96 -9.15 -2.69
CA LEU A 56 8.47 -8.63 -1.42
C LEU A 56 7.91 -9.76 -0.56
N SER A 57 7.60 -9.44 0.70
CA SER A 57 7.07 -10.42 1.63
C SER A 57 5.56 -10.23 1.80
N GLN A 58 4.84 -11.34 1.91
CA GLN A 58 3.39 -11.29 2.07
C GLN A 58 2.99 -10.13 2.97
N LEU A 59 3.73 -9.92 4.05
CA LEU A 59 3.45 -8.84 4.98
C LEU A 59 3.40 -7.50 4.25
N GLN A 60 4.38 -7.26 3.38
CA GLN A 60 4.45 -6.02 2.63
C GLN A 60 3.09 -5.67 2.02
N VAL A 61 2.62 -6.51 1.11
CA VAL A 61 1.32 -6.30 0.47
C VAL A 61 0.22 -6.09 1.50
N LYS A 62 0.09 -7.04 2.42
CA LYS A 62 -0.92 -6.96 3.46
C LYS A 62 -0.94 -5.59 4.11
N THR A 63 0.17 -5.23 4.76
CA THR A 63 0.28 -3.94 5.42
C THR A 63 0.18 -2.80 4.42
N TRP A 64 1.15 -2.73 3.51
CA TRP A 64 1.18 -1.70 2.49
C TRP A 64 -0.23 -1.38 2.00
N TYR A 65 -0.98 -2.42 1.68
CA TYR A 65 -2.35 -2.26 1.19
C TYR A 65 -3.22 -1.55 2.22
N GLN A 66 -3.42 -2.21 3.37
CA GLN A 66 -4.23 -1.65 4.44
C GLN A 66 -4.06 -0.14 4.51
N ASN A 67 -2.82 0.31 4.70
CA ASN A 67 -2.52 1.73 4.79
C ASN A 67 -2.99 2.46 3.54
N ARG A 68 -2.52 2.01 2.38
CA ARG A 68 -2.89 2.62 1.10
C ARG A 68 -4.39 2.78 1.00
N ARG A 69 -5.13 1.84 1.59
CA ARG A 69 -6.59 1.88 1.55
C ARG A 69 -7.12 3.02 2.40
N MET A 70 -6.54 3.21 3.57
CA MET A 70 -6.95 4.27 4.48
C MET A 70 -6.72 5.64 3.85
N LYS A 71 -5.62 5.77 3.11
CA LYS A 71 -5.28 7.03 2.46
C LYS A 71 -6.03 7.17 1.13
N TRP A 72 -6.46 6.04 0.58
CA TRP A 72 -7.18 6.04 -0.69
C TRP A 72 -8.68 6.30 -0.46
N LYS A 73 -9.15 5.95 0.72
CA LYS A 73 -10.56 6.14 1.07
C LYS A 73 -10.87 7.63 1.27
N LYS A 74 -11.48 8.25 0.28
CA LYS A 74 -11.83 9.66 0.36
C LYS A 74 -10.79 10.44 1.14
N SER A 75 -9.52 10.17 0.86
CA SER A 75 -8.42 10.85 1.53
C SER A 75 -7.18 10.92 0.65
N GLY A 76 -6.10 11.48 1.18
CA GLY A 76 -4.87 11.60 0.43
C GLY A 76 -3.78 12.31 1.20
N PRO A 77 -3.83 13.65 1.21
CA PRO A 77 -2.85 14.47 1.91
C PRO A 77 -2.97 14.37 3.42
N SER A 78 -1.95 14.83 4.13
CA SER A 78 -1.94 14.78 5.60
C SER A 78 -2.35 16.13 6.18
N SER A 79 -1.62 17.18 5.81
CA SER A 79 -1.91 18.52 6.32
C SER A 79 -2.97 19.20 5.46
N GLY A 80 -3.93 19.83 6.12
CA GLY A 80 -5.00 20.51 5.40
C GLY A 80 -6.03 21.13 6.33
N GLY A 1 5.86 21.04 43.80
CA GLY A 1 6.00 21.63 42.49
C GLY A 1 7.17 21.06 41.72
N SER A 2 7.42 21.61 40.53
CA SER A 2 8.52 21.15 39.69
C SER A 2 8.91 22.21 38.67
N SER A 3 9.93 21.92 37.88
CA SER A 3 10.41 22.86 36.86
C SER A 3 10.91 22.11 35.63
N GLY A 4 11.32 22.86 34.62
CA GLY A 4 11.82 22.25 33.39
C GLY A 4 12.57 23.24 32.53
N SER A 5 12.95 22.80 31.32
CA SER A 5 13.70 23.65 30.40
C SER A 5 13.57 23.13 28.97
N SER A 6 14.10 23.90 28.02
CA SER A 6 14.04 23.53 26.62
C SER A 6 14.95 24.43 25.78
N GLY A 7 15.02 24.14 24.48
CA GLY A 7 15.85 24.94 23.59
C GLY A 7 15.35 24.94 22.17
N GLY A 8 16.24 25.20 21.22
CA GLY A 8 15.85 25.22 19.83
C GLY A 8 16.94 25.77 18.93
N GLU A 9 16.70 25.77 17.63
CA GLU A 9 17.67 26.27 16.67
C GLU A 9 17.09 26.30 15.26
N PRO A 10 17.51 27.29 14.45
CA PRO A 10 17.04 27.45 13.08
C PRO A 10 17.54 26.35 12.15
N GLY A 11 17.31 26.52 10.85
CA GLY A 11 17.76 25.52 9.89
C GLY A 11 17.18 25.76 8.51
N THR A 12 17.26 24.75 7.65
CA THR A 12 16.75 24.86 6.30
C THR A 12 16.36 23.49 5.74
N LYS A 13 15.21 23.43 5.08
CA LYS A 13 14.72 22.18 4.50
C LYS A 13 13.51 22.43 3.62
N ALA A 14 13.61 22.01 2.36
CA ALA A 14 12.51 22.19 1.41
C ALA A 14 11.28 21.41 1.85
N LYS A 15 11.45 20.10 2.04
CA LYS A 15 10.35 19.24 2.47
C LYS A 15 10.01 19.47 3.95
N LYS A 16 8.88 20.10 4.20
CA LYS A 16 8.45 20.37 5.56
C LYS A 16 7.47 19.30 6.04
N GLY A 17 7.54 18.99 7.34
CA GLY A 17 6.65 17.98 7.90
C GLY A 17 6.70 16.68 7.14
N ARG A 18 7.68 15.84 7.46
CA ARG A 18 7.83 14.55 6.79
C ARG A 18 7.97 13.42 7.80
N ARG A 19 6.94 12.59 7.92
CA ARG A 19 6.96 11.48 8.85
C ARG A 19 6.59 10.17 8.15
N SER A 20 7.15 9.97 6.96
CA SER A 20 6.89 8.77 6.18
C SER A 20 8.19 8.03 5.88
N ARG A 21 8.19 6.72 6.16
CA ARG A 21 9.37 5.90 5.93
C ARG A 21 9.01 4.66 5.10
N THR A 22 9.35 4.69 3.82
CA THR A 22 9.07 3.58 2.92
C THR A 22 10.35 2.91 2.45
N VAL A 23 10.43 1.59 2.63
CA VAL A 23 11.60 0.84 2.22
C VAL A 23 11.33 0.06 0.95
N PHE A 24 10.59 0.67 0.03
CA PHE A 24 10.26 0.04 -1.25
C PHE A 24 11.02 0.70 -2.40
N THR A 25 11.53 -0.12 -3.30
CA THR A 25 12.26 0.38 -4.46
C THR A 25 11.33 0.75 -5.61
N GLU A 26 11.75 1.70 -6.42
CA GLU A 26 10.94 2.14 -7.56
C GLU A 26 10.22 0.97 -8.20
N LEU A 27 10.89 -0.17 -8.26
CA LEU A 27 10.31 -1.37 -8.86
C LEU A 27 9.14 -1.88 -8.01
N GLN A 28 9.44 -2.33 -6.81
CA GLN A 28 8.41 -2.84 -5.90
C GLN A 28 7.22 -1.89 -5.85
N LEU A 29 7.50 -0.60 -5.87
CA LEU A 29 6.45 0.42 -5.82
C LEU A 29 5.67 0.45 -7.13
N MET A 30 6.37 0.31 -8.25
CA MET A 30 5.74 0.32 -9.55
C MET A 30 4.79 -0.85 -9.71
N GLY A 31 5.17 -2.00 -9.16
CA GLY A 31 4.34 -3.18 -9.24
C GLY A 31 3.25 -3.20 -8.19
N LEU A 32 3.59 -2.77 -6.99
CA LEU A 32 2.62 -2.73 -5.88
C LEU A 32 1.41 -1.88 -6.25
N GLU A 33 1.67 -0.70 -6.81
CA GLU A 33 0.60 0.21 -7.20
C GLU A 33 -0.26 -0.42 -8.32
N LYS A 34 0.41 -1.04 -9.28
CA LYS A 34 -0.29 -1.67 -10.40
C LYS A 34 -1.30 -2.68 -9.91
N ARG A 35 -0.85 -3.62 -9.08
CA ARG A 35 -1.72 -4.65 -8.53
C ARG A 35 -2.76 -4.04 -7.59
N PHE A 36 -2.29 -3.45 -6.50
CA PHE A 36 -3.18 -2.82 -5.52
C PHE A 36 -4.33 -2.10 -6.22
N GLU A 37 -4.02 -1.41 -7.30
CA GLU A 37 -5.02 -0.67 -8.05
C GLU A 37 -6.01 -1.62 -8.73
N LYS A 38 -5.48 -2.56 -9.50
CA LYS A 38 -6.31 -3.54 -10.20
C LYS A 38 -7.23 -4.26 -9.22
N GLN A 39 -6.67 -4.66 -8.09
CA GLN A 39 -7.45 -5.37 -7.07
C GLN A 39 -7.20 -4.78 -5.68
N LYS A 40 -8.13 -3.96 -5.21
CA LYS A 40 -8.00 -3.34 -3.90
C LYS A 40 -7.36 -4.29 -2.90
N TYR A 41 -7.66 -5.58 -3.04
CA TYR A 41 -7.10 -6.58 -2.14
C TYR A 41 -6.46 -7.72 -2.93
N LEU A 42 -5.98 -8.73 -2.21
CA LEU A 42 -5.34 -9.89 -2.86
C LEU A 42 -5.67 -11.17 -2.10
N SER A 43 -5.97 -12.22 -2.84
CA SER A 43 -6.29 -13.52 -2.24
C SER A 43 -5.07 -14.13 -1.57
N THR A 44 -5.28 -15.28 -0.93
CA THR A 44 -4.19 -15.97 -0.25
C THR A 44 -3.02 -16.22 -1.18
N PRO A 45 -3.28 -16.95 -2.27
CA PRO A 45 -2.25 -17.27 -3.27
C PRO A 45 -1.82 -16.06 -4.07
N ASP A 46 -2.77 -15.21 -4.43
CA ASP A 46 -2.49 -14.00 -5.20
C ASP A 46 -1.40 -13.17 -4.53
N ARG A 47 -1.64 -12.81 -3.26
CA ARG A 47 -0.68 -12.01 -2.51
C ARG A 47 0.71 -12.61 -2.60
N ILE A 48 0.79 -13.94 -2.53
CA ILE A 48 2.06 -14.64 -2.60
C ILE A 48 2.68 -14.51 -3.99
N ASP A 49 1.99 -15.04 -4.99
CA ASP A 49 2.48 -14.98 -6.36
C ASP A 49 3.14 -13.64 -6.65
N LEU A 50 2.46 -12.55 -6.29
CA LEU A 50 2.99 -11.21 -6.50
C LEU A 50 4.28 -11.01 -5.73
N ALA A 51 4.21 -11.17 -4.41
CA ALA A 51 5.37 -10.99 -3.56
C ALA A 51 6.60 -11.70 -4.14
N GLU A 52 6.36 -12.78 -4.87
CA GLU A 52 7.44 -13.55 -5.49
C GLU A 52 7.98 -12.82 -6.72
N SER A 53 7.09 -12.13 -7.43
CA SER A 53 7.49 -11.39 -8.63
C SER A 53 8.34 -10.19 -8.27
N LEU A 54 7.94 -9.48 -7.21
CA LEU A 54 8.67 -8.30 -6.76
C LEU A 54 9.75 -8.68 -5.75
N GLY A 55 9.51 -9.76 -5.02
CA GLY A 55 10.47 -10.22 -4.02
C GLY A 55 10.16 -9.69 -2.64
N LEU A 56 8.89 -9.31 -2.42
CA LEU A 56 8.47 -8.79 -1.13
C LEU A 56 7.84 -9.88 -0.27
N SER A 57 7.64 -9.59 1.01
CA SER A 57 7.04 -10.54 1.93
C SER A 57 5.53 -10.34 2.02
N GLN A 58 4.79 -11.45 2.06
CA GLN A 58 3.33 -11.40 2.15
C GLN A 58 2.89 -10.24 3.03
N LEU A 59 3.71 -9.90 4.02
CA LEU A 59 3.40 -8.82 4.95
C LEU A 59 3.36 -7.48 4.22
N GLN A 60 4.45 -7.16 3.54
CA GLN A 60 4.54 -5.90 2.80
C GLN A 60 3.21 -5.56 2.14
N VAL A 61 2.72 -6.46 1.29
CA VAL A 61 1.46 -6.26 0.59
C VAL A 61 0.31 -6.05 1.58
N LYS A 62 0.14 -7.00 2.49
CA LYS A 62 -0.92 -6.92 3.50
C LYS A 62 -0.95 -5.53 4.13
N THR A 63 0.14 -5.17 4.80
CA THR A 63 0.23 -3.86 5.45
C THR A 63 0.22 -2.74 4.43
N TRP A 64 1.23 -2.70 3.57
CA TRP A 64 1.32 -1.67 2.54
C TRP A 64 -0.06 -1.33 1.99
N TYR A 65 -0.85 -2.36 1.70
CA TYR A 65 -2.19 -2.17 1.15
C TYR A 65 -3.07 -1.40 2.13
N GLN A 66 -3.23 -1.94 3.33
CA GLN A 66 -4.04 -1.31 4.36
C GLN A 66 -3.66 0.16 4.53
N ASN A 67 -2.37 0.42 4.65
CA ASN A 67 -1.87 1.78 4.82
C ASN A 67 -2.25 2.65 3.62
N ARG A 68 -2.60 2.00 2.52
CA ARG A 68 -2.98 2.72 1.30
C ARG A 68 -4.50 2.92 1.25
N ARG A 69 -5.24 1.85 1.51
CA ARG A 69 -6.69 1.91 1.48
C ARG A 69 -7.21 3.05 2.37
N MET A 70 -6.61 3.17 3.55
CA MET A 70 -7.01 4.22 4.49
C MET A 70 -7.07 5.58 3.80
N LYS A 71 -5.98 5.95 3.12
CA LYS A 71 -5.91 7.22 2.42
C LYS A 71 -6.85 7.23 1.22
N TRP A 72 -7.03 6.06 0.61
CA TRP A 72 -7.91 5.93 -0.55
C TRP A 72 -9.36 6.16 -0.16
N LYS A 73 -9.73 5.72 1.04
CA LYS A 73 -11.09 5.88 1.53
C LYS A 73 -11.55 7.33 1.42
N LYS A 74 -10.68 8.25 1.83
CA LYS A 74 -11.00 9.67 1.77
C LYS A 74 -10.50 10.29 0.46
N SER A 75 -11.29 11.21 -0.09
CA SER A 75 -10.92 11.86 -1.34
C SER A 75 -9.94 13.00 -1.08
N GLY A 76 -10.31 13.90 -0.19
CA GLY A 76 -9.45 15.03 0.14
C GLY A 76 -9.82 16.28 -0.65
N PRO A 77 -10.80 17.03 -0.13
CA PRO A 77 -11.27 18.26 -0.78
C PRO A 77 -10.24 19.38 -0.70
N SER A 78 -9.34 19.28 0.28
CA SER A 78 -8.31 20.30 0.46
C SER A 78 -7.62 20.61 -0.85
N SER A 79 -7.24 19.57 -1.59
CA SER A 79 -6.57 19.74 -2.86
C SER A 79 -7.00 18.67 -3.86
N GLY A 80 -6.86 18.97 -5.15
CA GLY A 80 -7.25 18.02 -6.18
C GLY A 80 -6.22 17.92 -7.28
N GLY A 1 -28.24 26.03 36.65
CA GLY A 1 -28.51 26.53 35.32
C GLY A 1 -28.41 25.46 34.25
N SER A 2 -28.39 25.88 32.99
CA SER A 2 -28.30 24.95 31.88
C SER A 2 -27.66 25.61 30.66
N SER A 3 -26.79 24.88 29.99
CA SER A 3 -26.10 25.40 28.81
C SER A 3 -25.26 24.31 28.13
N GLY A 4 -24.87 24.56 26.89
CA GLY A 4 -24.07 23.60 26.16
C GLY A 4 -22.60 23.63 26.57
N SER A 5 -22.00 22.46 26.71
CA SER A 5 -20.60 22.35 27.10
C SER A 5 -19.71 22.13 25.88
N SER A 6 -18.66 22.94 25.78
CA SER A 6 -17.73 22.83 24.66
C SER A 6 -16.73 21.70 24.88
N GLY A 7 -16.48 20.92 23.84
CA GLY A 7 -15.54 19.81 23.95
C GLY A 7 -14.12 20.23 23.66
N GLY A 8 -13.22 19.26 23.61
CA GLY A 8 -11.81 19.55 23.34
C GLY A 8 -10.89 18.46 23.84
N GLU A 9 -9.93 18.09 23.01
CA GLU A 9 -8.97 17.04 23.37
C GLU A 9 -8.61 17.13 24.85
N PRO A 10 -8.26 15.97 25.44
CA PRO A 10 -7.89 15.89 26.86
C PRO A 10 -6.54 16.56 27.14
N GLY A 11 -5.72 16.68 26.11
CA GLY A 11 -4.41 17.30 26.26
C GLY A 11 -3.64 17.35 24.97
N THR A 12 -3.41 16.19 24.36
CA THR A 12 -2.68 16.11 23.10
C THR A 12 -3.19 14.97 22.24
N LYS A 13 -2.95 15.06 20.94
CA LYS A 13 -3.38 14.04 20.00
C LYS A 13 -2.51 12.78 20.11
N ALA A 14 -2.84 11.92 21.06
CA ALA A 14 -2.09 10.69 21.26
C ALA A 14 -2.35 9.69 20.14
N LYS A 15 -1.29 9.06 19.66
CA LYS A 15 -1.40 8.09 18.58
C LYS A 15 -0.10 7.31 18.41
N LYS A 16 -0.22 6.00 18.24
CA LYS A 16 0.95 5.14 18.06
C LYS A 16 1.18 4.83 16.58
N GLY A 17 2.44 4.76 16.19
CA GLY A 17 2.76 4.47 14.81
C GLY A 17 3.82 3.38 14.68
N ARG A 18 3.79 2.66 13.56
CA ARG A 18 4.74 1.59 13.32
C ARG A 18 5.87 2.05 12.40
N ARG A 19 7.09 1.69 12.75
CA ARG A 19 8.26 2.08 11.96
C ARG A 19 8.47 1.10 10.81
N SER A 20 8.85 1.64 9.65
CA SER A 20 9.09 0.81 8.47
C SER A 20 10.49 0.20 8.51
N ARG A 21 10.66 -0.90 7.78
CA ARG A 21 11.94 -1.59 7.74
C ARG A 21 12.81 -1.04 6.59
N THR A 22 12.23 -1.03 5.39
CA THR A 22 12.94 -0.53 4.21
C THR A 22 11.98 0.08 3.21
N VAL A 23 12.23 1.33 2.84
CA VAL A 23 11.39 2.03 1.87
C VAL A 23 11.30 1.26 0.56
N PHE A 24 10.12 1.25 -0.04
CA PHE A 24 9.91 0.56 -1.31
C PHE A 24 10.50 1.36 -2.47
N THR A 25 11.25 0.67 -3.33
CA THR A 25 11.88 1.31 -4.47
C THR A 25 10.87 1.52 -5.60
N GLU A 26 11.22 2.39 -6.54
CA GLU A 26 10.34 2.69 -7.67
C GLU A 26 9.78 1.39 -8.28
N LEU A 27 10.65 0.40 -8.45
CA LEU A 27 10.24 -0.88 -9.01
C LEU A 27 9.20 -1.56 -8.13
N GLN A 28 9.59 -1.91 -6.92
CA GLN A 28 8.68 -2.56 -5.97
C GLN A 28 7.35 -1.83 -5.91
N LEU A 29 7.42 -0.51 -5.77
CA LEU A 29 6.21 0.31 -5.69
C LEU A 29 5.40 0.22 -6.99
N MET A 30 6.09 0.37 -8.11
CA MET A 30 5.45 0.29 -9.42
C MET A 30 4.50 -0.91 -9.50
N GLY A 31 4.95 -2.03 -8.96
CA GLY A 31 4.14 -3.24 -8.98
C GLY A 31 3.08 -3.25 -7.90
N LEU A 32 3.45 -2.76 -6.71
CA LEU A 32 2.53 -2.71 -5.58
C LEU A 32 1.31 -1.86 -5.91
N GLU A 33 1.54 -0.74 -6.58
CA GLU A 33 0.46 0.16 -6.96
C GLU A 33 -0.44 -0.48 -8.02
N LYS A 34 0.17 -1.16 -8.97
CA LYS A 34 -0.57 -1.82 -10.04
C LYS A 34 -1.47 -2.91 -9.48
N ARG A 35 -0.87 -3.88 -8.81
CA ARG A 35 -1.62 -4.98 -8.22
C ARG A 35 -2.69 -4.45 -7.27
N PHE A 36 -2.31 -3.52 -6.41
CA PHE A 36 -3.24 -2.94 -5.45
C PHE A 36 -4.39 -2.23 -6.16
N GLU A 37 -4.05 -1.40 -7.14
CA GLU A 37 -5.05 -0.67 -7.91
C GLU A 37 -6.01 -1.62 -8.60
N LYS A 38 -5.47 -2.55 -9.39
CA LYS A 38 -6.28 -3.52 -10.11
C LYS A 38 -7.17 -4.29 -9.15
N GLN A 39 -6.57 -4.87 -8.12
CA GLN A 39 -7.31 -5.64 -7.13
C GLN A 39 -7.11 -5.07 -5.73
N LYS A 40 -8.06 -4.23 -5.30
CA LYS A 40 -7.99 -3.61 -3.99
C LYS A 40 -7.37 -4.56 -2.97
N TYR A 41 -7.74 -5.84 -3.05
CA TYR A 41 -7.22 -6.85 -2.14
C TYR A 41 -6.92 -8.14 -2.88
N LEU A 42 -5.69 -8.62 -2.76
CA LEU A 42 -5.26 -9.85 -3.40
C LEU A 42 -5.66 -11.07 -2.58
N SER A 43 -5.95 -12.17 -3.27
CA SER A 43 -6.35 -13.40 -2.60
C SER A 43 -5.15 -14.05 -1.89
N THR A 44 -5.39 -15.22 -1.31
CA THR A 44 -4.34 -15.94 -0.60
C THR A 44 -3.15 -16.21 -1.49
N PRO A 45 -3.39 -16.92 -2.60
CA PRO A 45 -2.33 -17.26 -3.56
C PRO A 45 -1.85 -16.05 -4.34
N ASP A 46 -2.79 -15.26 -4.85
CA ASP A 46 -2.46 -14.07 -5.61
C ASP A 46 -1.40 -13.23 -4.90
N ARG A 47 -1.70 -12.84 -3.66
CA ARG A 47 -0.78 -12.04 -2.86
C ARG A 47 0.61 -12.66 -2.86
N ILE A 48 0.67 -13.97 -2.64
CA ILE A 48 1.95 -14.68 -2.60
C ILE A 48 2.66 -14.57 -3.95
N ASP A 49 2.04 -15.09 -5.00
CA ASP A 49 2.61 -15.05 -6.33
C ASP A 49 3.34 -13.73 -6.57
N LEU A 50 2.65 -12.63 -6.26
CA LEU A 50 3.23 -11.30 -6.43
C LEU A 50 4.49 -11.13 -5.59
N ALA A 51 4.33 -11.16 -4.28
CA ALA A 51 5.45 -11.01 -3.36
C ALA A 51 6.70 -11.69 -3.91
N GLU A 52 6.49 -12.82 -4.59
CA GLU A 52 7.60 -13.58 -5.17
C GLU A 52 8.12 -12.91 -6.45
N SER A 53 7.18 -12.46 -7.28
CA SER A 53 7.53 -11.81 -8.54
C SER A 53 8.38 -10.57 -8.29
N LEU A 54 7.97 -9.77 -7.31
CA LEU A 54 8.69 -8.55 -6.97
C LEU A 54 9.80 -8.83 -5.95
N GLY A 55 9.61 -9.89 -5.17
CA GLY A 55 10.60 -10.25 -4.17
C GLY A 55 10.14 -9.93 -2.76
N LEU A 56 9.00 -9.27 -2.64
CA LEU A 56 8.45 -8.90 -1.35
C LEU A 56 7.80 -10.10 -0.66
N SER A 57 7.37 -9.90 0.58
CA SER A 57 6.73 -10.96 1.34
C SER A 57 5.23 -10.73 1.47
N GLN A 58 4.49 -11.80 1.69
CA GLN A 58 3.03 -11.71 1.83
C GLN A 58 2.66 -10.58 2.80
N LEU A 59 3.52 -10.33 3.77
CA LEU A 59 3.28 -9.27 4.75
C LEU A 59 3.22 -7.91 4.08
N GLN A 60 4.33 -7.51 3.47
CA GLN A 60 4.40 -6.22 2.79
C GLN A 60 3.06 -5.86 2.16
N VAL A 61 2.58 -6.70 1.26
CA VAL A 61 1.31 -6.47 0.58
C VAL A 61 0.20 -6.22 1.59
N LYS A 62 0.01 -7.15 2.52
CA LYS A 62 -1.02 -7.03 3.54
C LYS A 62 -1.00 -5.64 4.16
N THR A 63 0.10 -5.32 4.86
CA THR A 63 0.24 -4.03 5.50
C THR A 63 0.19 -2.89 4.48
N TRP A 64 1.16 -2.85 3.58
CA TRP A 64 1.21 -1.82 2.56
C TRP A 64 -0.18 -1.49 2.05
N TYR A 65 -0.97 -2.52 1.78
CA TYR A 65 -2.32 -2.34 1.28
C TYR A 65 -3.19 -1.60 2.30
N GLN A 66 -3.36 -2.20 3.47
CA GLN A 66 -4.16 -1.59 4.52
C GLN A 66 -3.83 -0.10 4.66
N ASN A 67 -2.55 0.20 4.82
CA ASN A 67 -2.10 1.57 4.97
C ASN A 67 -2.52 2.42 3.77
N ARG A 68 -2.20 1.94 2.58
CA ARG A 68 -2.54 2.66 1.36
C ARG A 68 -4.01 3.08 1.36
N ARG A 69 -4.90 2.13 1.68
CA ARG A 69 -6.33 2.40 1.73
C ARG A 69 -6.60 3.74 2.41
N MET A 70 -6.10 3.89 3.62
CA MET A 70 -6.29 5.11 4.38
C MET A 70 -6.28 6.34 3.46
N LYS A 71 -5.46 6.26 2.41
CA LYS A 71 -5.35 7.35 1.46
C LYS A 71 -6.42 7.25 0.38
N TRP A 72 -6.59 6.04 -0.16
CA TRP A 72 -7.59 5.81 -1.20
C TRP A 72 -8.99 6.14 -0.70
N LYS A 73 -9.36 5.57 0.43
CA LYS A 73 -10.68 5.81 1.01
C LYS A 73 -11.03 7.29 0.96
N LYS A 74 -12.32 7.59 0.74
CA LYS A 74 -12.77 8.97 0.67
C LYS A 74 -13.91 9.21 1.66
N SER A 75 -14.97 8.42 1.54
CA SER A 75 -16.12 8.54 2.43
C SER A 75 -15.92 7.75 3.71
N GLY A 76 -16.65 8.12 4.76
CA GLY A 76 -16.53 7.42 6.03
C GLY A 76 -15.18 7.63 6.68
N PRO A 77 -15.05 8.75 7.42
CA PRO A 77 -13.80 9.09 8.11
C PRO A 77 -13.51 8.16 9.28
N SER A 78 -14.56 7.83 10.04
CA SER A 78 -14.42 6.95 11.19
C SER A 78 -13.73 5.64 10.80
N SER A 79 -14.15 5.08 9.67
CA SER A 79 -13.57 3.82 9.19
C SER A 79 -13.56 3.79 7.66
N GLY A 80 -12.51 3.18 7.11
CA GLY A 80 -12.40 3.08 5.66
C GLY A 80 -13.29 2.01 5.07
N GLY A 1 -26.89 -21.45 -0.38
CA GLY A 1 -27.01 -20.38 0.59
C GLY A 1 -25.78 -19.50 0.65
N SER A 2 -25.75 -18.58 1.61
CA SER A 2 -24.63 -17.68 1.78
C SER A 2 -24.63 -17.03 3.16
N SER A 3 -23.47 -16.61 3.62
CA SER A 3 -23.34 -15.97 4.93
C SER A 3 -21.98 -15.30 5.07
N GLY A 4 -21.83 -14.51 6.14
CA GLY A 4 -20.59 -13.81 6.38
C GLY A 4 -20.14 -13.89 7.82
N SER A 5 -20.60 -12.95 8.64
CA SER A 5 -20.24 -12.92 10.05
C SER A 5 -18.79 -13.34 10.25
N SER A 6 -17.89 -12.69 9.52
CA SER A 6 -16.46 -12.98 9.61
C SER A 6 -15.87 -12.40 10.87
N GLY A 7 -14.56 -12.58 11.05
CA GLY A 7 -13.89 -12.06 12.23
C GLY A 7 -12.44 -11.69 11.96
N GLY A 8 -11.89 -10.82 12.79
CA GLY A 8 -10.50 -10.40 12.61
C GLY A 8 -10.35 -8.89 12.69
N GLU A 9 -10.32 -8.36 13.91
CA GLU A 9 -10.17 -6.93 14.11
C GLU A 9 -8.78 -6.60 14.65
N PRO A 10 -7.80 -6.51 13.74
CA PRO A 10 -6.41 -6.21 14.09
C PRO A 10 -6.24 -4.77 14.54
N GLY A 11 -4.99 -4.35 14.75
CA GLY A 11 -4.71 -3.00 15.18
C GLY A 11 -3.70 -2.94 16.30
N THR A 12 -2.50 -3.48 16.06
CA THR A 12 -1.44 -3.49 17.06
C THR A 12 -0.10 -3.12 16.45
N LYS A 13 0.90 -2.93 17.30
CA LYS A 13 2.24 -2.58 16.85
C LYS A 13 2.27 -1.17 16.29
N ALA A 14 1.56 -0.26 16.96
CA ALA A 14 1.52 1.14 16.54
C ALA A 14 2.71 1.91 17.07
N LYS A 15 3.69 2.16 16.20
CA LYS A 15 4.89 2.89 16.57
C LYS A 15 5.21 3.99 15.55
N LYS A 16 5.83 5.06 16.02
CA LYS A 16 6.18 6.17 15.15
C LYS A 16 7.70 6.29 15.02
N GLY A 17 8.39 6.44 16.15
CA GLY A 17 9.84 6.55 16.13
C GLY A 17 10.34 7.29 14.90
N ARG A 18 11.03 6.57 14.03
CA ARG A 18 11.57 7.16 12.81
C ARG A 18 10.82 6.66 11.58
N ARG A 19 10.72 7.52 10.56
CA ARG A 19 10.02 7.15 9.33
C ARG A 19 10.94 6.38 8.39
N SER A 20 11.75 5.50 8.97
CA SER A 20 12.68 4.70 8.19
C SER A 20 12.32 3.22 8.25
N ARG A 21 11.03 2.93 8.09
CA ARG A 21 10.54 1.56 8.12
C ARG A 21 10.44 0.97 6.72
N THR A 22 9.67 1.65 5.87
CA THR A 22 9.47 1.19 4.49
C THR A 22 10.79 1.24 3.72
N VAL A 23 11.16 0.11 3.12
CA VAL A 23 12.39 0.02 2.35
C VAL A 23 12.11 -0.46 0.93
N PHE A 24 10.98 -0.04 0.38
CA PHE A 24 10.59 -0.43 -0.97
C PHE A 24 11.38 0.36 -2.01
N THR A 25 11.59 -0.25 -3.18
CA THR A 25 12.34 0.40 -4.25
C THR A 25 11.39 0.91 -5.34
N GLU A 26 11.78 2.01 -5.98
CA GLU A 26 10.98 2.60 -7.04
C GLU A 26 10.29 1.51 -7.87
N LEU A 27 11.02 0.44 -8.16
CA LEU A 27 10.47 -0.66 -8.94
C LEU A 27 9.38 -1.39 -8.17
N GLN A 28 9.73 -1.90 -6.98
CA GLN A 28 8.77 -2.62 -6.15
C GLN A 28 7.49 -1.80 -5.97
N LEU A 29 7.64 -0.52 -5.70
CA LEU A 29 6.50 0.37 -5.51
C LEU A 29 5.65 0.44 -6.77
N MET A 30 6.31 0.64 -7.91
CA MET A 30 5.62 0.73 -9.19
C MET A 30 4.71 -0.48 -9.40
N GLY A 31 5.21 -1.66 -9.06
CA GLY A 31 4.44 -2.87 -9.22
C GLY A 31 3.28 -2.95 -8.24
N LEU A 32 3.58 -2.84 -6.95
CA LEU A 32 2.55 -2.90 -5.92
C LEU A 32 1.34 -2.05 -6.30
N GLU A 33 1.60 -0.83 -6.74
CA GLU A 33 0.53 0.08 -7.14
C GLU A 33 -0.30 -0.53 -8.26
N LYS A 34 0.37 -1.16 -9.22
CA LYS A 34 -0.31 -1.77 -10.35
C LYS A 34 -1.37 -2.77 -9.88
N ARG A 35 -0.95 -3.69 -9.02
CA ARG A 35 -1.87 -4.70 -8.48
C ARG A 35 -2.92 -4.06 -7.57
N PHE A 36 -2.47 -3.49 -6.47
CA PHE A 36 -3.36 -2.85 -5.51
C PHE A 36 -4.49 -2.11 -6.25
N GLU A 37 -4.12 -1.39 -7.30
CA GLU A 37 -5.09 -0.63 -8.08
C GLU A 37 -6.10 -1.57 -8.74
N LYS A 38 -5.60 -2.60 -9.41
CA LYS A 38 -6.45 -3.56 -10.08
C LYS A 38 -7.37 -4.27 -9.08
N GLN A 39 -6.78 -4.78 -8.01
CA GLN A 39 -7.55 -5.48 -6.97
C GLN A 39 -7.28 -4.88 -5.60
N LYS A 40 -8.19 -4.01 -5.15
CA LYS A 40 -8.05 -3.37 -3.85
C LYS A 40 -7.44 -4.33 -2.84
N TYR A 41 -7.72 -5.62 -3.00
CA TYR A 41 -7.21 -6.63 -2.09
C TYR A 41 -6.61 -7.80 -2.87
N LEU A 42 -6.13 -8.81 -2.14
CA LEU A 42 -5.53 -9.99 -2.76
C LEU A 42 -5.84 -11.24 -1.96
N SER A 43 -6.08 -12.34 -2.66
CA SER A 43 -6.39 -13.62 -2.00
C SER A 43 -5.16 -14.17 -1.29
N THR A 44 -5.31 -15.37 -0.72
CA THR A 44 -4.21 -16.00 0.00
C THR A 44 -3.04 -16.29 -0.92
N PRO A 45 -3.29 -17.07 -1.98
CA PRO A 45 -2.25 -17.44 -2.95
C PRO A 45 -1.83 -16.25 -3.82
N ASP A 46 -2.82 -15.50 -4.28
CA ASP A 46 -2.54 -14.33 -5.13
C ASP A 46 -1.41 -13.50 -4.54
N ARG A 47 -1.60 -13.00 -3.33
CA ARG A 47 -0.60 -12.19 -2.66
C ARG A 47 0.78 -12.82 -2.78
N ILE A 48 0.83 -14.13 -2.61
CA ILE A 48 2.10 -14.87 -2.69
C ILE A 48 2.70 -14.75 -4.09
N ASP A 49 1.94 -15.18 -5.09
CA ASP A 49 2.39 -15.13 -6.48
C ASP A 49 3.06 -13.78 -6.77
N LEU A 50 2.39 -12.70 -6.39
CA LEU A 50 2.91 -11.37 -6.63
C LEU A 50 4.20 -11.14 -5.85
N ALA A 51 4.12 -11.24 -4.53
CA ALA A 51 5.28 -11.05 -3.67
C ALA A 51 6.50 -11.77 -4.24
N GLU A 52 6.26 -12.85 -4.96
CA GLU A 52 7.35 -13.63 -5.56
C GLU A 52 7.87 -12.94 -6.82
N SER A 53 6.95 -12.32 -7.56
CA SER A 53 7.32 -11.64 -8.80
C SER A 53 8.17 -10.40 -8.51
N LEU A 54 7.78 -9.65 -7.48
CA LEU A 54 8.50 -8.44 -7.10
C LEU A 54 9.61 -8.77 -6.10
N GLY A 55 9.43 -9.85 -5.35
CA GLY A 55 10.42 -10.25 -4.37
C GLY A 55 10.17 -9.63 -3.02
N LEU A 56 8.90 -9.41 -2.69
CA LEU A 56 8.54 -8.81 -1.41
C LEU A 56 8.00 -9.87 -0.46
N SER A 57 7.70 -9.46 0.78
CA SER A 57 7.17 -10.36 1.79
C SER A 57 5.66 -10.24 1.90
N GLN A 58 4.98 -11.38 2.00
CA GLN A 58 3.53 -11.39 2.11
C GLN A 58 3.04 -10.24 2.99
N LEU A 59 3.74 -10.01 4.10
CA LEU A 59 3.38 -8.94 5.02
C LEU A 59 3.35 -7.59 4.30
N GLN A 60 4.35 -7.35 3.47
CA GLN A 60 4.45 -6.10 2.73
C GLN A 60 3.10 -5.73 2.12
N VAL A 61 2.57 -6.61 1.28
CA VAL A 61 1.28 -6.39 0.63
C VAL A 61 0.20 -6.10 1.66
N LYS A 62 0.04 -7.01 2.62
CA LYS A 62 -0.97 -6.86 3.66
C LYS A 62 -0.95 -5.45 4.23
N THR A 63 0.15 -5.10 4.90
CA THR A 63 0.30 -3.78 5.50
C THR A 63 0.30 -2.69 4.43
N TRP A 64 1.28 -2.75 3.54
CA TRP A 64 1.40 -1.76 2.47
C TRP A 64 0.02 -1.38 1.94
N TYR A 65 -0.81 -2.38 1.67
CA TYR A 65 -2.15 -2.14 1.16
C TYR A 65 -2.97 -1.29 2.12
N GLN A 66 -3.06 -1.75 3.36
CA GLN A 66 -3.82 -1.03 4.39
C GLN A 66 -3.44 0.45 4.39
N ASN A 67 -2.14 0.73 4.47
CA ASN A 67 -1.67 2.10 4.48
C ASN A 67 -2.14 2.87 3.26
N ARG A 68 -2.52 2.13 2.22
CA ARG A 68 -3.00 2.73 0.99
C ARG A 68 -4.52 2.89 1.01
N ARG A 69 -5.20 1.87 1.51
CA ARG A 69 -6.66 1.89 1.59
C ARG A 69 -7.14 3.02 2.49
N MET A 70 -6.35 3.33 3.52
CA MET A 70 -6.69 4.40 4.46
C MET A 70 -6.83 5.73 3.74
N LYS A 71 -5.87 6.02 2.86
CA LYS A 71 -5.88 7.27 2.11
C LYS A 71 -6.87 7.20 0.95
N TRP A 72 -7.10 5.98 0.45
CA TRP A 72 -8.02 5.78 -0.67
C TRP A 72 -9.47 5.97 -0.21
N LYS A 73 -9.79 5.44 0.96
CA LYS A 73 -11.14 5.55 1.51
C LYS A 73 -11.54 7.01 1.65
N LYS A 74 -10.61 7.83 2.12
CA LYS A 74 -10.87 9.25 2.32
C LYS A 74 -10.28 10.07 1.17
N SER A 75 -11.08 10.30 0.14
CA SER A 75 -10.64 11.06 -1.03
C SER A 75 -10.83 12.55 -0.79
N GLY A 76 -9.83 13.19 -0.18
CA GLY A 76 -9.91 14.61 0.09
C GLY A 76 -9.98 15.44 -1.17
N PRO A 77 -10.54 16.65 -1.06
CA PRO A 77 -10.68 17.56 -2.20
C PRO A 77 -9.33 18.12 -2.66
N SER A 78 -8.38 18.20 -1.74
CA SER A 78 -7.06 18.71 -2.06
C SER A 78 -6.16 17.61 -2.61
N SER A 79 -5.32 17.96 -3.58
CA SER A 79 -4.42 16.99 -4.20
C SER A 79 -2.96 17.36 -3.91
N GLY A 80 -2.12 16.33 -3.79
CA GLY A 80 -0.71 16.56 -3.51
C GLY A 80 -0.46 16.87 -2.05
N GLY A 1 -42.91 -26.08 10.12
CA GLY A 1 -41.69 -26.55 10.75
C GLY A 1 -40.45 -26.17 9.97
N SER A 2 -39.34 -25.98 10.68
CA SER A 2 -38.08 -25.61 10.04
C SER A 2 -36.94 -25.64 11.04
N SER A 3 -35.72 -25.39 10.57
CA SER A 3 -34.55 -25.39 11.41
C SER A 3 -33.38 -24.69 10.73
N GLY A 4 -32.29 -24.51 11.47
CA GLY A 4 -31.12 -23.85 10.91
C GLY A 4 -29.84 -24.27 11.61
N SER A 5 -28.72 -23.65 11.23
CA SER A 5 -27.43 -23.97 11.81
C SER A 5 -26.43 -22.84 11.57
N SER A 6 -25.37 -22.82 12.36
CA SER A 6 -24.34 -21.80 12.23
C SER A 6 -22.95 -22.42 12.13
N GLY A 7 -21.95 -21.59 11.85
CA GLY A 7 -20.59 -22.08 11.73
C GLY A 7 -19.56 -21.05 12.16
N GLY A 8 -18.33 -21.22 11.68
CA GLY A 8 -17.27 -20.29 12.03
C GLY A 8 -16.27 -20.10 10.91
N GLU A 9 -15.17 -19.41 11.21
CA GLU A 9 -14.14 -19.16 10.22
C GLU A 9 -12.81 -18.80 10.89
N PRO A 10 -11.71 -18.96 10.14
CA PRO A 10 -10.36 -18.66 10.65
C PRO A 10 -10.14 -17.17 10.83
N GLY A 11 -8.91 -16.80 11.18
CA GLY A 11 -8.58 -15.40 11.39
C GLY A 11 -7.16 -15.07 10.99
N THR A 12 -6.61 -14.00 11.57
CA THR A 12 -5.25 -13.59 11.26
C THR A 12 -4.44 -13.36 12.54
N LYS A 13 -3.14 -13.59 12.45
CA LYS A 13 -2.25 -13.40 13.59
C LYS A 13 -0.90 -12.84 13.16
N ALA A 14 -0.57 -11.65 13.67
CA ALA A 14 0.69 -11.01 13.34
C ALA A 14 1.21 -10.18 14.51
N LYS A 15 2.52 -10.21 14.71
CA LYS A 15 3.15 -9.47 15.80
C LYS A 15 3.00 -7.97 15.59
N LYS A 16 3.28 -7.20 16.64
CA LYS A 16 3.18 -5.75 16.56
C LYS A 16 3.82 -5.22 15.28
N GLY A 17 3.10 -4.37 14.57
CA GLY A 17 3.61 -3.81 13.33
C GLY A 17 2.82 -2.60 12.87
N ARG A 18 3.12 -1.44 13.45
CA ARG A 18 2.43 -0.21 13.09
C ARG A 18 3.42 0.89 12.72
N ARG A 19 4.70 0.52 12.65
CA ARG A 19 5.75 1.46 12.30
C ARG A 19 6.41 1.08 10.98
N SER A 20 6.96 2.07 10.29
CA SER A 20 7.62 1.84 9.00
C SER A 20 9.08 1.46 9.21
N ARG A 21 9.50 0.38 8.55
CA ARG A 21 10.88 -0.09 8.65
C ARG A 21 11.53 -0.19 7.28
N THR A 22 10.99 -1.05 6.43
CA THR A 22 11.51 -1.23 5.08
C THR A 22 10.77 -0.37 4.08
N VAL A 23 11.51 0.48 3.38
CA VAL A 23 10.94 1.37 2.37
C VAL A 23 10.86 0.69 1.01
N PHE A 24 9.80 0.97 0.28
CA PHE A 24 9.61 0.39 -1.05
C PHE A 24 10.29 1.24 -2.11
N THR A 25 10.91 0.57 -3.09
CA THR A 25 11.60 1.26 -4.17
C THR A 25 10.66 1.54 -5.34
N GLU A 26 11.12 2.37 -6.28
CA GLU A 26 10.31 2.71 -7.44
C GLU A 26 9.84 1.46 -8.17
N LEU A 27 10.69 0.44 -8.19
CA LEU A 27 10.36 -0.82 -8.86
C LEU A 27 9.27 -1.57 -8.09
N GLN A 28 9.58 -1.90 -6.84
CA GLN A 28 8.63 -2.62 -5.99
C GLN A 28 7.29 -1.90 -5.94
N LEU A 29 7.32 -0.59 -5.74
CA LEU A 29 6.11 0.22 -5.66
C LEU A 29 5.33 0.13 -6.97
N MET A 30 6.03 0.33 -8.09
CA MET A 30 5.40 0.29 -9.40
C MET A 30 4.49 -0.94 -9.52
N GLY A 31 4.97 -2.08 -9.02
CA GLY A 31 4.18 -3.29 -9.09
C GLY A 31 3.10 -3.34 -8.03
N LEU A 32 3.48 -3.07 -6.78
CA LEU A 32 2.53 -3.08 -5.68
C LEU A 32 1.33 -2.18 -5.97
N GLU A 33 1.59 -1.10 -6.70
CA GLU A 33 0.52 -0.16 -7.05
C GLU A 33 -0.35 -0.71 -8.17
N LYS A 34 0.28 -1.41 -9.11
CA LYS A 34 -0.44 -2.00 -10.24
C LYS A 34 -1.39 -3.09 -9.77
N ARG A 35 -0.95 -3.85 -8.77
CA ARG A 35 -1.77 -4.94 -8.22
C ARG A 35 -2.87 -4.38 -7.32
N PHE A 36 -2.49 -3.51 -6.40
CA PHE A 36 -3.44 -2.91 -5.47
C PHE A 36 -4.53 -2.14 -6.22
N GLU A 37 -4.13 -1.40 -7.25
CA GLU A 37 -5.07 -0.62 -8.04
C GLU A 37 -6.01 -1.55 -8.81
N LYS A 38 -5.51 -2.71 -9.20
CA LYS A 38 -6.31 -3.68 -9.94
C LYS A 38 -7.29 -4.39 -9.02
N GLN A 39 -6.77 -5.00 -7.96
CA GLN A 39 -7.60 -5.71 -7.00
C GLN A 39 -7.39 -5.19 -5.58
N LYS A 40 -8.39 -4.48 -5.06
CA LYS A 40 -8.31 -3.92 -3.72
C LYS A 40 -7.56 -4.86 -2.78
N TYR A 41 -7.84 -6.15 -2.91
CA TYR A 41 -7.20 -7.15 -2.07
C TYR A 41 -6.71 -8.34 -2.90
N LEU A 42 -5.56 -8.89 -2.53
CA LEU A 42 -4.99 -10.03 -3.24
C LEU A 42 -5.33 -11.33 -2.53
N SER A 43 -5.92 -12.26 -3.27
CA SER A 43 -6.30 -13.56 -2.71
C SER A 43 -5.10 -14.23 -2.03
N THR A 44 -5.38 -15.20 -1.17
CA THR A 44 -4.34 -15.92 -0.46
C THR A 44 -3.14 -16.19 -1.37
N PRO A 45 -3.39 -16.91 -2.48
CA PRO A 45 -2.35 -17.25 -3.44
C PRO A 45 -1.86 -16.03 -4.23
N ASP A 46 -2.80 -15.20 -4.68
CA ASP A 46 -2.47 -14.00 -5.44
C ASP A 46 -1.35 -13.22 -4.76
N ARG A 47 -1.60 -12.78 -3.53
CA ARG A 47 -0.61 -12.02 -2.77
C ARG A 47 0.75 -12.69 -2.82
N ILE A 48 0.75 -14.02 -2.77
CA ILE A 48 2.00 -14.78 -2.82
C ILE A 48 2.68 -14.64 -4.18
N ASP A 49 1.96 -15.02 -5.24
CA ASP A 49 2.49 -14.92 -6.59
C ASP A 49 3.21 -13.60 -6.81
N LEU A 50 2.61 -12.53 -6.30
CA LEU A 50 3.20 -11.20 -6.44
C LEU A 50 4.48 -11.08 -5.63
N ALA A 51 4.37 -11.20 -4.32
CA ALA A 51 5.52 -11.11 -3.44
C ALA A 51 6.72 -11.82 -4.03
N GLU A 52 6.46 -12.84 -4.86
CA GLU A 52 7.53 -13.60 -5.50
C GLU A 52 8.09 -12.85 -6.70
N SER A 53 7.20 -12.23 -7.46
CA SER A 53 7.61 -11.48 -8.65
C SER A 53 8.61 -10.38 -8.28
N LEU A 54 8.26 -9.60 -7.27
CA LEU A 54 9.13 -8.51 -6.82
C LEU A 54 10.11 -9.00 -5.76
N GLY A 55 9.72 -10.03 -5.02
CA GLY A 55 10.58 -10.58 -3.99
C GLY A 55 10.30 -9.99 -2.63
N LEU A 56 9.06 -9.58 -2.40
CA LEU A 56 8.66 -9.00 -1.12
C LEU A 56 8.09 -10.06 -0.20
N SER A 57 7.67 -9.63 1.00
CA SER A 57 7.10 -10.55 1.98
C SER A 57 5.58 -10.42 2.04
N GLN A 58 4.90 -11.55 2.09
CA GLN A 58 3.45 -11.56 2.14
C GLN A 58 2.93 -10.43 3.03
N LEU A 59 3.72 -10.05 4.02
CA LEU A 59 3.35 -8.99 4.95
C LEU A 59 3.30 -7.65 4.22
N GLN A 60 4.38 -7.32 3.51
CA GLN A 60 4.46 -6.07 2.78
C GLN A 60 3.12 -5.73 2.13
N VAL A 61 2.66 -6.59 1.23
CA VAL A 61 1.39 -6.38 0.54
C VAL A 61 0.25 -6.20 1.53
N LYS A 62 0.13 -7.15 2.47
CA LYS A 62 -0.91 -7.09 3.48
C LYS A 62 -0.95 -5.73 4.16
N THR A 63 0.13 -5.38 4.86
CA THR A 63 0.22 -4.11 5.55
C THR A 63 0.14 -2.95 4.57
N TRP A 64 1.10 -2.89 3.65
CA TRP A 64 1.15 -1.83 2.65
C TRP A 64 -0.25 -1.47 2.17
N TYR A 65 -1.04 -2.50 1.85
CA TYR A 65 -2.40 -2.29 1.37
C TYR A 65 -3.21 -1.47 2.37
N GLN A 66 -3.51 -2.07 3.51
CA GLN A 66 -4.28 -1.39 4.55
C GLN A 66 -3.85 0.06 4.69
N ASN A 67 -2.54 0.29 4.74
CA ASN A 67 -1.99 1.63 4.86
C ASN A 67 -2.36 2.49 3.66
N ARG A 68 -2.41 1.86 2.49
CA ARG A 68 -2.74 2.55 1.26
C ARG A 68 -4.22 2.92 1.22
N ARG A 69 -5.04 2.05 1.80
CA ARG A 69 -6.49 2.28 1.84
C ARG A 69 -6.82 3.55 2.60
N MET A 70 -5.98 3.89 3.58
CA MET A 70 -6.19 5.07 4.39
C MET A 70 -6.20 6.33 3.52
N LYS A 71 -5.33 6.34 2.50
CA LYS A 71 -5.24 7.48 1.59
C LYS A 71 -6.23 7.34 0.45
N TRP A 72 -6.24 6.18 -0.19
CA TRP A 72 -7.15 5.91 -1.31
C TRP A 72 -8.57 6.30 -0.95
N LYS A 73 -8.98 5.99 0.28
CA LYS A 73 -10.33 6.31 0.75
C LYS A 73 -10.54 7.81 0.80
N LYS A 74 -11.73 8.24 0.37
CA LYS A 74 -12.06 9.66 0.36
C LYS A 74 -12.16 10.20 1.78
N SER A 75 -11.07 10.80 2.26
CA SER A 75 -11.04 11.37 3.60
C SER A 75 -10.05 12.52 3.69
N GLY A 76 -10.11 13.26 4.79
CA GLY A 76 -9.19 14.38 4.97
C GLY A 76 -9.85 15.70 4.65
N PRO A 77 -9.29 16.80 5.19
CA PRO A 77 -9.80 18.15 4.97
C PRO A 77 -9.58 18.62 3.53
N SER A 78 -8.55 18.10 2.88
CA SER A 78 -8.23 18.47 1.52
C SER A 78 -9.42 18.21 0.60
N SER A 79 -9.90 16.98 0.59
CA SER A 79 -11.03 16.60 -0.25
C SER A 79 -12.23 17.50 0.02
N GLY A 80 -12.77 18.10 -1.04
CA GLY A 80 -13.91 18.98 -0.89
C GLY A 80 -13.52 20.46 -0.93
N GLY A 1 -5.20 -39.23 -9.82
CA GLY A 1 -4.03 -39.83 -9.20
C GLY A 1 -3.40 -38.96 -8.13
N SER A 2 -4.16 -38.72 -7.06
CA SER A 2 -3.67 -37.89 -5.97
C SER A 2 -4.59 -38.00 -4.75
N SER A 3 -4.14 -37.46 -3.62
CA SER A 3 -4.91 -37.51 -2.39
C SER A 3 -4.40 -36.48 -1.38
N GLY A 4 -5.25 -36.12 -0.43
CA GLY A 4 -4.86 -35.15 0.59
C GLY A 4 -5.95 -34.91 1.61
N SER A 5 -5.90 -35.65 2.71
CA SER A 5 -6.89 -35.51 3.77
C SER A 5 -7.22 -34.06 4.02
N SER A 6 -6.18 -33.24 4.20
CA SER A 6 -6.36 -31.82 4.45
C SER A 6 -5.94 -30.99 3.24
N GLY A 7 -6.70 -29.95 2.95
CA GLY A 7 -6.40 -29.09 1.81
C GLY A 7 -6.83 -27.65 2.05
N GLY A 8 -5.97 -26.87 2.70
CA GLY A 8 -6.29 -25.48 2.97
C GLY A 8 -5.36 -24.87 4.01
N GLU A 9 -5.68 -23.66 4.44
CA GLU A 9 -4.87 -22.96 5.43
C GLU A 9 -5.73 -22.03 6.27
N PRO A 10 -5.33 -21.86 7.55
CA PRO A 10 -6.06 -20.99 8.49
C PRO A 10 -5.92 -19.52 8.14
N GLY A 11 -6.65 -18.67 8.86
CA GLY A 11 -6.59 -17.24 8.62
C GLY A 11 -6.64 -16.43 9.89
N THR A 12 -5.71 -16.70 10.80
CA THR A 12 -5.65 -15.99 12.08
C THR A 12 -4.53 -14.96 12.08
N LYS A 13 -4.89 -13.71 12.40
CA LYS A 13 -3.91 -12.63 12.44
C LYS A 13 -3.36 -12.44 13.85
N ALA A 14 -2.09 -12.77 14.02
CA ALA A 14 -1.43 -12.63 15.31
C ALA A 14 -0.28 -11.64 15.25
N LYS A 15 -0.54 -10.40 15.67
CA LYS A 15 0.47 -9.36 15.66
C LYS A 15 0.16 -8.29 16.71
N LYS A 16 1.20 -7.56 17.12
CA LYS A 16 1.03 -6.50 18.11
C LYS A 16 0.93 -5.13 17.44
N GLY A 17 1.99 -4.76 16.72
CA GLY A 17 2.00 -3.48 16.04
C GLY A 17 3.34 -3.18 15.38
N ARG A 18 3.57 -3.77 14.21
CA ARG A 18 4.81 -3.57 13.49
C ARG A 18 4.77 -2.27 12.68
N ARG A 19 5.94 -1.81 12.25
CA ARG A 19 6.04 -0.57 11.48
C ARG A 19 6.92 -0.78 10.25
N SER A 20 6.86 0.18 9.33
CA SER A 20 7.65 0.10 8.10
C SER A 20 9.00 0.78 8.28
N ARG A 21 10.07 -0.01 8.21
CA ARG A 21 11.41 0.51 8.37
C ARG A 21 12.05 0.80 7.01
N THR A 22 12.12 -0.23 6.18
CA THR A 22 12.71 -0.10 4.84
C THR A 22 11.70 0.47 3.86
N VAL A 23 12.17 1.35 2.98
CA VAL A 23 11.31 1.97 1.98
C VAL A 23 11.16 1.08 0.75
N PHE A 24 10.16 1.36 -0.07
CA PHE A 24 9.91 0.58 -1.28
C PHE A 24 10.64 1.19 -2.48
N THR A 25 11.29 0.34 -3.27
CA THR A 25 12.02 0.80 -4.44
C THR A 25 11.07 1.10 -5.59
N GLU A 26 11.43 2.11 -6.40
CA GLU A 26 10.61 2.49 -7.54
C GLU A 26 10.00 1.27 -8.21
N LEU A 27 10.81 0.23 -8.39
CA LEU A 27 10.35 -1.00 -9.03
C LEU A 27 9.27 -1.67 -8.19
N GLN A 28 9.57 -1.89 -6.91
CA GLN A 28 8.61 -2.53 -6.00
C GLN A 28 7.30 -1.77 -5.98
N LEU A 29 7.39 -0.45 -5.88
CA LEU A 29 6.21 0.41 -5.84
C LEU A 29 5.42 0.29 -7.13
N MET A 30 6.13 0.24 -8.26
CA MET A 30 5.48 0.13 -9.57
C MET A 30 4.60 -1.12 -9.63
N GLY A 31 5.06 -2.20 -9.02
CA GLY A 31 4.30 -3.44 -9.02
C GLY A 31 3.20 -3.44 -7.98
N LEU A 32 3.56 -3.11 -6.73
CA LEU A 32 2.60 -3.08 -5.65
C LEU A 32 1.40 -2.20 -6.00
N GLU A 33 1.68 -1.08 -6.68
CA GLU A 33 0.62 -0.17 -7.07
C GLU A 33 -0.21 -0.74 -8.22
N LYS A 34 0.45 -1.47 -9.11
CA LYS A 34 -0.23 -2.08 -10.24
C LYS A 34 -1.20 -3.17 -9.79
N ARG A 35 -0.82 -3.87 -8.72
CA ARG A 35 -1.65 -4.94 -8.18
C ARG A 35 -2.79 -4.37 -7.34
N PHE A 36 -2.45 -3.41 -6.49
CA PHE A 36 -3.44 -2.78 -5.61
C PHE A 36 -4.49 -2.02 -6.44
N GLU A 37 -4.03 -1.17 -7.34
CA GLU A 37 -4.91 -0.39 -8.19
C GLU A 37 -5.91 -1.30 -8.91
N LYS A 38 -5.40 -2.37 -9.50
CA LYS A 38 -6.24 -3.32 -10.22
C LYS A 38 -7.22 -4.01 -9.28
N GLN A 39 -6.70 -4.65 -8.24
CA GLN A 39 -7.53 -5.34 -7.28
C GLN A 39 -7.30 -4.79 -5.86
N LYS A 40 -8.30 -4.10 -5.33
CA LYS A 40 -8.20 -3.52 -3.99
C LYS A 40 -7.55 -4.51 -3.03
N TYR A 41 -7.93 -5.78 -3.12
CA TYR A 41 -7.38 -6.80 -2.26
C TYR A 41 -6.84 -7.98 -3.08
N LEU A 42 -5.93 -8.73 -2.48
CA LEU A 42 -5.33 -9.89 -3.15
C LEU A 42 -5.71 -11.19 -2.45
N SER A 43 -5.86 -12.25 -3.24
CA SER A 43 -6.23 -13.55 -2.69
C SER A 43 -5.06 -14.18 -1.93
N THR A 44 -5.37 -15.09 -1.02
CA THR A 44 -4.35 -15.77 -0.23
C THR A 44 -3.15 -16.13 -1.08
N PRO A 45 -3.38 -16.94 -2.11
CA PRO A 45 -2.31 -17.38 -3.02
C PRO A 45 -1.79 -16.25 -3.91
N ASP A 46 -2.71 -15.41 -4.37
CA ASP A 46 -2.33 -14.28 -5.22
C ASP A 46 -1.24 -13.44 -4.56
N ARG A 47 -1.57 -12.80 -3.44
CA ARG A 47 -0.61 -11.97 -2.73
C ARG A 47 0.78 -12.60 -2.76
N ILE A 48 0.83 -13.93 -2.68
CA ILE A 48 2.10 -14.64 -2.70
C ILE A 48 2.75 -14.56 -4.08
N ASP A 49 2.01 -14.96 -5.10
CA ASP A 49 2.52 -14.94 -6.48
C ASP A 49 3.24 -13.62 -6.76
N LEU A 50 2.62 -12.51 -6.37
CA LEU A 50 3.21 -11.20 -6.59
C LEU A 50 4.49 -11.03 -5.77
N ALA A 51 4.37 -11.19 -4.46
CA ALA A 51 5.53 -11.07 -3.57
C ALA A 51 6.73 -11.84 -4.11
N GLU A 52 6.45 -12.86 -4.92
CA GLU A 52 7.51 -13.67 -5.51
C GLU A 52 8.06 -13.03 -6.78
N SER A 53 7.20 -12.30 -7.47
CA SER A 53 7.59 -11.63 -8.71
C SER A 53 8.57 -10.50 -8.43
N LEU A 54 8.28 -9.70 -7.41
CA LEU A 54 9.13 -8.58 -7.04
C LEU A 54 10.11 -8.99 -5.95
N GLY A 55 9.73 -9.97 -5.14
CA GLY A 55 10.60 -10.43 -4.07
C GLY A 55 10.26 -9.80 -2.74
N LEU A 56 8.99 -9.46 -2.54
CA LEU A 56 8.54 -8.84 -1.30
C LEU A 56 7.96 -9.89 -0.35
N SER A 57 7.70 -9.47 0.89
CA SER A 57 7.15 -10.37 1.90
C SER A 57 5.64 -10.20 2.00
N GLN A 58 4.92 -11.32 1.98
CA GLN A 58 3.46 -11.30 2.07
C GLN A 58 2.99 -10.16 2.97
N LEU A 59 3.78 -9.84 3.99
CA LEU A 59 3.45 -8.77 4.92
C LEU A 59 3.35 -7.43 4.19
N GLN A 60 4.40 -7.10 3.44
CA GLN A 60 4.44 -5.85 2.70
C GLN A 60 3.08 -5.55 2.07
N VAL A 61 2.62 -6.46 1.20
CA VAL A 61 1.34 -6.30 0.54
C VAL A 61 0.21 -6.13 1.54
N LYS A 62 0.07 -7.10 2.44
CA LYS A 62 -0.97 -7.07 3.45
C LYS A 62 -1.03 -5.70 4.12
N THR A 63 0.05 -5.31 4.78
CA THR A 63 0.12 -4.03 5.45
C THR A 63 0.04 -2.88 4.46
N TRP A 64 1.03 -2.79 3.58
CA TRP A 64 1.06 -1.74 2.56
C TRP A 64 -0.34 -1.43 2.04
N TYR A 65 -1.07 -2.48 1.69
CA TYR A 65 -2.43 -2.33 1.18
C TYR A 65 -3.31 -1.60 2.18
N GLN A 66 -3.49 -2.20 3.36
CA GLN A 66 -4.32 -1.61 4.40
C GLN A 66 -4.00 -0.13 4.57
N ASN A 67 -2.73 0.18 4.82
CA ASN A 67 -2.31 1.56 5.00
C ASN A 67 -2.77 2.43 3.83
N ARG A 68 -2.61 1.92 2.62
CA ARG A 68 -3.01 2.66 1.42
C ARG A 68 -4.50 2.98 1.46
N ARG A 69 -5.31 1.98 1.80
CA ARG A 69 -6.75 2.16 1.87
C ARG A 69 -7.11 3.42 2.65
N MET A 70 -6.35 3.69 3.70
CA MET A 70 -6.58 4.87 4.53
C MET A 70 -6.59 6.13 3.68
N LYS A 71 -5.49 6.40 2.99
CA LYS A 71 -5.37 7.57 2.15
C LYS A 71 -6.33 7.48 0.96
N TRP A 72 -6.44 6.30 0.37
CA TRP A 72 -7.32 6.09 -0.77
C TRP A 72 -8.74 6.54 -0.45
N LYS A 73 -9.20 6.23 0.75
CA LYS A 73 -10.54 6.62 1.19
C LYS A 73 -10.86 8.04 0.77
N LYS A 74 -11.92 8.20 -0.01
CA LYS A 74 -12.34 9.52 -0.48
C LYS A 74 -13.43 10.10 0.42
N SER A 75 -13.05 11.06 1.25
CA SER A 75 -14.00 11.69 2.16
C SER A 75 -14.24 13.15 1.77
N GLY A 76 -15.17 13.36 0.83
CA GLY A 76 -15.48 14.71 0.39
C GLY A 76 -16.77 15.23 0.98
N PRO A 77 -17.90 14.85 0.35
CA PRO A 77 -19.23 15.28 0.79
C PRO A 77 -19.63 14.63 2.11
N SER A 78 -18.76 13.79 2.64
CA SER A 78 -19.03 13.09 3.89
C SER A 78 -20.42 12.48 3.89
N SER A 79 -20.78 11.85 2.78
CA SER A 79 -22.09 11.22 2.64
C SER A 79 -22.01 9.72 2.92
N GLY A 80 -22.78 9.27 3.90
CA GLY A 80 -22.79 7.86 4.25
C GLY A 80 -22.01 7.58 5.52
N GLY A 1 -26.53 40.19 -14.33
CA GLY A 1 -25.74 39.09 -13.79
C GLY A 1 -25.11 39.44 -12.46
N SER A 2 -25.23 38.53 -11.50
CA SER A 2 -24.68 38.75 -10.16
C SER A 2 -23.15 38.65 -10.19
N SER A 3 -22.65 37.48 -10.59
CA SER A 3 -21.21 37.25 -10.65
C SER A 3 -20.55 37.55 -9.31
N GLY A 4 -21.19 37.09 -8.24
CA GLY A 4 -20.65 37.32 -6.90
C GLY A 4 -20.06 36.07 -6.29
N SER A 5 -20.77 34.95 -6.44
CA SER A 5 -20.31 33.67 -5.89
C SER A 5 -18.86 33.41 -6.29
N SER A 6 -18.12 32.76 -5.38
CA SER A 6 -16.72 32.45 -5.63
C SER A 6 -16.17 31.50 -4.56
N GLY A 7 -15.00 30.96 -4.81
CA GLY A 7 -14.38 30.04 -3.87
C GLY A 7 -12.96 29.69 -4.23
N GLY A 8 -12.29 28.93 -3.36
CA GLY A 8 -10.92 28.54 -3.62
C GLY A 8 -9.95 29.12 -2.61
N GLU A 9 -10.14 28.77 -1.34
CA GLU A 9 -9.28 29.26 -0.28
C GLU A 9 -7.85 28.77 -0.46
N PRO A 10 -6.88 29.63 -0.12
CA PRO A 10 -5.45 29.31 -0.23
C PRO A 10 -5.01 28.26 0.78
N GLY A 11 -3.75 27.85 0.69
CA GLY A 11 -3.23 26.84 1.60
C GLY A 11 -3.02 27.39 3.00
N THR A 12 -3.40 26.60 4.00
CA THR A 12 -3.26 27.01 5.39
C THR A 12 -2.31 26.08 6.15
N LYS A 13 -2.54 24.78 6.00
CA LYS A 13 -1.70 23.79 6.66
C LYS A 13 -0.86 23.01 5.66
N ALA A 14 -1.54 22.28 4.77
CA ALA A 14 -0.84 21.50 3.75
C ALA A 14 -0.25 22.40 2.68
N LYS A 15 1.00 22.79 2.86
CA LYS A 15 1.70 23.66 1.92
C LYS A 15 3.01 23.02 1.46
N LYS A 16 3.77 22.49 2.41
CA LYS A 16 5.04 21.85 2.11
C LYS A 16 5.58 21.09 3.31
N GLY A 17 5.78 19.79 3.14
CA GLY A 17 6.28 18.97 4.23
C GLY A 17 5.90 17.51 4.08
N ARG A 18 6.73 16.74 3.39
CA ARG A 18 6.46 15.32 3.18
C ARG A 18 7.48 14.46 3.91
N ARG A 19 7.01 13.66 4.86
CA ARG A 19 7.88 12.78 5.63
C ARG A 19 7.35 11.35 5.64
N SER A 20 7.76 10.57 4.64
CA SER A 20 7.32 9.18 4.53
C SER A 20 8.51 8.26 4.32
N ARG A 21 9.06 7.76 5.43
CA ARG A 21 10.20 6.85 5.38
C ARG A 21 9.81 5.50 4.79
N THR A 22 9.81 5.41 3.46
CA THR A 22 9.45 4.18 2.78
C THR A 22 10.69 3.34 2.48
N VAL A 23 10.52 2.02 2.51
CA VAL A 23 11.63 1.11 2.24
C VAL A 23 11.36 0.28 0.99
N PHE A 24 10.70 0.89 0.01
CA PHE A 24 10.38 0.22 -1.24
C PHE A 24 11.09 0.88 -2.42
N THR A 25 11.58 0.07 -3.34
CA THR A 25 12.27 0.58 -4.52
C THR A 25 11.29 0.95 -5.63
N GLU A 26 11.75 1.78 -6.55
CA GLU A 26 10.91 2.22 -7.67
C GLU A 26 10.22 1.02 -8.32
N LEU A 27 10.96 -0.07 -8.49
CA LEU A 27 10.43 -1.27 -9.10
C LEU A 27 9.35 -1.91 -8.22
N GLN A 28 9.73 -2.21 -6.98
CA GLN A 28 8.80 -2.82 -6.03
C GLN A 28 7.51 -2.01 -5.94
N LEU A 29 7.65 -0.70 -5.75
CA LEU A 29 6.50 0.18 -5.64
C LEU A 29 5.63 0.09 -6.89
N MET A 30 6.25 0.21 -8.05
CA MET A 30 5.53 0.13 -9.33
C MET A 30 4.62 -1.10 -9.37
N GLY A 31 5.17 -2.23 -8.97
CA GLY A 31 4.39 -3.47 -8.96
C GLY A 31 3.26 -3.44 -7.95
N LEU A 32 3.60 -3.04 -6.72
CA LEU A 32 2.59 -2.97 -5.66
C LEU A 32 1.44 -2.05 -6.03
N GLU A 33 1.77 -0.93 -6.66
CA GLU A 33 0.76 0.04 -7.08
C GLU A 33 -0.09 -0.53 -8.22
N LYS A 34 0.58 -1.11 -9.21
CA LYS A 34 -0.11 -1.70 -10.36
C LYS A 34 -1.12 -2.75 -9.91
N ARG A 35 -0.71 -3.59 -8.96
CA ARG A 35 -1.57 -4.64 -8.45
C ARG A 35 -2.66 -4.07 -7.55
N PHE A 36 -2.26 -3.19 -6.64
CA PHE A 36 -3.20 -2.55 -5.71
C PHE A 36 -4.25 -1.75 -6.46
N GLU A 37 -3.90 -1.29 -7.66
CA GLU A 37 -4.81 -0.51 -8.49
C GLU A 37 -5.88 -1.41 -9.09
N LYS A 38 -5.45 -2.46 -9.77
CA LYS A 38 -6.38 -3.40 -10.40
C LYS A 38 -7.20 -4.14 -9.35
N GLN A 39 -6.52 -4.68 -8.35
CA GLN A 39 -7.19 -5.41 -7.28
C GLN A 39 -6.98 -4.74 -5.93
N LYS A 40 -8.00 -4.05 -5.45
CA LYS A 40 -7.93 -3.34 -4.17
C LYS A 40 -7.35 -4.25 -3.10
N TYR A 41 -7.79 -5.51 -3.09
CA TYR A 41 -7.32 -6.48 -2.11
C TYR A 41 -7.01 -7.82 -2.77
N LEU A 42 -5.76 -8.22 -2.68
CA LEU A 42 -5.31 -9.49 -3.27
C LEU A 42 -5.75 -10.67 -2.41
N SER A 43 -6.10 -11.77 -3.07
CA SER A 43 -6.53 -12.98 -2.36
C SER A 43 -5.38 -13.58 -1.55
N THR A 44 -5.64 -14.72 -0.91
CA THR A 44 -4.63 -15.39 -0.11
C THR A 44 -3.42 -15.76 -0.96
N PRO A 45 -3.65 -16.57 -2.01
CA PRO A 45 -2.59 -17.01 -2.92
C PRO A 45 -2.05 -15.88 -3.79
N ASP A 46 -2.96 -15.08 -4.32
CA ASP A 46 -2.58 -13.96 -5.18
C ASP A 46 -1.43 -13.17 -4.56
N ARG A 47 -1.69 -12.58 -3.39
CA ARG A 47 -0.67 -11.80 -2.69
C ARG A 47 0.68 -12.49 -2.74
N ILE A 48 0.68 -13.81 -2.53
CA ILE A 48 1.90 -14.59 -2.56
C ILE A 48 2.58 -14.52 -3.92
N ASP A 49 1.89 -15.02 -4.94
CA ASP A 49 2.42 -15.01 -6.30
C ASP A 49 3.13 -13.69 -6.59
N LEU A 50 2.52 -12.59 -6.18
CA LEU A 50 3.08 -11.26 -6.40
C LEU A 50 4.36 -11.08 -5.58
N ALA A 51 4.22 -11.08 -4.26
CA ALA A 51 5.36 -10.91 -3.37
C ALA A 51 6.58 -11.64 -3.90
N GLU A 52 6.35 -12.73 -4.65
CA GLU A 52 7.44 -13.51 -5.21
C GLU A 52 7.96 -12.87 -6.49
N SER A 53 7.05 -12.39 -7.33
CA SER A 53 7.42 -11.75 -8.58
C SER A 53 8.39 -10.60 -8.34
N LEU A 54 8.02 -9.71 -7.42
CA LEU A 54 8.85 -8.55 -7.09
C LEU A 54 9.92 -8.93 -6.09
N GLY A 55 9.67 -9.98 -5.31
CA GLY A 55 10.63 -10.43 -4.32
C GLY A 55 10.24 -10.03 -2.91
N LEU A 56 9.16 -9.27 -2.80
CA LEU A 56 8.67 -8.82 -1.50
C LEU A 56 8.01 -9.96 -0.73
N SER A 57 7.61 -9.69 0.50
CA SER A 57 6.96 -10.69 1.34
C SER A 57 5.46 -10.43 1.45
N GLN A 58 4.73 -11.43 1.93
CA GLN A 58 3.28 -11.30 2.08
C GLN A 58 2.92 -10.07 2.91
N LEU A 59 3.74 -9.79 3.92
CA LEU A 59 3.51 -8.64 4.79
C LEU A 59 3.44 -7.35 3.98
N GLN A 60 4.52 -7.03 3.29
CA GLN A 60 4.58 -5.83 2.47
C GLN A 60 3.23 -5.51 1.86
N VAL A 61 2.76 -6.40 0.99
CA VAL A 61 1.48 -6.22 0.33
C VAL A 61 0.36 -5.99 1.34
N LYS A 62 0.21 -6.94 2.27
CA LYS A 62 -0.81 -6.85 3.29
C LYS A 62 -0.81 -5.46 3.94
N THR A 63 0.28 -5.13 4.61
CA THR A 63 0.40 -3.83 5.27
C THR A 63 0.30 -2.70 4.26
N TRP A 64 1.26 -2.63 3.36
CA TRP A 64 1.30 -1.59 2.34
C TRP A 64 -0.11 -1.27 1.85
N TYR A 65 -0.86 -2.32 1.52
CA TYR A 65 -2.24 -2.15 1.02
C TYR A 65 -3.08 -1.40 2.04
N GLN A 66 -3.16 -1.95 3.25
CA GLN A 66 -3.94 -1.33 4.32
C GLN A 66 -3.65 0.17 4.42
N ASN A 67 -2.38 0.51 4.61
CA ASN A 67 -1.98 1.91 4.72
C ASN A 67 -2.43 2.70 3.50
N ARG A 68 -2.74 1.99 2.41
CA ARG A 68 -3.19 2.64 1.18
C ARG A 68 -4.71 2.68 1.12
N ARG A 69 -5.35 1.71 1.78
CA ARG A 69 -6.82 1.64 1.80
C ARG A 69 -7.39 2.65 2.78
N MET A 70 -6.58 3.04 3.76
CA MET A 70 -7.03 4.00 4.77
C MET A 70 -7.15 5.39 4.18
N LYS A 71 -6.16 5.81 3.41
CA LYS A 71 -6.17 7.12 2.77
C LYS A 71 -7.04 7.12 1.52
N TRP A 72 -7.23 5.94 0.94
CA TRP A 72 -8.05 5.80 -0.26
C TRP A 72 -9.54 5.91 0.08
N LYS A 73 -9.94 5.30 1.18
CA LYS A 73 -11.33 5.33 1.61
C LYS A 73 -11.80 6.77 1.81
N LYS A 74 -13.05 6.92 2.23
CA LYS A 74 -13.63 8.24 2.47
C LYS A 74 -13.75 8.53 3.96
N SER A 75 -13.18 9.64 4.39
CA SER A 75 -13.23 10.04 5.80
C SER A 75 -13.13 11.55 5.94
N GLY A 76 -14.19 12.15 6.48
CA GLY A 76 -14.21 13.59 6.67
C GLY A 76 -15.61 14.16 6.61
N PRO A 77 -15.86 15.22 7.40
CA PRO A 77 -17.17 15.89 7.45
C PRO A 77 -17.48 16.65 6.17
N SER A 78 -16.52 16.69 5.26
CA SER A 78 -16.70 17.38 3.98
C SER A 78 -17.83 16.75 3.18
N SER A 79 -18.86 17.54 2.91
CA SER A 79 -20.01 17.07 2.15
C SER A 79 -20.90 18.23 1.71
N GLY A 80 -21.32 18.20 0.46
CA GLY A 80 -22.16 19.26 -0.06
C GLY A 80 -23.15 19.78 0.97
N GLY A 1 30.97 38.90 10.58
CA GLY A 1 29.92 39.88 10.32
C GLY A 1 29.68 40.10 8.84
N SER A 2 28.41 40.05 8.45
CA SER A 2 28.05 40.24 7.05
C SER A 2 26.52 40.28 6.89
N SER A 3 26.08 40.50 5.66
CA SER A 3 24.65 40.57 5.37
C SER A 3 24.31 39.83 4.08
N GLY A 4 23.02 39.68 3.80
CA GLY A 4 22.60 38.99 2.60
C GLY A 4 21.09 38.97 2.44
N SER A 5 20.62 38.47 1.30
CA SER A 5 19.19 38.41 1.04
C SER A 5 18.81 37.05 0.45
N SER A 6 17.52 36.87 0.19
CA SER A 6 17.03 35.61 -0.37
C SER A 6 15.57 35.74 -0.81
N GLY A 7 15.06 34.72 -1.48
CA GLY A 7 13.68 34.75 -1.94
C GLY A 7 12.89 33.54 -1.47
N GLY A 8 12.02 33.03 -2.35
CA GLY A 8 11.21 31.87 -1.99
C GLY A 8 10.77 31.09 -3.22
N GLU A 9 9.99 30.03 -2.99
CA GLU A 9 9.51 29.20 -4.08
C GLU A 9 8.40 28.27 -3.60
N PRO A 10 7.41 28.02 -4.47
CA PRO A 10 6.28 27.14 -4.15
C PRO A 10 6.69 25.68 -4.05
N GLY A 11 5.76 24.84 -3.61
CA GLY A 11 6.04 23.42 -3.48
C GLY A 11 4.85 22.63 -3.00
N THR A 12 5.11 21.56 -2.26
CA THR A 12 4.04 20.71 -1.74
C THR A 12 4.25 20.41 -0.26
N LYS A 13 3.33 20.87 0.58
CA LYS A 13 3.41 20.65 2.02
C LYS A 13 3.16 19.19 2.35
N ALA A 14 4.21 18.37 2.27
CA ALA A 14 4.09 16.95 2.58
C ALA A 14 4.11 16.71 4.09
N LYS A 15 5.12 17.26 4.76
CA LYS A 15 5.25 17.11 6.21
C LYS A 15 4.90 15.68 6.63
N LYS A 16 5.32 14.71 5.85
CA LYS A 16 5.06 13.30 6.15
C LYS A 16 6.35 12.48 6.12
N GLY A 17 7.15 12.61 7.17
CA GLY A 17 8.39 11.87 7.25
C GLY A 17 9.59 12.78 7.46
N ARG A 18 10.52 12.35 8.31
CA ARG A 18 11.71 13.14 8.59
C ARG A 18 12.94 12.53 7.91
N ARG A 19 13.08 11.21 8.03
CA ARG A 19 14.21 10.51 7.43
C ARG A 19 13.73 9.55 6.35
N SER A 20 12.91 8.58 6.74
CA SER A 20 12.39 7.59 5.81
C SER A 20 11.37 6.69 6.50
N ARG A 21 10.17 6.60 5.93
CA ARG A 21 9.11 5.77 6.48
C ARG A 21 8.95 4.49 5.67
N THR A 22 8.98 4.61 4.35
CA THR A 22 8.83 3.47 3.47
C THR A 22 10.19 3.00 2.95
N VAL A 23 10.30 1.70 2.72
CA VAL A 23 11.55 1.11 2.22
C VAL A 23 11.32 0.32 0.95
N PHE A 24 10.42 0.82 0.10
CA PHE A 24 10.11 0.15 -1.15
C PHE A 24 10.74 0.89 -2.33
N THR A 25 11.38 0.13 -3.22
CA THR A 25 12.02 0.71 -4.39
C THR A 25 11.02 0.95 -5.52
N GLU A 26 11.42 1.77 -6.50
CA GLU A 26 10.55 2.08 -7.63
C GLU A 26 9.96 0.80 -8.23
N LEU A 27 10.81 -0.23 -8.35
CA LEU A 27 10.37 -1.50 -8.92
C LEU A 27 9.27 -2.12 -8.08
N GLN A 28 9.53 -2.31 -6.79
CA GLN A 28 8.56 -2.90 -5.88
C GLN A 28 7.25 -2.11 -5.91
N LEU A 29 7.35 -0.80 -5.69
CA LEU A 29 6.17 0.06 -5.69
C LEU A 29 5.46 0.01 -7.04
N MET A 30 6.24 -0.02 -8.11
CA MET A 30 5.68 -0.06 -9.45
C MET A 30 4.62 -1.15 -9.56
N GLY A 31 4.88 -2.30 -8.95
CA GLY A 31 3.94 -3.41 -8.99
C GLY A 31 2.85 -3.28 -7.94
N LEU A 32 3.26 -3.01 -6.70
CA LEU A 32 2.32 -2.87 -5.61
C LEU A 32 1.17 -1.93 -6.00
N GLU A 33 1.51 -0.82 -6.63
CA GLU A 33 0.52 0.16 -7.06
C GLU A 33 -0.37 -0.42 -8.16
N LYS A 34 0.26 -1.11 -9.11
CA LYS A 34 -0.46 -1.72 -10.22
C LYS A 34 -1.50 -2.72 -9.73
N ARG A 35 -1.02 -3.73 -8.99
CA ARG A 35 -1.90 -4.77 -8.45
C ARG A 35 -2.96 -4.15 -7.54
N PHE A 36 -2.51 -3.59 -6.42
CA PHE A 36 -3.43 -2.97 -5.46
C PHE A 36 -4.58 -2.27 -6.18
N GLU A 37 -4.23 -1.34 -7.07
CA GLU A 37 -5.24 -0.60 -7.82
C GLU A 37 -6.22 -1.55 -8.51
N LYS A 38 -5.68 -2.48 -9.29
CA LYS A 38 -6.51 -3.45 -10.01
C LYS A 38 -7.37 -4.24 -9.02
N GLN A 39 -6.84 -4.49 -7.84
CA GLN A 39 -7.58 -5.24 -6.82
C GLN A 39 -7.27 -4.69 -5.43
N LYS A 40 -8.31 -4.18 -4.77
CA LYS A 40 -8.16 -3.62 -3.43
C LYS A 40 -7.52 -4.64 -2.49
N TYR A 41 -7.50 -5.89 -2.91
CA TYR A 41 -6.92 -6.96 -2.10
C TYR A 41 -6.37 -8.07 -2.99
N LEU A 42 -5.89 -9.14 -2.35
CA LEU A 42 -5.33 -10.27 -3.08
C LEU A 42 -5.55 -11.57 -2.31
N SER A 43 -5.92 -12.62 -3.03
CA SER A 43 -6.16 -13.92 -2.41
C SER A 43 -4.92 -14.42 -1.69
N THR A 44 -5.06 -15.54 -0.99
CA THR A 44 -3.93 -16.13 -0.25
C THR A 44 -2.72 -16.30 -1.14
N PRO A 45 -2.89 -17.08 -2.23
CA PRO A 45 -1.80 -17.35 -3.18
C PRO A 45 -1.45 -16.12 -4.00
N ASP A 46 -2.46 -15.37 -4.40
CA ASP A 46 -2.24 -14.16 -5.20
C ASP A 46 -1.16 -13.28 -4.58
N ARG A 47 -1.39 -12.86 -3.34
CA ARG A 47 -0.44 -12.01 -2.63
C ARG A 47 0.95 -12.64 -2.65
N ILE A 48 1.00 -13.96 -2.67
CA ILE A 48 2.28 -14.68 -2.68
C ILE A 48 2.95 -14.55 -4.05
N ASP A 49 2.19 -14.79 -5.11
CA ASP A 49 2.71 -14.71 -6.47
C ASP A 49 3.33 -13.34 -6.73
N LEU A 50 2.63 -12.29 -6.32
CA LEU A 50 3.11 -10.92 -6.50
C LEU A 50 4.40 -10.68 -5.71
N ALA A 51 4.34 -10.91 -4.41
CA ALA A 51 5.50 -10.72 -3.55
C ALA A 51 6.74 -11.40 -4.14
N GLU A 52 6.50 -12.44 -4.94
CA GLU A 52 7.60 -13.18 -5.56
C GLU A 52 8.11 -12.44 -6.81
N SER A 53 7.19 -11.80 -7.52
CA SER A 53 7.55 -11.06 -8.72
C SER A 53 8.45 -9.87 -8.40
N LEU A 54 8.03 -9.07 -7.43
CA LEU A 54 8.80 -7.91 -7.01
C LEU A 54 9.89 -8.29 -6.02
N GLY A 55 9.64 -9.35 -5.25
CA GLY A 55 10.60 -9.81 -4.28
C GLY A 55 10.27 -9.36 -2.87
N LEU A 56 9.06 -8.84 -2.69
CA LEU A 56 8.61 -8.37 -1.39
C LEU A 56 8.13 -9.53 -0.52
N SER A 57 7.66 -9.21 0.68
CA SER A 57 7.18 -10.22 1.61
C SER A 57 5.66 -10.15 1.75
N GLN A 58 5.02 -11.31 1.75
CA GLN A 58 3.56 -11.38 1.87
C GLN A 58 3.05 -10.27 2.80
N LEU A 59 3.71 -10.11 3.94
CA LEU A 59 3.33 -9.09 4.91
C LEU A 59 3.26 -7.72 4.26
N GLN A 60 4.28 -7.39 3.47
CA GLN A 60 4.34 -6.10 2.79
C GLN A 60 2.99 -5.76 2.16
N VAL A 61 2.61 -6.53 1.14
CA VAL A 61 1.34 -6.32 0.45
C VAL A 61 0.19 -6.16 1.44
N LYS A 62 0.09 -7.09 2.38
CA LYS A 62 -0.96 -7.07 3.39
C LYS A 62 -1.01 -5.69 4.06
N THR A 63 0.06 -5.33 4.75
CA THR A 63 0.13 -4.04 5.44
C THR A 63 0.05 -2.89 4.46
N TRP A 64 1.03 -2.79 3.57
CA TRP A 64 1.06 -1.73 2.57
C TRP A 64 -0.34 -1.42 2.05
N TYR A 65 -1.11 -2.47 1.77
CA TYR A 65 -2.46 -2.32 1.26
C TYR A 65 -3.35 -1.61 2.29
N GLN A 66 -3.58 -2.27 3.42
CA GLN A 66 -4.40 -1.70 4.47
C GLN A 66 -4.16 -0.20 4.62
N ASN A 67 -2.89 0.18 4.78
CA ASN A 67 -2.54 1.58 4.92
C ASN A 67 -2.93 2.37 3.68
N ARG A 68 -2.59 1.85 2.52
CA ARG A 68 -2.91 2.50 1.25
C ARG A 68 -4.37 2.93 1.22
N ARG A 69 -5.26 2.02 1.59
CA ARG A 69 -6.69 2.31 1.61
C ARG A 69 -6.98 3.60 2.36
N MET A 70 -6.37 3.75 3.53
CA MET A 70 -6.57 4.94 4.34
C MET A 70 -6.38 6.21 3.50
N LYS A 71 -5.27 6.28 2.79
CA LYS A 71 -4.97 7.44 1.95
C LYS A 71 -5.88 7.47 0.73
N TRP A 72 -6.16 6.29 0.18
CA TRP A 72 -7.02 6.18 -1.00
C TRP A 72 -8.41 6.74 -0.71
N LYS A 73 -8.81 6.70 0.56
CA LYS A 73 -10.11 7.20 0.97
C LYS A 73 -10.06 8.71 1.20
N LYS A 74 -11.20 9.29 1.57
CA LYS A 74 -11.29 10.72 1.82
C LYS A 74 -11.81 10.99 3.23
N SER A 75 -11.35 12.09 3.82
CA SER A 75 -11.76 12.47 5.17
C SER A 75 -12.87 13.52 5.11
N GLY A 76 -12.58 14.65 4.49
CA GLY A 76 -13.56 15.72 4.39
C GLY A 76 -12.94 17.04 3.98
N PRO A 77 -12.62 17.88 4.98
CA PRO A 77 -12.01 19.20 4.75
C PRO A 77 -10.57 19.09 4.24
N SER A 78 -9.82 18.17 4.82
CA SER A 78 -8.42 17.97 4.43
C SER A 78 -8.26 18.11 2.93
N SER A 79 -7.04 18.41 2.50
CA SER A 79 -6.74 18.59 1.08
C SER A 79 -5.80 17.50 0.58
N GLY A 80 -4.63 17.40 1.20
CA GLY A 80 -3.66 16.39 0.80
C GLY A 80 -3.34 15.43 1.92
N GLY A 1 -10.57 50.16 18.44
CA GLY A 1 -10.97 49.01 17.64
C GLY A 1 -9.98 47.87 17.74
N SER A 2 -10.44 46.74 18.27
CA SER A 2 -9.57 45.57 18.42
C SER A 2 -10.41 44.31 18.59
N SER A 3 -9.74 43.17 18.69
CA SER A 3 -10.42 41.88 18.84
C SER A 3 -11.19 41.51 17.58
N GLY A 4 -10.56 41.74 16.43
CA GLY A 4 -11.19 41.41 15.17
C GLY A 4 -10.27 40.66 14.22
N SER A 5 -10.79 39.62 13.59
CA SER A 5 -10.00 38.81 12.66
C SER A 5 -10.88 37.78 11.96
N SER A 6 -10.32 37.13 10.95
CA SER A 6 -11.06 36.13 10.18
C SER A 6 -10.13 35.38 9.23
N GLY A 7 -10.65 34.33 8.60
CA GLY A 7 -9.85 33.55 7.68
C GLY A 7 -10.33 32.11 7.55
N GLY A 8 -9.56 31.29 6.87
CA GLY A 8 -9.94 29.90 6.69
C GLY A 8 -9.89 29.46 5.24
N GLU A 9 -8.70 29.12 4.76
CA GLU A 9 -8.53 28.69 3.38
C GLU A 9 -8.14 27.21 3.31
N PRO A 10 -8.58 26.54 2.25
CA PRO A 10 -8.29 25.11 2.04
C PRO A 10 -6.82 24.86 1.72
N GLY A 11 -6.45 23.59 1.63
CA GLY A 11 -5.07 23.24 1.32
C GLY A 11 -4.24 23.01 2.57
N THR A 12 -4.33 21.81 3.12
CA THR A 12 -3.58 21.47 4.33
C THR A 12 -2.49 20.44 4.03
N LYS A 13 -1.26 20.91 3.89
CA LYS A 13 -0.13 20.03 3.60
C LYS A 13 1.19 20.74 3.87
N ALA A 14 2.22 19.97 4.20
CA ALA A 14 3.54 20.53 4.47
C ALA A 14 4.63 19.48 4.26
N LYS A 15 5.88 19.93 4.23
CA LYS A 15 7.01 19.04 4.04
C LYS A 15 8.33 19.77 4.25
N LYS A 16 9.37 19.02 4.63
CA LYS A 16 10.68 19.60 4.86
C LYS A 16 11.70 19.06 3.87
N GLY A 17 11.85 17.75 3.83
CA GLY A 17 12.78 17.13 2.91
C GLY A 17 12.36 15.75 2.49
N ARG A 18 13.33 14.88 2.21
CA ARG A 18 13.05 13.52 1.78
C ARG A 18 12.87 12.60 2.99
N ARG A 19 11.81 11.81 2.97
CA ARG A 19 11.52 10.88 4.07
C ARG A 19 10.80 9.64 3.56
N SER A 20 11.39 8.48 3.79
CA SER A 20 10.79 7.22 3.34
C SER A 20 10.72 6.22 4.50
N ARG A 21 9.68 6.36 5.32
CA ARG A 21 9.50 5.47 6.46
C ARG A 21 9.65 4.01 6.04
N THR A 22 9.52 3.75 4.75
CA THR A 22 9.65 2.40 4.22
C THR A 22 10.90 2.25 3.37
N VAL A 23 11.24 1.01 3.03
CA VAL A 23 12.41 0.73 2.21
C VAL A 23 12.02 0.14 0.86
N PHE A 24 10.91 0.62 0.31
CA PHE A 24 10.42 0.14 -0.98
C PHE A 24 11.13 0.85 -2.13
N THR A 25 11.43 0.11 -3.19
CA THR A 25 12.10 0.66 -4.35
C THR A 25 11.10 1.07 -5.43
N GLU A 26 11.45 2.10 -6.19
CA GLU A 26 10.57 2.58 -7.26
C GLU A 26 9.91 1.41 -7.99
N LEU A 27 10.67 0.33 -8.17
CA LEU A 27 10.16 -0.85 -8.85
C LEU A 27 9.08 -1.54 -8.03
N GLN A 28 9.36 -1.74 -6.75
CA GLN A 28 8.41 -2.38 -5.85
C GLN A 28 7.12 -1.56 -5.74
N LEU A 29 7.28 -0.26 -5.51
CA LEU A 29 6.14 0.64 -5.38
C LEU A 29 5.34 0.70 -6.68
N MET A 30 6.05 0.83 -7.79
CA MET A 30 5.41 0.90 -9.10
C MET A 30 4.51 -0.31 -9.33
N GLY A 31 5.00 -1.49 -8.96
CA GLY A 31 4.24 -2.71 -9.13
C GLY A 31 3.12 -2.84 -8.10
N LEU A 32 3.50 -2.77 -6.82
CA LEU A 32 2.53 -2.89 -5.74
C LEU A 32 1.30 -2.02 -6.00
N GLU A 33 1.54 -0.80 -6.48
CA GLU A 33 0.45 0.12 -6.78
C GLU A 33 -0.40 -0.41 -7.93
N LYS A 34 0.24 -0.78 -9.03
CA LYS A 34 -0.46 -1.30 -10.19
C LYS A 34 -1.47 -2.38 -9.79
N ARG A 35 -1.01 -3.35 -9.01
CA ARG A 35 -1.86 -4.44 -8.56
C ARG A 35 -2.92 -3.92 -7.57
N PHE A 36 -2.46 -3.40 -6.44
CA PHE A 36 -3.37 -2.88 -5.42
C PHE A 36 -4.50 -2.08 -6.06
N GLU A 37 -4.18 -1.32 -7.10
CA GLU A 37 -5.18 -0.52 -7.80
C GLU A 37 -6.18 -1.41 -8.53
N LYS A 38 -5.67 -2.40 -9.24
CA LYS A 38 -6.52 -3.32 -9.98
C LYS A 38 -7.41 -4.13 -9.04
N GLN A 39 -6.84 -4.58 -7.93
CA GLN A 39 -7.57 -5.35 -6.95
C GLN A 39 -7.28 -4.86 -5.54
N LYS A 40 -8.10 -3.93 -5.05
CA LYS A 40 -7.94 -3.39 -3.71
C LYS A 40 -7.40 -4.44 -2.76
N TYR A 41 -7.91 -5.66 -2.88
CA TYR A 41 -7.48 -6.77 -2.03
C TYR A 41 -6.97 -7.94 -2.85
N LEU A 42 -6.17 -8.80 -2.22
CA LEU A 42 -5.61 -9.96 -2.91
C LEU A 42 -5.97 -11.24 -2.16
N SER A 43 -5.91 -12.37 -2.88
CA SER A 43 -6.23 -13.66 -2.29
C SER A 43 -5.03 -14.23 -1.55
N THR A 44 -5.27 -15.25 -0.73
CA THR A 44 -4.21 -15.89 0.04
C THR A 44 -3.03 -16.27 -0.85
N PRO A 45 -3.31 -17.11 -1.87
CA PRO A 45 -2.29 -17.57 -2.81
C PRO A 45 -1.81 -16.45 -3.73
N ASP A 46 -2.72 -15.57 -4.10
CA ASP A 46 -2.40 -14.46 -4.98
C ASP A 46 -1.29 -13.59 -4.39
N ARG A 47 -1.51 -13.08 -3.19
CA ARG A 47 -0.53 -12.24 -2.51
C ARG A 47 0.86 -12.84 -2.64
N ILE A 48 0.96 -14.16 -2.50
CA ILE A 48 2.23 -14.85 -2.60
C ILE A 48 2.83 -14.71 -4.00
N ASP A 49 2.05 -15.13 -5.00
CA ASP A 49 2.50 -15.04 -6.39
C ASP A 49 3.09 -13.67 -6.69
N LEU A 50 2.34 -12.62 -6.35
CA LEU A 50 2.79 -11.26 -6.59
C LEU A 50 4.09 -10.98 -5.84
N ALA A 51 4.06 -11.14 -4.52
CA ALA A 51 5.22 -10.90 -3.68
C ALA A 51 6.48 -11.52 -4.31
N GLU A 52 6.29 -12.63 -5.01
CA GLU A 52 7.41 -13.32 -5.65
C GLU A 52 7.85 -12.58 -6.91
N SER A 53 6.88 -12.00 -7.61
CA SER A 53 7.16 -11.26 -8.84
C SER A 53 7.99 -10.01 -8.54
N LEU A 54 7.60 -9.28 -7.51
CA LEU A 54 8.31 -8.06 -7.13
C LEU A 54 9.47 -8.38 -6.19
N GLY A 55 9.34 -9.48 -5.44
CA GLY A 55 10.38 -9.86 -4.52
C GLY A 55 10.14 -9.33 -3.12
N LEU A 56 8.88 -9.15 -2.76
CA LEU A 56 8.53 -8.64 -1.45
C LEU A 56 8.03 -9.75 -0.54
N SER A 57 7.78 -9.43 0.72
CA SER A 57 7.30 -10.41 1.69
C SER A 57 5.79 -10.33 1.85
N GLN A 58 5.16 -11.50 2.00
CA GLN A 58 3.72 -11.56 2.16
C GLN A 58 3.21 -10.44 3.06
N LEU A 59 3.95 -10.18 4.14
CA LEU A 59 3.57 -9.12 5.08
C LEU A 59 3.47 -7.77 4.38
N GLN A 60 4.43 -7.49 3.51
CA GLN A 60 4.45 -6.22 2.77
C GLN A 60 3.08 -5.93 2.17
N VAL A 61 2.64 -6.80 1.27
CA VAL A 61 1.34 -6.64 0.61
C VAL A 61 0.22 -6.50 1.64
N LYS A 62 0.31 -7.29 2.70
CA LYS A 62 -0.70 -7.25 3.76
C LYS A 62 -0.79 -5.86 4.37
N THR A 63 0.31 -5.43 4.99
CA THR A 63 0.36 -4.11 5.62
C THR A 63 0.27 -3.00 4.58
N TRP A 64 1.22 -2.99 3.66
CA TRP A 64 1.25 -1.97 2.61
C TRP A 64 -0.17 -1.64 2.14
N TYR A 65 -0.95 -2.67 1.84
CA TYR A 65 -2.31 -2.49 1.38
C TYR A 65 -3.14 -1.70 2.41
N GLN A 66 -3.35 -2.32 3.57
CA GLN A 66 -4.11 -1.69 4.63
C GLN A 66 -3.85 -0.19 4.69
N ASN A 67 -2.58 0.19 4.54
CA ASN A 67 -2.19 1.59 4.58
C ASN A 67 -2.66 2.32 3.32
N ARG A 68 -2.34 1.74 2.16
CA ARG A 68 -2.72 2.34 0.89
C ARG A 68 -4.20 2.74 0.91
N ARG A 69 -5.05 1.82 1.30
CA ARG A 69 -6.49 2.08 1.36
C ARG A 69 -6.77 3.42 2.03
N MET A 70 -6.09 3.68 3.14
CA MET A 70 -6.26 4.92 3.88
C MET A 70 -6.14 6.12 2.95
N LYS A 71 -5.16 6.07 2.05
CA LYS A 71 -4.93 7.15 1.10
C LYS A 71 -5.98 7.14 0.00
N TRP A 72 -6.21 5.97 -0.58
CA TRP A 72 -7.20 5.83 -1.66
C TRP A 72 -8.55 6.40 -1.23
N LYS A 73 -8.96 6.08 0.00
CA LYS A 73 -10.23 6.56 0.53
C LYS A 73 -10.44 8.03 0.19
N LYS A 74 -11.67 8.39 -0.14
CA LYS A 74 -12.01 9.77 -0.48
C LYS A 74 -11.59 10.72 0.64
N SER A 75 -11.42 11.99 0.30
CA SER A 75 -11.02 12.99 1.27
C SER A 75 -10.05 12.40 2.29
N GLY A 76 -9.12 11.59 1.81
CA GLY A 76 -8.14 10.98 2.68
C GLY A 76 -6.95 11.89 2.96
N PRO A 77 -5.92 11.34 3.61
CA PRO A 77 -4.70 12.09 3.94
C PRO A 77 -3.87 12.42 2.71
N SER A 78 -3.34 13.63 2.67
CA SER A 78 -2.53 14.08 1.55
C SER A 78 -1.17 13.38 1.55
N SER A 79 -0.83 12.75 0.43
CA SER A 79 0.44 12.04 0.31
C SER A 79 0.91 12.01 -1.15
N GLY A 80 2.22 12.02 -1.34
CA GLY A 80 2.79 12.00 -2.67
C GLY A 80 4.23 12.46 -2.71
N GLY A 1 -45.78 -2.15 -8.07
CA GLY A 1 -44.42 -2.10 -7.58
C GLY A 1 -44.30 -1.38 -6.26
N SER A 2 -43.70 -0.19 -6.29
CA SER A 2 -43.51 0.60 -5.08
C SER A 2 -42.49 -0.04 -4.15
N SER A 3 -41.39 -0.52 -4.74
CA SER A 3 -40.33 -1.17 -3.97
C SER A 3 -39.40 -0.13 -3.36
N GLY A 4 -38.50 -0.59 -2.49
CA GLY A 4 -37.55 0.32 -1.84
C GLY A 4 -36.13 -0.21 -1.91
N SER A 5 -35.32 0.18 -0.92
CA SER A 5 -33.93 -0.24 -0.86
C SER A 5 -33.30 0.15 0.46
N SER A 6 -32.20 -0.52 0.81
CA SER A 6 -31.51 -0.26 2.06
C SER A 6 -30.01 -0.01 1.82
N GLY A 7 -29.28 0.29 2.88
CA GLY A 7 -27.86 0.54 2.75
C GLY A 7 -27.16 0.56 4.10
N GLY A 8 -25.83 0.69 4.07
CA GLY A 8 -25.06 0.72 5.30
C GLY A 8 -23.76 1.47 5.15
N GLU A 9 -22.66 0.86 5.57
CA GLU A 9 -21.35 1.48 5.48
C GLU A 9 -21.39 2.90 6.05
N PRO A 10 -21.86 3.01 7.30
CA PRO A 10 -21.96 4.30 7.99
C PRO A 10 -20.58 4.89 8.35
N GLY A 11 -20.58 5.92 9.18
CA GLY A 11 -19.33 6.54 9.58
C GLY A 11 -18.58 5.72 10.61
N THR A 12 -17.33 6.09 10.87
CA THR A 12 -16.51 5.38 11.83
C THR A 12 -15.31 6.23 12.26
N LYS A 13 -15.09 6.31 13.57
CA LYS A 13 -13.98 7.09 14.11
C LYS A 13 -12.76 6.20 14.35
N ALA A 14 -11.57 6.77 14.15
CA ALA A 14 -10.33 6.03 14.34
C ALA A 14 -9.12 6.95 14.20
N LYS A 15 -8.29 6.97 15.24
CA LYS A 15 -7.10 7.81 15.24
C LYS A 15 -5.83 6.96 15.28
N LYS A 16 -5.06 7.02 14.20
CA LYS A 16 -3.83 6.24 14.11
C LYS A 16 -2.80 6.97 13.24
N GLY A 17 -1.53 6.86 13.61
CA GLY A 17 -0.48 7.51 12.85
C GLY A 17 0.89 6.92 13.15
N ARG A 18 0.97 5.60 13.24
CA ARG A 18 2.22 4.93 13.54
C ARG A 18 2.51 3.86 12.49
N ARG A 19 3.76 3.81 12.03
CA ARG A 19 4.17 2.83 11.03
C ARG A 19 5.53 2.24 11.37
N SER A 20 5.86 1.11 10.75
CA SER A 20 7.14 0.44 10.99
C SER A 20 8.17 0.86 9.95
N ARG A 21 9.44 0.90 10.38
CA ARG A 21 10.52 1.29 9.49
C ARG A 21 10.60 0.35 8.29
N THR A 22 9.99 0.75 7.18
CA THR A 22 9.99 -0.06 5.96
C THR A 22 10.08 0.82 4.73
N VAL A 23 11.03 0.50 3.85
CA VAL A 23 11.22 1.26 2.62
C VAL A 23 11.14 0.36 1.40
N PHE A 24 10.41 0.80 0.38
CA PHE A 24 10.25 0.03 -0.85
C PHE A 24 11.06 0.66 -1.99
N THR A 25 11.24 -0.11 -3.06
CA THR A 25 11.99 0.36 -4.22
C THR A 25 11.05 0.82 -5.33
N GLU A 26 11.55 1.70 -6.18
CA GLU A 26 10.76 2.21 -7.30
C GLU A 26 10.03 1.08 -8.01
N LEU A 27 10.73 -0.02 -8.22
CA LEU A 27 10.16 -1.18 -8.90
C LEU A 27 9.04 -1.80 -8.06
N GLN A 28 9.36 -2.14 -6.82
CA GLN A 28 8.37 -2.73 -5.91
C GLN A 28 7.11 -1.88 -5.82
N LEU A 29 7.31 -0.57 -5.62
CA LEU A 29 6.19 0.35 -5.52
C LEU A 29 5.37 0.37 -6.81
N MET A 30 6.06 0.45 -7.94
CA MET A 30 5.41 0.47 -9.24
C MET A 30 4.47 -0.71 -9.39
N GLY A 31 4.93 -1.89 -9.00
CA GLY A 31 4.12 -3.09 -9.10
C GLY A 31 3.03 -3.14 -8.04
N LEU A 32 3.40 -2.85 -6.79
CA LEU A 32 2.44 -2.86 -5.69
C LEU A 32 1.22 -2.02 -6.02
N GLU A 33 1.46 -0.79 -6.48
CA GLU A 33 0.37 0.11 -6.84
C GLU A 33 -0.45 -0.45 -8.00
N LYS A 34 0.24 -0.98 -9.00
CA LYS A 34 -0.41 -1.56 -10.16
C LYS A 34 -1.45 -2.61 -9.75
N ARG A 35 -1.04 -3.52 -8.88
CA ARG A 35 -1.94 -4.57 -8.40
C ARG A 35 -3.00 -4.00 -7.48
N PHE A 36 -2.57 -3.49 -6.33
CA PHE A 36 -3.50 -2.92 -5.36
C PHE A 36 -4.62 -2.16 -6.06
N GLU A 37 -4.24 -1.29 -6.98
CA GLU A 37 -5.23 -0.50 -7.72
C GLU A 37 -6.28 -1.39 -8.36
N LYS A 38 -5.83 -2.41 -9.08
CA LYS A 38 -6.73 -3.36 -9.74
C LYS A 38 -7.54 -4.14 -8.71
N GLN A 39 -6.83 -4.86 -7.85
CA GLN A 39 -7.49 -5.66 -6.81
C GLN A 39 -7.25 -5.07 -5.43
N LYS A 40 -8.19 -4.24 -4.98
CA LYS A 40 -8.08 -3.61 -3.67
C LYS A 40 -7.52 -4.58 -2.63
N TYR A 41 -7.92 -5.84 -2.74
CA TYR A 41 -7.47 -6.87 -1.82
C TYR A 41 -7.15 -8.17 -2.56
N LEU A 42 -5.89 -8.57 -2.52
CA LEU A 42 -5.45 -9.79 -3.19
C LEU A 42 -5.91 -11.03 -2.41
N SER A 43 -5.60 -12.20 -2.95
CA SER A 43 -5.99 -13.46 -2.31
C SER A 43 -4.80 -14.08 -1.59
N THR A 44 -5.07 -15.12 -0.81
CA THR A 44 -4.02 -15.81 -0.06
C THR A 44 -2.86 -16.20 -0.97
N PRO A 45 -3.16 -17.00 -2.00
CA PRO A 45 -2.15 -17.45 -2.97
C PRO A 45 -1.65 -16.32 -3.86
N ASP A 46 -2.58 -15.53 -4.39
CA ASP A 46 -2.23 -14.42 -5.25
C ASP A 46 -1.16 -13.54 -4.62
N ARG A 47 -1.42 -13.07 -3.41
CA ARG A 47 -0.48 -12.22 -2.69
C ARG A 47 0.94 -12.78 -2.80
N ILE A 48 1.05 -14.10 -2.74
CA ILE A 48 2.35 -14.76 -2.84
C ILE A 48 2.95 -14.60 -4.23
N ASP A 49 2.23 -15.08 -5.24
CA ASP A 49 2.70 -14.98 -6.62
C ASP A 49 3.31 -13.62 -6.89
N LEU A 50 2.59 -12.56 -6.53
CA LEU A 50 3.07 -11.20 -6.74
C LEU A 50 4.34 -10.94 -5.93
N ALA A 51 4.23 -11.07 -4.61
CA ALA A 51 5.37 -10.85 -3.73
C ALA A 51 6.63 -11.49 -4.29
N GLU A 52 6.46 -12.59 -5.03
CA GLU A 52 7.58 -13.30 -5.62
C GLU A 52 8.11 -12.55 -6.85
N SER A 53 7.19 -11.95 -7.60
CA SER A 53 7.55 -11.21 -8.81
C SER A 53 8.44 -10.02 -8.47
N LEU A 54 8.05 -9.27 -7.44
CA LEU A 54 8.81 -8.09 -7.02
C LEU A 54 9.87 -8.49 -6.00
N GLY A 55 9.63 -9.58 -5.29
CA GLY A 55 10.57 -10.05 -4.29
C GLY A 55 10.32 -9.44 -2.93
N LEU A 56 9.05 -9.21 -2.61
CA LEU A 56 8.67 -8.63 -1.33
C LEU A 56 8.17 -9.71 -0.37
N SER A 57 7.84 -9.30 0.86
CA SER A 57 7.36 -10.23 1.86
C SER A 57 5.84 -10.17 1.96
N GLN A 58 5.20 -11.34 1.94
CA GLN A 58 3.75 -11.43 2.03
C GLN A 58 3.20 -10.34 2.94
N LEU A 59 3.95 -10.00 3.98
CA LEU A 59 3.54 -8.98 4.93
C LEU A 59 3.41 -7.62 4.24
N GLN A 60 4.44 -7.25 3.49
CA GLN A 60 4.44 -5.97 2.78
C GLN A 60 3.07 -5.70 2.15
N VAL A 61 2.60 -6.62 1.33
CA VAL A 61 1.31 -6.48 0.67
C VAL A 61 0.20 -6.23 1.69
N LYS A 62 0.04 -7.18 2.62
CA LYS A 62 -0.97 -7.06 3.66
C LYS A 62 -0.97 -5.67 4.28
N THR A 63 0.14 -5.32 4.92
CA THR A 63 0.27 -4.02 5.56
C THR A 63 0.18 -2.89 4.54
N TRP A 64 1.14 -2.83 3.63
CA TRP A 64 1.16 -1.80 2.60
C TRP A 64 -0.25 -1.50 2.10
N TYR A 65 -1.02 -2.56 1.85
CA TYR A 65 -2.39 -2.41 1.37
C TYR A 65 -3.24 -1.64 2.38
N GLN A 66 -3.34 -2.18 3.58
CA GLN A 66 -4.13 -1.54 4.64
C GLN A 66 -3.93 -0.03 4.62
N ASN A 67 -2.69 0.40 4.81
CA ASN A 67 -2.37 1.83 4.83
C ASN A 67 -2.80 2.49 3.52
N ARG A 68 -2.42 1.88 2.40
CA ARG A 68 -2.78 2.42 1.09
C ARG A 68 -4.26 2.78 1.03
N ARG A 69 -5.11 1.88 1.51
CA ARG A 69 -6.55 2.11 1.51
C ARG A 69 -6.88 3.49 2.07
N MET A 70 -6.41 3.75 3.29
CA MET A 70 -6.65 5.02 3.95
C MET A 70 -6.50 6.18 2.97
N LYS A 71 -5.29 6.32 2.41
CA LYS A 71 -5.01 7.38 1.46
C LYS A 71 -5.95 7.30 0.27
N TRP A 72 -6.11 6.10 -0.28
CA TRP A 72 -6.99 5.89 -1.43
C TRP A 72 -8.36 6.49 -1.17
N LYS A 73 -8.92 6.20 -0.01
CA LYS A 73 -10.24 6.71 0.36
C LYS A 73 -10.35 8.20 0.06
N LYS A 74 -11.37 8.58 -0.69
CA LYS A 74 -11.59 9.98 -1.04
C LYS A 74 -12.39 10.70 0.04
N SER A 75 -11.71 11.58 0.77
CA SER A 75 -12.35 12.33 1.85
C SER A 75 -13.58 13.08 1.33
N GLY A 76 -13.39 13.85 0.27
CA GLY A 76 -14.49 14.61 -0.31
C GLY A 76 -15.28 15.37 0.73
N PRO A 77 -14.68 16.43 1.28
CA PRO A 77 -15.31 17.27 2.31
C PRO A 77 -16.47 18.09 1.75
N SER A 78 -17.68 17.53 1.81
CA SER A 78 -18.86 18.20 1.31
C SER A 78 -19.88 18.41 2.43
N SER A 79 -20.80 19.35 2.21
CA SER A 79 -21.82 19.65 3.20
C SER A 79 -23.05 18.76 3.02
N GLY A 80 -23.64 18.35 4.14
CA GLY A 80 -24.81 17.49 4.08
C GLY A 80 -24.65 16.35 3.09
N GLY A 1 12.18 -6.47 -25.75
CA GLY A 1 12.31 -7.19 -24.49
C GLY A 1 12.72 -6.28 -23.35
N SER A 2 12.99 -6.87 -22.19
CA SER A 2 13.39 -6.10 -21.02
C SER A 2 14.89 -6.22 -20.77
N SER A 3 15.44 -7.39 -21.09
CA SER A 3 16.86 -7.64 -20.90
C SER A 3 17.37 -6.97 -19.62
N GLY A 4 16.59 -7.08 -18.55
CA GLY A 4 16.96 -6.49 -17.29
C GLY A 4 15.86 -6.58 -16.25
N SER A 5 15.86 -5.64 -15.31
CA SER A 5 14.86 -5.62 -14.25
C SER A 5 14.82 -6.97 -13.52
N SER A 6 15.99 -7.49 -13.17
CA SER A 6 16.09 -8.76 -12.48
C SER A 6 17.34 -8.81 -11.61
N GLY A 7 17.15 -8.87 -10.30
CA GLY A 7 18.27 -8.92 -9.38
C GLY A 7 17.92 -9.60 -8.07
N GLY A 8 17.85 -8.81 -7.00
CA GLY A 8 17.52 -9.36 -5.70
C GLY A 8 18.74 -9.46 -4.78
N GLU A 9 18.53 -9.20 -3.50
CA GLU A 9 19.61 -9.27 -2.52
C GLU A 9 19.10 -9.77 -1.18
N PRO A 10 19.92 -10.62 -0.51
CA PRO A 10 19.56 -11.18 0.79
C PRO A 10 19.59 -10.14 1.90
N GLY A 11 19.46 -10.60 3.15
CA GLY A 11 19.46 -9.70 4.28
C GLY A 11 18.77 -10.26 5.49
N THR A 12 19.34 -10.03 6.67
CA THR A 12 18.77 -10.54 7.91
C THR A 12 17.62 -9.65 8.39
N LYS A 13 16.87 -10.14 9.36
CA LYS A 13 15.74 -9.40 9.91
C LYS A 13 15.89 -9.22 11.43
N ALA A 14 15.22 -8.22 11.97
CA ALA A 14 15.28 -7.95 13.40
C ALA A 14 14.32 -6.81 13.78
N LYS A 15 13.72 -6.92 14.96
CA LYS A 15 12.79 -5.91 15.44
C LYS A 15 13.46 -5.00 16.47
N LYS A 16 14.16 -3.98 15.99
CA LYS A 16 14.84 -3.04 16.87
C LYS A 16 14.21 -1.65 16.79
N GLY A 17 13.15 -1.43 17.58
CA GLY A 17 12.49 -0.14 17.58
C GLY A 17 12.32 0.42 16.18
N ARG A 18 11.35 -0.11 15.43
CA ARG A 18 11.10 0.35 14.07
C ARG A 18 11.07 1.87 14.01
N ARG A 19 12.02 2.44 13.26
CA ARG A 19 12.11 3.89 13.11
C ARG A 19 12.01 4.29 11.64
N SER A 20 11.01 3.76 10.94
CA SER A 20 10.82 4.07 9.53
C SER A 20 12.07 3.76 8.73
N ARG A 21 12.70 2.61 9.03
CA ARG A 21 13.90 2.20 8.34
C ARG A 21 13.57 1.40 7.08
N THR A 22 12.33 0.94 6.99
CA THR A 22 11.87 0.16 5.83
C THR A 22 11.47 1.07 4.69
N VAL A 23 12.04 0.81 3.50
CA VAL A 23 11.73 1.61 2.33
C VAL A 23 11.68 0.73 1.08
N PHE A 24 10.59 0.84 0.33
CA PHE A 24 10.40 0.06 -0.88
C PHE A 24 11.19 0.67 -2.04
N THR A 25 11.35 -0.10 -3.11
CA THR A 25 12.09 0.35 -4.28
C THR A 25 11.15 0.73 -5.41
N GLU A 26 11.50 1.78 -6.15
CA GLU A 26 10.68 2.24 -7.26
C GLU A 26 10.03 1.06 -7.99
N LEU A 27 10.82 0.02 -8.23
CA LEU A 27 10.31 -1.17 -8.91
C LEU A 27 9.22 -1.84 -8.10
N GLN A 28 9.54 -2.24 -6.88
CA GLN A 28 8.58 -2.90 -6.00
C GLN A 28 7.30 -2.08 -5.90
N LEU A 29 7.45 -0.77 -5.70
CA LEU A 29 6.29 0.12 -5.58
C LEU A 29 5.48 0.12 -6.86
N MET A 30 6.16 0.19 -8.00
CA MET A 30 5.49 0.19 -9.29
C MET A 30 4.54 -0.99 -9.42
N GLY A 31 5.00 -2.16 -9.01
CA GLY A 31 4.17 -3.36 -9.08
C GLY A 31 3.06 -3.36 -8.05
N LEU A 32 3.39 -2.96 -6.83
CA LEU A 32 2.41 -2.93 -5.75
C LEU A 32 1.20 -2.08 -6.15
N GLU A 33 1.45 -0.91 -6.72
CA GLU A 33 0.38 -0.02 -7.14
C GLU A 33 -0.47 -0.67 -8.21
N LYS A 34 0.17 -1.38 -9.14
CA LYS A 34 -0.53 -2.07 -10.21
C LYS A 34 -1.47 -3.13 -9.66
N ARG A 35 -0.95 -3.98 -8.78
CA ARG A 35 -1.75 -5.04 -8.17
C ARG A 35 -2.86 -4.47 -7.31
N PHE A 36 -2.50 -3.55 -6.42
CA PHE A 36 -3.47 -2.92 -5.54
C PHE A 36 -4.55 -2.20 -6.33
N GLU A 37 -4.13 -1.45 -7.35
CA GLU A 37 -5.06 -0.71 -8.20
C GLU A 37 -6.10 -1.64 -8.80
N LYS A 38 -5.64 -2.68 -9.48
CA LYS A 38 -6.53 -3.65 -10.11
C LYS A 38 -7.34 -4.41 -9.07
N GLN A 39 -6.64 -5.07 -8.15
CA GLN A 39 -7.29 -5.84 -7.10
C GLN A 39 -7.10 -5.16 -5.74
N LYS A 40 -8.09 -4.36 -5.33
CA LYS A 40 -8.03 -3.67 -4.06
C LYS A 40 -7.50 -4.58 -2.95
N TYR A 41 -7.86 -5.85 -3.03
CA TYR A 41 -7.43 -6.83 -2.04
C TYR A 41 -7.00 -8.14 -2.71
N LEU A 42 -5.71 -8.41 -2.68
CA LEU A 42 -5.17 -9.63 -3.29
C LEU A 42 -5.55 -10.86 -2.47
N SER A 43 -5.74 -11.98 -3.16
CA SER A 43 -6.10 -13.23 -2.49
C SER A 43 -4.91 -13.83 -1.76
N THR A 44 -5.16 -14.91 -1.03
CA THR A 44 -4.11 -15.58 -0.27
C THR A 44 -2.95 -15.99 -1.18
N PRO A 45 -3.26 -16.82 -2.18
CA PRO A 45 -2.25 -17.30 -3.14
C PRO A 45 -1.77 -16.20 -4.07
N ASP A 46 -2.65 -15.26 -4.39
CA ASP A 46 -2.30 -14.15 -5.27
C ASP A 46 -1.20 -13.30 -4.65
N ARG A 47 -1.47 -12.76 -3.47
CA ARG A 47 -0.49 -11.92 -2.78
C ARG A 47 0.90 -12.55 -2.83
N ILE A 48 0.95 -13.87 -2.72
CA ILE A 48 2.21 -14.59 -2.75
C ILE A 48 2.89 -14.46 -4.11
N ASP A 49 2.20 -14.90 -5.15
CA ASP A 49 2.73 -14.84 -6.51
C ASP A 49 3.41 -13.51 -6.76
N LEU A 50 2.71 -12.41 -6.44
CA LEU A 50 3.25 -11.07 -6.64
C LEU A 50 4.55 -10.90 -5.85
N ALA A 51 4.45 -11.01 -4.54
CA ALA A 51 5.61 -10.87 -3.67
C ALA A 51 6.84 -11.56 -4.27
N GLU A 52 6.60 -12.63 -5.00
CA GLU A 52 7.68 -13.39 -5.63
C GLU A 52 8.22 -12.63 -6.85
N SER A 53 7.32 -12.06 -7.63
CA SER A 53 7.70 -11.32 -8.83
C SER A 53 8.59 -10.13 -8.48
N LEU A 54 8.20 -9.39 -7.44
CA LEU A 54 8.97 -8.23 -7.00
C LEU A 54 10.01 -8.62 -5.96
N GLY A 55 9.74 -9.73 -5.26
CA GLY A 55 10.67 -10.20 -4.24
C GLY A 55 10.39 -9.60 -2.88
N LEU A 56 9.12 -9.34 -2.61
CA LEU A 56 8.72 -8.75 -1.33
C LEU A 56 8.15 -9.83 -0.40
N SER A 57 7.76 -9.42 0.80
CA SER A 57 7.20 -10.35 1.78
C SER A 57 5.69 -10.20 1.88
N GLN A 58 4.99 -11.33 1.86
CA GLN A 58 3.53 -11.33 1.95
C GLN A 58 3.04 -10.22 2.87
N LEU A 59 3.76 -10.01 3.98
CA LEU A 59 3.39 -8.98 4.94
C LEU A 59 3.27 -7.62 4.26
N GLN A 60 4.26 -7.29 3.44
CA GLN A 60 4.28 -6.02 2.73
C GLN A 60 2.92 -5.73 2.12
N VAL A 61 2.55 -6.52 1.11
CA VAL A 61 1.27 -6.35 0.43
C VAL A 61 0.14 -6.15 1.43
N LYS A 62 0.09 -7.02 2.43
CA LYS A 62 -0.94 -6.94 3.46
C LYS A 62 -0.99 -5.55 4.07
N THR A 63 0.11 -5.14 4.70
CA THR A 63 0.20 -3.83 5.34
C THR A 63 0.07 -2.72 4.31
N TRP A 64 1.02 -2.66 3.38
CA TRP A 64 1.02 -1.64 2.34
C TRP A 64 -0.41 -1.36 1.87
N TYR A 65 -1.17 -2.42 1.64
CA TYR A 65 -2.55 -2.29 1.18
C TYR A 65 -3.40 -1.54 2.20
N GLN A 66 -3.44 -2.07 3.42
CA GLN A 66 -4.22 -1.46 4.48
C GLN A 66 -3.88 0.02 4.61
N ASN A 67 -2.60 0.33 4.82
CA ASN A 67 -2.14 1.70 4.97
C ASN A 67 -2.62 2.56 3.79
N ARG A 68 -2.49 2.03 2.58
CA ARG A 68 -2.90 2.75 1.38
C ARG A 68 -4.38 3.11 1.45
N ARG A 69 -5.21 2.13 1.82
CA ARG A 69 -6.65 2.34 1.92
C ARG A 69 -6.95 3.63 2.66
N MET A 70 -6.31 3.82 3.81
CA MET A 70 -6.52 5.02 4.61
C MET A 70 -6.50 6.27 3.74
N LYS A 71 -5.48 6.37 2.89
CA LYS A 71 -5.35 7.52 1.99
C LYS A 71 -6.34 7.43 0.84
N TRP A 72 -6.47 6.24 0.26
CA TRP A 72 -7.39 6.02 -0.85
C TRP A 72 -8.78 6.55 -0.52
N LYS A 73 -9.27 6.19 0.66
CA LYS A 73 -10.59 6.62 1.10
C LYS A 73 -10.63 8.13 1.33
N LYS A 74 -11.25 8.86 0.40
CA LYS A 74 -11.35 10.30 0.50
C LYS A 74 -12.58 10.71 1.30
N SER A 75 -12.88 9.95 2.35
CA SER A 75 -14.04 10.23 3.19
C SER A 75 -13.59 10.61 4.61
N GLY A 76 -13.33 11.90 4.80
CA GLY A 76 -12.91 12.38 6.10
C GLY A 76 -13.29 13.82 6.35
N PRO A 77 -12.57 14.49 7.28
CA PRO A 77 -12.83 15.88 7.62
C PRO A 77 -12.43 16.84 6.50
N SER A 78 -12.80 18.11 6.64
CA SER A 78 -12.48 19.12 5.63
C SER A 78 -10.99 19.13 5.33
N SER A 79 -10.63 19.75 4.21
CA SER A 79 -9.23 19.82 3.80
C SER A 79 -8.69 21.24 4.00
N GLY A 80 -7.41 21.33 4.36
CA GLY A 80 -6.79 22.63 4.57
C GLY A 80 -7.31 23.69 3.61
N GLY A 1 -6.24 51.56 7.43
CA GLY A 1 -4.87 51.21 7.78
C GLY A 1 -4.24 50.24 6.80
N SER A 2 -2.93 50.32 6.65
CA SER A 2 -2.21 49.44 5.73
C SER A 2 -1.57 48.28 6.47
N SER A 3 -1.94 47.06 6.09
CA SER A 3 -1.41 45.86 6.72
C SER A 3 0.08 45.71 6.44
N GLY A 4 0.43 45.72 5.15
CA GLY A 4 1.82 45.59 4.76
C GLY A 4 2.00 44.64 3.59
N SER A 5 3.26 44.32 3.28
CA SER A 5 3.56 43.43 2.16
C SER A 5 4.93 42.77 2.35
N SER A 6 5.16 41.69 1.63
CA SER A 6 6.43 40.97 1.71
C SER A 6 6.54 39.91 0.63
N GLY A 7 7.72 39.33 0.48
CA GLY A 7 7.93 38.30 -0.53
C GLY A 7 8.14 36.93 0.09
N GLY A 8 8.28 35.93 -0.77
CA GLY A 8 8.49 34.57 -0.29
C GLY A 8 8.31 33.53 -1.37
N GLU A 9 8.75 32.31 -1.10
CA GLU A 9 8.64 31.22 -2.07
C GLU A 9 8.26 29.92 -1.38
N PRO A 10 7.45 29.09 -2.06
CA PRO A 10 6.99 27.80 -1.54
C PRO A 10 8.12 26.78 -1.45
N GLY A 11 7.85 25.65 -0.82
CA GLY A 11 8.85 24.61 -0.67
C GLY A 11 8.61 23.74 0.55
N THR A 12 8.59 22.43 0.35
CA THR A 12 8.37 21.49 1.44
C THR A 12 9.23 21.85 2.65
N LYS A 13 8.76 21.47 3.83
CA LYS A 13 9.47 21.74 5.07
C LYS A 13 10.14 20.48 5.62
N ALA A 14 9.36 19.41 5.74
CA ALA A 14 9.86 18.15 6.25
C ALA A 14 8.85 17.03 6.04
N LYS A 15 9.35 15.81 5.89
CA LYS A 15 8.50 14.65 5.69
C LYS A 15 8.00 14.09 7.03
N LYS A 16 6.69 14.05 7.19
CA LYS A 16 6.08 13.54 8.42
C LYS A 16 6.74 12.22 8.84
N GLY A 17 6.92 11.32 7.88
CA GLY A 17 7.53 10.05 8.17
C GLY A 17 6.54 9.02 8.64
N ARG A 18 6.66 7.79 8.16
CA ARG A 18 5.76 6.71 8.53
C ARG A 18 6.43 5.74 9.51
N ARG A 19 5.66 5.25 10.46
CA ARG A 19 6.19 4.33 11.45
C ARG A 19 6.82 3.11 10.79
N SER A 20 6.08 2.47 9.90
CA SER A 20 6.57 1.29 9.19
C SER A 20 7.62 1.68 8.15
N ARG A 21 8.81 1.11 8.29
CA ARG A 21 9.90 1.41 7.38
C ARG A 21 9.66 0.74 6.02
N THR A 22 9.00 1.47 5.12
CA THR A 22 8.71 0.95 3.79
C THR A 22 9.96 0.93 2.92
N VAL A 23 10.65 -0.21 2.93
CA VAL A 23 11.86 -0.36 2.13
C VAL A 23 11.56 -0.97 0.77
N PHE A 24 10.98 -0.17 -0.11
CA PHE A 24 10.64 -0.63 -1.46
C PHE A 24 11.36 0.19 -2.52
N THR A 25 11.94 -0.49 -3.50
CA THR A 25 12.67 0.17 -4.57
C THR A 25 11.70 0.76 -5.59
N GLU A 26 12.15 1.82 -6.26
CA GLU A 26 11.33 2.48 -7.27
C GLU A 26 10.58 1.46 -8.12
N LEU A 27 11.23 0.31 -8.36
CA LEU A 27 10.63 -0.74 -9.15
C LEU A 27 9.49 -1.43 -8.40
N GLN A 28 9.84 -2.12 -7.32
CA GLN A 28 8.84 -2.81 -6.51
C GLN A 28 7.68 -1.88 -6.16
N LEU A 29 7.98 -0.61 -5.99
CA LEU A 29 6.96 0.38 -5.66
C LEU A 29 6.04 0.63 -6.84
N MET A 30 6.62 0.78 -8.02
CA MET A 30 5.84 1.02 -9.24
C MET A 30 4.86 -0.12 -9.49
N GLY A 31 5.30 -1.35 -9.24
CA GLY A 31 4.44 -2.50 -9.45
C GLY A 31 3.33 -2.57 -8.43
N LEU A 32 3.69 -2.47 -7.15
CA LEU A 32 2.70 -2.53 -6.08
C LEU A 32 1.46 -1.72 -6.42
N GLU A 33 1.67 -0.51 -6.93
CA GLU A 33 0.57 0.37 -7.30
C GLU A 33 -0.34 -0.32 -8.31
N LYS A 34 0.26 -0.89 -9.35
CA LYS A 34 -0.50 -1.58 -10.39
C LYS A 34 -1.38 -2.66 -9.79
N ARG A 35 -0.76 -3.66 -9.16
CA ARG A 35 -1.50 -4.76 -8.55
C ARG A 35 -2.60 -4.23 -7.64
N PHE A 36 -2.23 -3.40 -6.67
CA PHE A 36 -3.19 -2.83 -5.74
C PHE A 36 -4.33 -2.16 -6.48
N GLU A 37 -3.99 -1.45 -7.55
CA GLU A 37 -5.00 -0.74 -8.35
C GLU A 37 -6.04 -1.72 -8.90
N LYS A 38 -5.56 -2.82 -9.47
CA LYS A 38 -6.45 -3.83 -10.03
C LYS A 38 -7.36 -4.41 -8.95
N GLN A 39 -6.77 -4.86 -7.85
CA GLN A 39 -7.53 -5.43 -6.76
C GLN A 39 -7.20 -4.74 -5.44
N LYS A 40 -8.09 -3.84 -5.00
CA LYS A 40 -7.89 -3.11 -3.76
C LYS A 40 -7.26 -4.00 -2.70
N TYR A 41 -7.50 -5.30 -2.80
CA TYR A 41 -6.95 -6.26 -1.85
C TYR A 41 -6.81 -7.64 -2.48
N LEU A 42 -5.57 -8.09 -2.62
CA LEU A 42 -5.31 -9.40 -3.20
C LEU A 42 -5.73 -10.52 -2.27
N SER A 43 -5.97 -11.70 -2.83
CA SER A 43 -6.38 -12.86 -2.05
C SER A 43 -5.20 -13.47 -1.31
N THR A 44 -5.48 -14.48 -0.49
CA THR A 44 -4.44 -15.16 0.27
C THR A 44 -3.29 -15.61 -0.64
N PRO A 45 -3.61 -16.44 -1.63
CA PRO A 45 -2.63 -16.95 -2.59
C PRO A 45 -2.12 -15.87 -3.54
N ASP A 46 -3.04 -15.07 -4.06
CA ASP A 46 -2.68 -13.99 -4.98
C ASP A 46 -1.54 -13.16 -4.42
N ARG A 47 -1.74 -12.62 -3.22
CA ARG A 47 -0.73 -11.80 -2.56
C ARG A 47 0.64 -12.47 -2.64
N ILE A 48 0.66 -13.79 -2.53
CA ILE A 48 1.91 -14.54 -2.58
C ILE A 48 2.51 -14.49 -3.98
N ASP A 49 1.76 -15.02 -4.96
CA ASP A 49 2.23 -15.04 -6.34
C ASP A 49 2.98 -13.75 -6.68
N LEU A 50 2.37 -12.62 -6.34
CA LEU A 50 2.98 -11.32 -6.62
C LEU A 50 4.26 -11.14 -5.82
N ALA A 51 4.15 -11.18 -4.49
CA ALA A 51 5.29 -11.03 -3.62
C ALA A 51 6.49 -11.82 -4.12
N GLU A 52 6.20 -12.90 -4.84
CA GLU A 52 7.26 -13.75 -5.39
C GLU A 52 7.81 -13.17 -6.69
N SER A 53 6.94 -12.52 -7.45
CA SER A 53 7.34 -11.93 -8.73
C SER A 53 8.14 -10.65 -8.49
N LEU A 54 7.65 -9.81 -7.58
CA LEU A 54 8.32 -8.55 -7.27
C LEU A 54 9.42 -8.76 -6.24
N GLY A 55 9.27 -9.80 -5.42
CA GLY A 55 10.27 -10.09 -4.40
C GLY A 55 9.91 -9.50 -3.06
N LEU A 56 8.62 -9.43 -2.76
CA LEU A 56 8.16 -8.88 -1.50
C LEU A 56 7.61 -9.97 -0.59
N SER A 57 7.50 -9.66 0.71
CA SER A 57 6.99 -10.62 1.67
C SER A 57 5.50 -10.40 1.92
N GLN A 58 4.76 -11.51 2.01
CA GLN A 58 3.33 -11.45 2.25
C GLN A 58 2.97 -10.27 3.15
N LEU A 59 3.84 -10.00 4.11
CA LEU A 59 3.63 -8.89 5.05
C LEU A 59 3.53 -7.57 4.31
N GLN A 60 4.51 -7.30 3.46
CA GLN A 60 4.54 -6.05 2.69
C GLN A 60 3.14 -5.68 2.21
N VAL A 61 2.63 -6.44 1.26
CA VAL A 61 1.30 -6.20 0.71
C VAL A 61 0.29 -5.96 1.82
N LYS A 62 0.20 -6.91 2.75
CA LYS A 62 -0.72 -6.79 3.87
C LYS A 62 -0.71 -5.38 4.46
N THR A 63 0.48 -4.87 4.70
CA THR A 63 0.64 -3.53 5.25
C THR A 63 0.43 -2.46 4.19
N TRP A 64 1.32 -2.43 3.21
CA TRP A 64 1.25 -1.46 2.12
C TRP A 64 -0.21 -1.21 1.72
N TYR A 65 -0.94 -2.28 1.48
CA TYR A 65 -2.34 -2.18 1.10
C TYR A 65 -3.17 -1.55 2.21
N GLN A 66 -3.39 -2.31 3.28
CA GLN A 66 -4.17 -1.83 4.42
C GLN A 66 -3.95 -0.33 4.64
N ASN A 67 -2.68 0.05 4.77
CA ASN A 67 -2.33 1.45 4.99
C ASN A 67 -2.83 2.32 3.83
N ARG A 68 -2.68 1.81 2.62
CA ARG A 68 -3.11 2.54 1.43
C ARG A 68 -4.62 2.78 1.46
N ARG A 69 -5.38 1.69 1.54
CA ARG A 69 -6.83 1.77 1.57
C ARG A 69 -7.29 2.96 2.43
N MET A 70 -6.81 3.00 3.67
CA MET A 70 -7.17 4.08 4.58
C MET A 70 -7.22 5.42 3.85
N LYS A 71 -6.14 5.75 3.16
CA LYS A 71 -6.07 7.01 2.41
C LYS A 71 -6.99 6.98 1.20
N TRP A 72 -6.98 5.86 0.48
CA TRP A 72 -7.81 5.71 -0.71
C TRP A 72 -9.26 6.10 -0.41
N LYS A 73 -9.77 5.63 0.73
CA LYS A 73 -11.14 5.92 1.14
C LYS A 73 -11.21 7.28 1.84
N LYS A 74 -11.77 8.27 1.14
CA LYS A 74 -11.91 9.60 1.69
C LYS A 74 -13.10 9.69 2.63
N SER A 75 -12.82 9.69 3.93
CA SER A 75 -13.88 9.76 4.94
C SER A 75 -14.21 11.21 5.28
N GLY A 76 -15.50 11.50 5.37
CA GLY A 76 -15.92 12.85 5.69
C GLY A 76 -16.51 12.96 7.09
N PRO A 77 -17.76 12.50 7.25
CA PRO A 77 -18.47 12.52 8.54
C PRO A 77 -17.87 11.56 9.55
N SER A 78 -17.85 11.96 10.81
CA SER A 78 -17.30 11.13 11.88
C SER A 78 -18.01 11.41 13.20
N SER A 79 -18.39 10.35 13.90
CA SER A 79 -19.08 10.48 15.18
C SER A 79 -18.65 9.37 16.14
N GLY A 80 -19.00 9.53 17.41
CA GLY A 80 -18.65 8.54 18.41
C GLY A 80 -19.66 7.40 18.47
N GLY A 1 11.36 -44.57 8.49
CA GLY A 1 11.44 -43.45 9.41
C GLY A 1 11.69 -42.14 8.71
N SER A 2 11.25 -41.04 9.32
CA SER A 2 11.42 -39.72 8.76
C SER A 2 12.46 -38.92 9.54
N SER A 3 13.29 -38.17 8.81
CA SER A 3 14.33 -37.36 9.43
C SER A 3 13.84 -35.94 9.68
N GLY A 4 13.50 -35.24 8.60
CA GLY A 4 13.01 -33.87 8.73
C GLY A 4 14.11 -32.85 8.47
N SER A 5 13.83 -31.90 7.59
CA SER A 5 14.79 -30.87 7.25
C SER A 5 14.50 -29.57 8.01
N SER A 6 15.14 -29.42 9.17
CA SER A 6 14.93 -28.24 10.01
C SER A 6 13.50 -27.74 9.91
N GLY A 7 12.56 -28.67 10.00
CA GLY A 7 11.15 -28.30 9.92
C GLY A 7 10.81 -27.09 10.76
N GLY A 8 10.35 -26.03 10.11
CA GLY A 8 10.00 -24.82 10.82
C GLY A 8 9.59 -23.69 9.89
N GLU A 9 9.47 -22.49 10.44
CA GLU A 9 9.08 -21.33 9.65
C GLU A 9 9.51 -20.03 10.32
N PRO A 10 9.81 -19.01 9.51
CA PRO A 10 10.25 -17.71 10.01
C PRO A 10 9.13 -16.94 10.70
N GLY A 11 9.45 -15.75 11.20
CA GLY A 11 8.46 -14.94 11.88
C GLY A 11 8.67 -13.46 11.67
N THR A 12 7.65 -12.78 11.16
CA THR A 12 7.73 -11.34 10.91
C THR A 12 7.42 -10.55 12.17
N LYS A 13 7.46 -9.22 12.05
CA LYS A 13 7.18 -8.34 13.17
C LYS A 13 7.04 -6.89 12.71
N ALA A 14 6.40 -6.08 13.54
CA ALA A 14 6.21 -4.67 13.21
C ALA A 14 5.55 -3.92 14.38
N LYS A 15 6.08 -2.74 14.68
CA LYS A 15 5.56 -1.93 15.77
C LYS A 15 5.02 -0.60 15.25
N LYS A 16 4.14 0.03 16.02
CA LYS A 16 3.55 1.31 15.63
C LYS A 16 4.61 2.41 15.62
N GLY A 17 4.22 3.58 15.16
CA GLY A 17 5.14 4.71 15.12
C GLY A 17 5.37 5.21 13.70
N ARG A 18 4.94 6.43 13.44
CA ARG A 18 5.10 7.03 12.11
C ARG A 18 6.56 7.38 11.84
N ARG A 19 7.40 6.36 11.70
CA ARG A 19 8.82 6.57 11.44
C ARG A 19 9.24 5.89 10.14
N SER A 20 10.10 6.56 9.40
CA SER A 20 10.57 6.03 8.12
C SER A 20 11.91 5.31 8.29
N ARG A 21 11.89 3.99 8.15
CA ARG A 21 13.10 3.20 8.28
C ARG A 21 13.57 2.68 6.93
N THR A 22 12.68 1.99 6.22
CA THR A 22 13.02 1.45 4.91
C THR A 22 11.91 1.76 3.89
N VAL A 23 12.31 2.24 2.72
CA VAL A 23 11.36 2.57 1.67
C VAL A 23 11.38 1.52 0.56
N PHE A 24 10.37 1.54 -0.29
CA PHE A 24 10.27 0.59 -1.40
C PHE A 24 11.00 1.13 -2.63
N THR A 25 11.58 0.22 -3.40
CA THR A 25 12.31 0.59 -4.60
C THR A 25 11.36 0.95 -5.73
N GLU A 26 11.86 1.71 -6.70
CA GLU A 26 11.05 2.13 -7.84
C GLU A 26 10.33 0.93 -8.47
N LEU A 27 11.05 -0.18 -8.60
CA LEU A 27 10.48 -1.39 -9.18
C LEU A 27 9.36 -1.94 -8.30
N GLN A 28 9.67 -2.19 -7.03
CA GLN A 28 8.70 -2.70 -6.09
C GLN A 28 7.44 -1.84 -6.07
N LEU A 29 7.62 -0.53 -5.99
CA LEU A 29 6.50 0.39 -5.96
C LEU A 29 5.71 0.33 -7.27
N MET A 30 6.41 0.18 -8.38
CA MET A 30 5.77 0.09 -9.69
C MET A 30 4.80 -1.09 -9.74
N GLY A 31 5.20 -2.20 -9.12
CA GLY A 31 4.36 -3.38 -9.10
C GLY A 31 3.29 -3.33 -8.02
N LEU A 32 3.69 -2.87 -6.84
CA LEU A 32 2.76 -2.78 -5.72
C LEU A 32 1.60 -1.84 -6.05
N GLU A 33 1.93 -0.67 -6.58
CA GLU A 33 0.91 0.32 -6.93
C GLU A 33 -0.02 -0.23 -8.03
N LYS A 34 0.57 -0.94 -8.99
CA LYS A 34 -0.19 -1.52 -10.08
C LYS A 34 -1.21 -2.52 -9.56
N ARG A 35 -0.73 -3.51 -8.81
CA ARG A 35 -1.60 -4.54 -8.25
C ARG A 35 -2.74 -3.92 -7.45
N PHE A 36 -2.39 -3.24 -6.37
CA PHE A 36 -3.38 -2.59 -5.52
C PHE A 36 -4.40 -1.82 -6.35
N GLU A 37 -3.91 -0.88 -7.15
CA GLU A 37 -4.78 -0.07 -8.01
C GLU A 37 -5.82 -0.95 -8.70
N LYS A 38 -5.35 -2.02 -9.32
CA LYS A 38 -6.24 -2.94 -10.03
C LYS A 38 -7.24 -3.58 -9.07
N GLN A 39 -6.72 -4.20 -8.01
CA GLN A 39 -7.56 -4.85 -7.01
C GLN A 39 -7.26 -4.32 -5.62
N LYS A 40 -8.30 -3.81 -4.95
CA LYS A 40 -8.15 -3.28 -3.60
C LYS A 40 -7.54 -4.31 -2.66
N TYR A 41 -7.64 -5.58 -3.05
CA TYR A 41 -7.11 -6.67 -2.25
C TYR A 41 -6.61 -7.81 -3.13
N LEU A 42 -5.97 -8.80 -2.51
CA LEU A 42 -5.45 -9.95 -3.24
C LEU A 42 -5.80 -11.25 -2.51
N SER A 43 -6.17 -12.27 -3.29
CA SER A 43 -6.52 -13.56 -2.71
C SER A 43 -5.33 -14.17 -1.97
N THR A 44 -5.58 -15.28 -1.28
CA THR A 44 -4.53 -15.96 -0.53
C THR A 44 -3.28 -16.16 -1.39
N PRO A 45 -3.45 -16.88 -2.51
CA PRO A 45 -2.34 -17.16 -3.44
C PRO A 45 -1.88 -15.91 -4.18
N ASP A 46 -2.83 -15.15 -4.69
CA ASP A 46 -2.52 -13.92 -5.42
C ASP A 46 -1.42 -13.13 -4.72
N ARG A 47 -1.64 -12.81 -3.45
CA ARG A 47 -0.68 -12.06 -2.67
C ARG A 47 0.69 -12.74 -2.68
N ILE A 48 0.68 -14.07 -2.64
CA ILE A 48 1.90 -14.85 -2.65
C ILE A 48 2.62 -14.74 -3.99
N ASP A 49 1.92 -15.10 -5.06
CA ASP A 49 2.48 -15.03 -6.41
C ASP A 49 3.23 -13.73 -6.62
N LEU A 50 2.57 -12.62 -6.32
CA LEU A 50 3.18 -11.30 -6.48
C LEU A 50 4.42 -11.17 -5.60
N ALA A 51 4.23 -11.23 -4.29
CA ALA A 51 5.33 -11.12 -3.34
C ALA A 51 6.55 -11.90 -3.84
N GLU A 52 6.30 -12.99 -4.55
CA GLU A 52 7.38 -13.82 -5.08
C GLU A 52 7.95 -13.22 -6.36
N SER A 53 7.07 -12.67 -7.19
CA SER A 53 7.48 -12.08 -8.45
C SER A 53 8.50 -10.96 -8.22
N LEU A 54 8.17 -10.05 -7.31
CA LEU A 54 9.05 -8.94 -6.98
C LEU A 54 10.06 -9.33 -5.90
N GLY A 55 9.74 -10.39 -5.16
CA GLY A 55 10.62 -10.85 -4.10
C GLY A 55 10.20 -10.36 -2.73
N LEU A 56 9.08 -9.64 -2.68
CA LEU A 56 8.56 -9.12 -1.43
C LEU A 56 7.95 -10.23 -0.58
N SER A 57 7.51 -9.87 0.62
CA SER A 57 6.90 -10.84 1.53
C SER A 57 5.39 -10.60 1.65
N GLN A 58 4.66 -11.65 2.00
CA GLN A 58 3.21 -11.56 2.15
C GLN A 58 2.83 -10.39 3.04
N LEU A 59 3.72 -10.02 3.96
CA LEU A 59 3.47 -8.91 4.87
C LEU A 59 3.42 -7.59 4.12
N GLN A 60 4.45 -7.32 3.32
CA GLN A 60 4.53 -6.09 2.55
C GLN A 60 3.16 -5.72 1.98
N VAL A 61 2.61 -6.61 1.16
CA VAL A 61 1.31 -6.38 0.55
C VAL A 61 0.26 -6.06 1.61
N LYS A 62 0.09 -6.95 2.57
CA LYS A 62 -0.87 -6.77 3.63
C LYS A 62 -0.79 -5.36 4.21
N THR A 63 0.34 -5.04 4.83
CA THR A 63 0.55 -3.73 5.42
C THR A 63 0.49 -2.63 4.36
N TRP A 64 1.42 -2.68 3.41
CA TRP A 64 1.47 -1.68 2.35
C TRP A 64 0.07 -1.31 1.88
N TYR A 65 -0.78 -2.33 1.70
CA TYR A 65 -2.15 -2.10 1.26
C TYR A 65 -2.94 -1.30 2.29
N GLN A 66 -3.11 -1.88 3.48
CA GLN A 66 -3.84 -1.23 4.55
C GLN A 66 -3.58 0.27 4.55
N ASN A 67 -2.30 0.64 4.64
CA ASN A 67 -1.91 2.04 4.65
C ASN A 67 -2.54 2.80 3.49
N ARG A 68 -2.62 2.13 2.34
CA ARG A 68 -3.20 2.74 1.14
C ARG A 68 -4.72 2.80 1.25
N ARG A 69 -5.31 1.76 1.84
CA ARG A 69 -6.76 1.70 2.02
C ARG A 69 -7.27 2.93 2.77
N MET A 70 -6.55 3.32 3.81
CA MET A 70 -6.94 4.48 4.61
C MET A 70 -7.31 5.66 3.71
N LYS A 71 -6.41 6.04 2.82
CA LYS A 71 -6.65 7.15 1.90
C LYS A 71 -7.80 6.83 0.96
N TRP A 72 -7.80 5.62 0.42
CA TRP A 72 -8.85 5.19 -0.49
C TRP A 72 -10.23 5.39 0.12
N LYS A 73 -10.35 5.06 1.40
CA LYS A 73 -11.62 5.21 2.12
C LYS A 73 -11.85 6.66 2.53
N LYS A 74 -13.10 7.11 2.43
CA LYS A 74 -13.46 8.47 2.79
C LYS A 74 -14.60 8.49 3.79
N SER A 75 -14.98 9.68 4.24
CA SER A 75 -16.06 9.83 5.21
C SER A 75 -17.41 9.91 4.50
N GLY A 76 -17.54 10.87 3.59
CA GLY A 76 -18.78 11.03 2.86
C GLY A 76 -19.07 12.49 2.51
N PRO A 77 -19.23 13.32 3.54
CA PRO A 77 -19.50 14.75 3.36
C PRO A 77 -18.30 15.51 2.80
N SER A 78 -18.46 16.03 1.58
CA SER A 78 -17.38 16.78 0.94
C SER A 78 -17.94 17.70 -0.15
N SER A 79 -17.10 18.62 -0.60
CA SER A 79 -17.51 19.57 -1.64
C SER A 79 -18.77 20.32 -1.23
N GLY A 80 -18.83 20.73 0.02
CA GLY A 80 -19.98 21.45 0.53
C GLY A 80 -21.05 20.53 1.07
N GLY A 1 34.66 28.52 12.12
CA GLY A 1 35.88 28.29 11.38
C GLY A 1 36.43 29.54 10.75
N SER A 2 37.37 29.38 9.82
CA SER A 2 37.98 30.51 9.14
C SER A 2 37.76 30.42 7.63
N SER A 3 37.62 31.57 6.99
CA SER A 3 37.40 31.63 5.55
C SER A 3 38.29 32.68 4.90
N GLY A 4 38.79 32.37 3.71
CA GLY A 4 39.66 33.30 3.00
C GLY A 4 39.52 33.19 1.49
N SER A 5 38.40 33.66 0.96
CA SER A 5 38.15 33.61 -0.47
C SER A 5 37.09 34.62 -0.87
N SER A 6 36.82 34.70 -2.17
CA SER A 6 35.83 35.64 -2.70
C SER A 6 35.02 35.01 -3.82
N GLY A 7 33.70 35.00 -3.65
CA GLY A 7 32.83 34.42 -4.66
C GLY A 7 31.49 33.99 -4.09
N GLY A 8 30.49 33.86 -4.96
CA GLY A 8 29.18 33.45 -4.52
C GLY A 8 28.09 33.84 -5.50
N GLU A 9 26.95 33.16 -5.42
CA GLU A 9 25.83 33.44 -6.31
C GLU A 9 24.50 33.30 -5.58
N PRO A 10 23.53 34.16 -5.95
CA PRO A 10 22.20 34.15 -5.33
C PRO A 10 21.39 32.90 -5.71
N GLY A 11 20.11 32.90 -5.36
CA GLY A 11 19.25 31.77 -5.68
C GLY A 11 18.32 31.43 -4.53
N THR A 12 17.04 31.71 -4.72
CA THR A 12 16.03 31.43 -3.70
C THR A 12 14.85 30.66 -4.28
N LYS A 13 14.89 29.34 -4.16
CA LYS A 13 13.82 28.49 -4.67
C LYS A 13 14.00 27.04 -4.20
N ALA A 14 13.11 26.60 -3.33
CA ALA A 14 13.17 25.24 -2.82
C ALA A 14 11.89 24.87 -2.08
N LYS A 15 11.45 23.63 -2.25
CA LYS A 15 10.23 23.15 -1.59
C LYS A 15 10.49 21.85 -0.84
N LYS A 16 10.92 21.97 0.41
CA LYS A 16 11.19 20.80 1.25
C LYS A 16 9.99 20.45 2.10
N GLY A 17 10.09 19.35 2.85
CA GLY A 17 9.00 18.91 3.70
C GLY A 17 8.33 17.66 3.18
N ARG A 18 8.87 16.50 3.55
CA ARG A 18 8.32 15.23 3.12
C ARG A 18 8.76 14.10 4.04
N ARG A 19 7.82 13.24 4.42
CA ARG A 19 8.12 12.11 5.30
C ARG A 19 8.09 10.80 4.53
N SER A 20 9.15 10.00 4.69
CA SER A 20 9.24 8.72 4.01
C SER A 20 9.11 7.57 5.00
N ARG A 21 8.06 6.76 4.84
CA ARG A 21 7.83 5.63 5.72
C ARG A 21 7.94 4.30 4.96
N THR A 22 7.30 4.25 3.79
CA THR A 22 7.34 3.05 2.97
C THR A 22 8.77 2.64 2.65
N VAL A 23 9.07 1.36 2.86
CA VAL A 23 10.40 0.83 2.60
C VAL A 23 10.45 0.14 1.24
N PHE A 24 9.73 0.68 0.27
CA PHE A 24 9.69 0.11 -1.07
C PHE A 24 10.37 1.03 -2.07
N THR A 25 10.99 0.45 -3.09
CA THR A 25 11.68 1.22 -4.12
C THR A 25 10.77 1.45 -5.32
N GLU A 26 11.05 2.51 -6.08
CA GLU A 26 10.27 2.84 -7.27
C GLU A 26 9.79 1.57 -7.97
N LEU A 27 10.69 0.61 -8.14
CA LEU A 27 10.37 -0.64 -8.80
C LEU A 27 9.21 -1.34 -8.09
N GLN A 28 9.48 -1.82 -6.88
CA GLN A 28 8.46 -2.51 -6.10
C GLN A 28 7.17 -1.70 -6.05
N LEU A 29 7.29 -0.41 -5.74
CA LEU A 29 6.13 0.47 -5.66
C LEU A 29 5.35 0.46 -6.96
N MET A 30 6.08 0.56 -8.07
CA MET A 30 5.46 0.55 -9.40
C MET A 30 4.57 -0.68 -9.59
N GLY A 31 5.08 -1.83 -9.16
CA GLY A 31 4.31 -3.06 -9.29
C GLY A 31 3.20 -3.17 -8.26
N LEU A 32 3.49 -2.73 -7.04
CA LEU A 32 2.49 -2.78 -5.97
C LEU A 32 1.28 -1.92 -6.30
N GLU A 33 1.54 -0.69 -6.73
CA GLU A 33 0.47 0.24 -7.07
C GLU A 33 -0.37 -0.32 -8.23
N LYS A 34 0.28 -1.05 -9.13
CA LYS A 34 -0.40 -1.63 -10.27
C LYS A 34 -1.40 -2.71 -9.83
N ARG A 35 -0.91 -3.65 -9.02
CA ARG A 35 -1.76 -4.73 -8.52
C ARG A 35 -2.87 -4.19 -7.64
N PHE A 36 -2.48 -3.55 -6.53
CA PHE A 36 -3.46 -2.98 -5.60
C PHE A 36 -4.56 -2.25 -6.35
N GLU A 37 -4.17 -1.33 -7.23
CA GLU A 37 -5.13 -0.56 -8.01
C GLU A 37 -6.18 -1.47 -8.65
N LYS A 38 -5.71 -2.49 -9.35
CA LYS A 38 -6.59 -3.44 -10.01
C LYS A 38 -7.42 -4.22 -8.99
N GLN A 39 -6.73 -4.95 -8.12
CA GLN A 39 -7.39 -5.73 -7.08
C GLN A 39 -7.22 -5.10 -5.71
N LYS A 40 -8.29 -4.49 -5.21
CA LYS A 40 -8.26 -3.83 -3.91
C LYS A 40 -7.66 -4.76 -2.85
N TYR A 41 -7.94 -6.06 -2.98
CA TYR A 41 -7.43 -7.04 -2.04
C TYR A 41 -7.15 -8.37 -2.73
N LEU A 42 -5.89 -8.80 -2.71
CA LEU A 42 -5.50 -10.05 -3.34
C LEU A 42 -5.92 -11.24 -2.48
N SER A 43 -6.04 -12.41 -3.12
CA SER A 43 -6.43 -13.63 -2.42
C SER A 43 -5.27 -14.18 -1.60
N THR A 44 -5.50 -15.34 -0.99
CA THR A 44 -4.46 -15.98 -0.17
C THR A 44 -3.21 -16.25 -0.99
N PRO A 45 -3.36 -17.02 -2.08
CA PRO A 45 -2.24 -17.36 -2.97
C PRO A 45 -1.75 -16.16 -3.77
N ASP A 46 -2.70 -15.38 -4.28
CA ASP A 46 -2.36 -14.20 -5.07
C ASP A 46 -1.21 -13.42 -4.42
N ARG A 47 -1.43 -12.98 -3.19
CA ARG A 47 -0.42 -12.23 -2.46
C ARG A 47 0.96 -12.87 -2.62
N ILE A 48 0.98 -14.19 -2.64
CA ILE A 48 2.24 -14.93 -2.78
C ILE A 48 2.81 -14.77 -4.19
N ASP A 49 2.06 -15.22 -5.18
CA ASP A 49 2.49 -15.13 -6.56
C ASP A 49 3.16 -13.78 -6.84
N LEU A 50 2.60 -12.73 -6.27
CA LEU A 50 3.15 -11.38 -6.44
C LEU A 50 4.43 -11.20 -5.63
N ALA A 51 4.32 -11.41 -4.33
CA ALA A 51 5.48 -11.28 -3.44
C ALA A 51 6.68 -12.02 -3.99
N GLU A 52 6.44 -12.96 -4.89
CA GLU A 52 7.51 -13.74 -5.50
C GLU A 52 8.04 -13.05 -6.76
N SER A 53 7.16 -12.35 -7.45
CA SER A 53 7.54 -11.64 -8.67
C SER A 53 8.50 -10.50 -8.37
N LEU A 54 8.15 -9.69 -7.38
CA LEU A 54 8.97 -8.56 -6.99
C LEU A 54 10.01 -8.97 -5.95
N GLY A 55 9.69 -10.03 -5.19
CA GLY A 55 10.61 -10.51 -4.18
C GLY A 55 10.31 -9.93 -2.81
N LEU A 56 9.07 -9.51 -2.60
CA LEU A 56 8.65 -8.94 -1.32
C LEU A 56 8.12 -10.01 -0.39
N SER A 57 7.73 -9.60 0.81
CA SER A 57 7.20 -10.53 1.81
C SER A 57 5.68 -10.43 1.90
N GLN A 58 5.01 -11.58 1.89
CA GLN A 58 3.55 -11.60 1.98
C GLN A 58 3.04 -10.48 2.86
N LEU A 59 3.66 -10.30 4.03
CA LEU A 59 3.26 -9.26 4.96
C LEU A 59 3.17 -7.91 4.26
N GLN A 60 4.25 -7.52 3.58
CA GLN A 60 4.30 -6.25 2.87
C GLN A 60 2.96 -5.95 2.22
N VAL A 61 2.60 -6.75 1.21
CA VAL A 61 1.34 -6.56 0.51
C VAL A 61 0.17 -6.43 1.48
N LYS A 62 0.20 -7.24 2.53
CA LYS A 62 -0.86 -7.22 3.54
C LYS A 62 -0.95 -5.84 4.20
N THR A 63 0.13 -5.42 4.84
CA THR A 63 0.18 -4.12 5.51
C THR A 63 0.11 -2.99 4.50
N TRP A 64 1.09 -2.93 3.61
CA TRP A 64 1.14 -1.89 2.59
C TRP A 64 -0.26 -1.57 2.07
N TYR A 65 -1.01 -2.60 1.72
CA TYR A 65 -2.37 -2.43 1.21
C TYR A 65 -3.22 -1.63 2.19
N GLN A 66 -3.47 -2.22 3.36
CA GLN A 66 -4.28 -1.57 4.38
C GLN A 66 -3.89 -0.10 4.51
N ASN A 67 -2.60 0.15 4.71
CA ASN A 67 -2.11 1.52 4.86
C ASN A 67 -2.50 2.38 3.66
N ARG A 68 -2.33 1.82 2.46
CA ARG A 68 -2.66 2.54 1.23
C ARG A 68 -4.13 2.95 1.22
N ARG A 69 -4.99 2.08 1.74
CA ARG A 69 -6.41 2.35 1.80
C ARG A 69 -6.68 3.73 2.41
N MET A 70 -6.04 4.01 3.54
CA MET A 70 -6.21 5.28 4.22
C MET A 70 -6.20 6.43 3.23
N LYS A 71 -5.11 6.55 2.47
CA LYS A 71 -4.98 7.62 1.48
C LYS A 71 -6.01 7.45 0.36
N TRP A 72 -6.24 6.20 -0.04
CA TRP A 72 -7.20 5.90 -1.09
C TRP A 72 -8.59 6.44 -0.74
N LYS A 73 -8.93 6.37 0.54
CA LYS A 73 -10.23 6.84 1.00
C LYS A 73 -10.48 8.27 0.54
N LYS A 74 -11.56 8.47 -0.21
CA LYS A 74 -11.90 9.80 -0.71
C LYS A 74 -11.80 10.85 0.39
N SER A 75 -12.46 10.59 1.51
CA SER A 75 -12.44 11.52 2.64
C SER A 75 -11.69 10.92 3.83
N GLY A 76 -11.50 11.72 4.86
CA GLY A 76 -10.79 11.25 6.04
C GLY A 76 -11.35 11.84 7.32
N PRO A 77 -10.53 11.84 8.38
CA PRO A 77 -10.91 12.38 9.69
C PRO A 77 -11.05 13.89 9.67
N SER A 78 -10.73 14.50 8.53
CA SER A 78 -10.81 15.94 8.39
C SER A 78 -12.09 16.49 9.01
N SER A 79 -11.96 17.15 10.16
CA SER A 79 -13.10 17.71 10.86
C SER A 79 -13.59 18.97 10.15
N GLY A 80 -14.84 19.36 10.46
CA GLY A 80 -15.42 20.55 9.85
C GLY A 80 -15.52 21.69 10.82
N GLY A 1 -29.91 -29.12 1.77
CA GLY A 1 -28.50 -28.83 1.91
C GLY A 1 -28.24 -27.39 2.29
N SER A 2 -26.97 -27.04 2.47
CA SER A 2 -26.59 -25.68 2.84
C SER A 2 -25.22 -25.33 2.28
N SER A 3 -24.97 -24.04 2.11
CA SER A 3 -23.70 -23.57 1.58
C SER A 3 -23.14 -22.43 2.43
N GLY A 4 -23.90 -21.34 2.53
CA GLY A 4 -23.48 -20.20 3.31
C GLY A 4 -22.94 -19.07 2.44
N SER A 5 -21.62 -18.97 2.35
CA SER A 5 -20.99 -17.92 1.55
C SER A 5 -21.25 -16.54 2.15
N SER A 6 -21.12 -16.45 3.47
CA SER A 6 -21.35 -15.20 4.17
C SER A 6 -20.02 -14.54 4.58
N GLY A 7 -20.09 -13.29 5.01
CA GLY A 7 -18.90 -12.58 5.42
C GLY A 7 -19.19 -11.50 6.45
N GLY A 8 -18.14 -10.80 6.88
CA GLY A 8 -18.31 -9.75 7.87
C GLY A 8 -17.11 -8.82 7.94
N GLU A 9 -17.37 -7.52 7.87
CA GLU A 9 -16.32 -6.52 7.92
C GLU A 9 -16.60 -5.48 9.00
N PRO A 10 -16.34 -5.85 10.26
CA PRO A 10 -16.56 -4.97 11.41
C PRO A 10 -15.56 -3.80 11.43
N GLY A 11 -15.97 -2.70 12.06
CA GLY A 11 -15.10 -1.54 12.16
C GLY A 11 -14.17 -1.60 13.35
N THR A 12 -12.87 -1.50 13.09
CA THR A 12 -11.87 -1.56 14.14
C THR A 12 -10.89 -0.39 14.04
N LYS A 13 -10.82 0.41 15.09
CA LYS A 13 -9.93 1.57 15.11
C LYS A 13 -8.59 1.24 14.43
N ALA A 14 -8.23 -0.04 14.45
CA ALA A 14 -6.99 -0.49 13.83
C ALA A 14 -5.89 0.57 13.99
N LYS A 15 -5.69 1.04 15.22
CA LYS A 15 -4.68 2.04 15.50
C LYS A 15 -3.56 1.46 16.37
N LYS A 16 -3.10 0.27 16.01
CA LYS A 16 -2.03 -0.39 16.75
C LYS A 16 -0.90 0.58 17.07
N GLY A 17 -0.44 1.30 16.05
CA GLY A 17 0.64 2.26 16.24
C GLY A 17 1.37 2.56 14.95
N ARG A 18 2.40 3.40 15.05
CA ARG A 18 3.20 3.78 13.88
C ARG A 18 4.66 3.38 14.07
N ARG A 19 5.03 2.22 13.56
CA ARG A 19 6.40 1.73 13.68
C ARG A 19 6.64 0.56 12.73
N SER A 20 7.62 0.71 11.85
CA SER A 20 7.95 -0.33 10.89
C SER A 20 9.19 0.05 10.07
N ARG A 21 10.27 -0.69 10.29
CA ARG A 21 11.52 -0.44 9.58
C ARG A 21 11.57 -1.20 8.26
N THR A 22 11.36 -0.48 7.16
CA THR A 22 11.38 -1.09 5.84
C THR A 22 11.23 -0.04 4.75
N VAL A 23 11.81 -0.31 3.58
CA VAL A 23 11.75 0.61 2.46
C VAL A 23 11.61 -0.14 1.13
N PHE A 24 10.72 0.33 0.28
CA PHE A 24 10.49 -0.30 -1.02
C PHE A 24 11.24 0.45 -2.12
N THR A 25 11.53 -0.25 -3.21
CA THR A 25 12.23 0.35 -4.34
C THR A 25 11.26 0.86 -5.39
N GLU A 26 11.72 1.80 -6.22
CA GLU A 26 10.89 2.37 -7.27
C GLU A 26 10.12 1.27 -8.00
N LEU A 27 10.79 0.15 -8.25
CA LEU A 27 10.17 -0.97 -8.95
C LEU A 27 9.06 -1.59 -8.10
N GLN A 28 9.39 -1.94 -6.86
CA GLN A 28 8.42 -2.54 -5.95
C GLN A 28 7.19 -1.65 -5.80
N LEU A 29 7.43 -0.35 -5.62
CA LEU A 29 6.33 0.60 -5.47
C LEU A 29 5.51 0.70 -6.74
N MET A 30 6.18 0.69 -7.88
CA MET A 30 5.51 0.78 -9.17
C MET A 30 4.58 -0.42 -9.38
N GLY A 31 5.02 -1.59 -8.94
CA GLY A 31 4.22 -2.79 -9.08
C GLY A 31 3.12 -2.88 -8.04
N LEU A 32 3.49 -2.73 -6.77
CA LEU A 32 2.54 -2.79 -5.68
C LEU A 32 1.33 -1.90 -5.96
N GLU A 33 1.58 -0.77 -6.61
CA GLU A 33 0.52 0.17 -6.94
C GLU A 33 -0.33 -0.35 -8.11
N LYS A 34 0.31 -1.10 -8.99
CA LYS A 34 -0.38 -1.65 -10.16
C LYS A 34 -1.27 -2.82 -9.76
N ARG A 35 -0.85 -3.56 -8.75
CA ARG A 35 -1.61 -4.71 -8.27
C ARG A 35 -2.72 -4.26 -7.32
N PHE A 36 -2.39 -3.33 -6.42
CA PHE A 36 -3.35 -2.82 -5.46
C PHE A 36 -4.51 -2.12 -6.16
N GLU A 37 -4.18 -1.14 -6.99
CA GLU A 37 -5.18 -0.38 -7.72
C GLU A 37 -6.20 -1.32 -8.36
N LYS A 38 -5.71 -2.33 -9.06
CA LYS A 38 -6.58 -3.30 -9.72
C LYS A 38 -7.28 -4.19 -8.70
N GLN A 39 -6.49 -4.94 -7.93
CA GLN A 39 -7.03 -5.83 -6.92
C GLN A 39 -6.93 -5.20 -5.54
N LYS A 40 -8.02 -4.55 -5.12
CA LYS A 40 -8.06 -3.90 -3.81
C LYS A 40 -7.48 -4.81 -2.73
N TYR A 41 -7.62 -6.11 -2.92
CA TYR A 41 -7.10 -7.10 -1.97
C TYR A 41 -6.69 -8.38 -2.67
N LEU A 42 -5.39 -8.67 -2.67
CA LEU A 42 -4.87 -9.86 -3.30
C LEU A 42 -5.20 -11.11 -2.48
N SER A 43 -5.90 -12.05 -3.10
CA SER A 43 -6.28 -13.29 -2.42
C SER A 43 -5.08 -13.92 -1.74
N THR A 44 -5.34 -14.98 -0.97
CA THR A 44 -4.28 -15.67 -0.24
C THR A 44 -3.12 -16.01 -1.17
N PRO A 45 -3.40 -16.78 -2.23
CA PRO A 45 -2.40 -17.19 -3.21
C PRO A 45 -1.92 -16.02 -4.07
N ASP A 46 -2.83 -15.14 -4.42
CA ASP A 46 -2.50 -13.98 -5.24
C ASP A 46 -1.40 -13.16 -4.59
N ARG A 47 -1.56 -12.87 -3.30
CA ARG A 47 -0.57 -12.08 -2.57
C ARG A 47 0.81 -12.72 -2.66
N ILE A 48 0.85 -14.04 -2.54
CA ILE A 48 2.12 -14.77 -2.62
C ILE A 48 2.73 -14.67 -4.01
N ASP A 49 2.01 -15.19 -5.00
CA ASP A 49 2.49 -15.14 -6.38
C ASP A 49 3.16 -13.81 -6.68
N LEU A 50 2.54 -12.73 -6.24
CA LEU A 50 3.08 -11.39 -6.47
C LEU A 50 4.38 -11.19 -5.69
N ALA A 51 4.32 -11.40 -4.37
CA ALA A 51 5.48 -11.24 -3.52
C ALA A 51 6.68 -12.00 -4.10
N GLU A 52 6.42 -12.95 -4.98
CA GLU A 52 7.47 -13.74 -5.59
C GLU A 52 7.97 -13.08 -6.87
N SER A 53 7.07 -12.40 -7.57
CA SER A 53 7.43 -11.72 -8.81
C SER A 53 8.19 -10.43 -8.54
N LEU A 54 7.71 -9.67 -7.56
CA LEU A 54 8.35 -8.41 -7.20
C LEU A 54 9.51 -8.65 -6.24
N GLY A 55 9.45 -9.76 -5.50
CA GLY A 55 10.50 -10.07 -4.55
C GLY A 55 10.15 -9.67 -3.13
N LEU A 56 8.88 -9.31 -2.92
CA LEU A 56 8.43 -8.90 -1.60
C LEU A 56 7.82 -10.07 -0.84
N SER A 57 7.43 -9.82 0.41
CA SER A 57 6.84 -10.86 1.25
C SER A 57 5.33 -10.66 1.39
N GLN A 58 4.67 -11.63 2.00
CA GLN A 58 3.23 -11.56 2.20
C GLN A 58 2.86 -10.40 3.13
N LEU A 59 3.84 -9.94 3.89
CA LEU A 59 3.62 -8.83 4.83
C LEU A 59 3.53 -7.50 4.09
N GLN A 60 4.56 -7.19 3.31
CA GLN A 60 4.60 -5.95 2.55
C GLN A 60 3.24 -5.64 1.95
N VAL A 61 2.76 -6.52 1.08
CA VAL A 61 1.46 -6.33 0.43
C VAL A 61 0.35 -6.15 1.47
N LYS A 62 0.28 -7.08 2.42
CA LYS A 62 -0.73 -7.02 3.47
C LYS A 62 -0.75 -5.64 4.12
N THR A 63 0.34 -5.29 4.80
CA THR A 63 0.43 -4.00 5.48
C THR A 63 0.28 -2.85 4.49
N TRP A 64 1.21 -2.77 3.53
CA TRP A 64 1.18 -1.73 2.52
C TRP A 64 -0.25 -1.45 2.07
N TYR A 65 -0.97 -2.51 1.72
CA TYR A 65 -2.35 -2.39 1.26
C TYR A 65 -3.20 -1.65 2.30
N GLN A 66 -3.24 -2.20 3.50
CA GLN A 66 -4.02 -1.58 4.58
C GLN A 66 -3.86 -0.07 4.58
N ASN A 67 -2.61 0.38 4.51
CA ASN A 67 -2.33 1.81 4.52
C ASN A 67 -2.83 2.47 3.24
N ARG A 68 -2.53 1.85 2.10
CA ARG A 68 -2.95 2.37 0.80
C ARG A 68 -4.44 2.71 0.82
N ARG A 69 -5.20 1.96 1.59
CA ARG A 69 -6.64 2.17 1.70
C ARG A 69 -6.94 3.44 2.48
N MET A 70 -6.22 3.65 3.57
CA MET A 70 -6.41 4.82 4.41
C MET A 70 -6.48 6.09 3.56
N LYS A 71 -5.75 6.09 2.45
CA LYS A 71 -5.72 7.24 1.55
C LYS A 71 -6.75 7.08 0.43
N TRP A 72 -6.71 5.92 -0.22
CA TRP A 72 -7.63 5.63 -1.32
C TRP A 72 -9.07 5.93 -0.91
N LYS A 73 -9.48 5.40 0.24
CA LYS A 73 -10.83 5.62 0.74
C LYS A 73 -11.33 7.00 0.37
N LYS A 74 -12.55 7.05 -0.16
CA LYS A 74 -13.17 8.32 -0.55
C LYS A 74 -14.38 8.62 0.31
N SER A 75 -14.24 9.58 1.21
CA SER A 75 -15.34 9.97 2.10
C SER A 75 -15.24 11.45 2.46
N GLY A 76 -16.35 12.15 2.32
CA GLY A 76 -16.39 13.58 2.63
C GLY A 76 -17.53 14.29 1.96
N PRO A 77 -17.26 14.89 0.79
CA PRO A 77 -18.27 15.63 0.02
C PRO A 77 -19.32 14.72 -0.58
N SER A 78 -20.57 15.15 -0.54
CA SER A 78 -21.68 14.36 -1.08
C SER A 78 -21.86 14.65 -2.57
N SER A 79 -21.03 14.00 -3.39
CA SER A 79 -21.10 14.19 -4.84
C SER A 79 -21.28 15.66 -5.19
N GLY A 80 -20.65 16.53 -4.42
CA GLY A 80 -20.76 17.96 -4.68
C GLY A 80 -19.41 18.66 -4.58
N GLY A 1 -28.09 -29.69 -11.07
CA GLY A 1 -27.63 -28.44 -10.47
C GLY A 1 -26.35 -28.60 -9.68
N SER A 2 -25.46 -27.63 -9.80
CA SER A 2 -24.18 -27.67 -9.10
C SER A 2 -23.73 -26.26 -8.71
N SER A 3 -23.65 -26.02 -7.40
CA SER A 3 -23.24 -24.71 -6.90
C SER A 3 -22.07 -24.86 -5.91
N GLY A 4 -21.54 -23.73 -5.47
CA GLY A 4 -20.44 -23.74 -4.53
C GLY A 4 -20.71 -22.91 -3.30
N SER A 5 -19.65 -22.36 -2.70
CA SER A 5 -19.79 -21.54 -1.50
C SER A 5 -18.45 -20.88 -1.15
N SER A 6 -18.48 -20.03 -0.13
CA SER A 6 -17.28 -19.33 0.31
C SER A 6 -17.49 -18.71 1.69
N GLY A 7 -16.43 -18.09 2.22
CA GLY A 7 -16.52 -17.47 3.52
C GLY A 7 -15.55 -16.31 3.68
N GLY A 8 -15.26 -15.94 4.92
CA GLY A 8 -14.34 -14.85 5.18
C GLY A 8 -14.88 -13.89 6.23
N GLU A 9 -14.05 -13.59 7.23
CA GLU A 9 -14.43 -12.69 8.30
C GLU A 9 -13.21 -11.98 8.88
N PRO A 10 -13.40 -10.73 9.31
CA PRO A 10 -12.33 -9.92 9.90
C PRO A 10 -11.91 -10.43 11.28
N GLY A 11 -10.96 -9.73 11.90
CA GLY A 11 -10.49 -10.13 13.21
C GLY A 11 -10.56 -9.01 14.22
N THR A 12 -9.62 -8.98 15.16
CA THR A 12 -9.59 -7.96 16.18
C THR A 12 -8.15 -7.57 16.53
N LYS A 13 -7.79 -6.32 16.22
CA LYS A 13 -6.45 -5.82 16.48
C LYS A 13 -6.36 -4.33 16.21
N ALA A 14 -6.11 -3.55 17.27
CA ALA A 14 -6.00 -2.10 17.14
C ALA A 14 -4.55 -1.66 17.14
N LYS A 15 -4.08 -1.17 16.00
CA LYS A 15 -2.71 -0.71 15.86
C LYS A 15 -2.66 0.75 15.44
N LYS A 16 -1.69 1.49 15.97
CA LYS A 16 -1.53 2.90 15.65
C LYS A 16 -0.32 3.12 14.75
N GLY A 17 -0.51 2.93 13.44
CA GLY A 17 0.58 3.11 12.50
C GLY A 17 1.90 2.59 13.03
N ARG A 18 2.15 1.30 12.86
CA ARG A 18 3.38 0.68 13.34
C ARG A 18 4.59 1.40 12.77
N ARG A 19 5.28 2.15 13.62
CA ARG A 19 6.46 2.90 13.21
C ARG A 19 7.61 1.95 12.85
N SER A 20 7.72 1.63 11.56
CA SER A 20 8.78 0.73 11.10
C SER A 20 9.66 1.42 10.08
N ARG A 21 10.65 0.68 9.55
CA ARG A 21 11.57 1.23 8.57
C ARG A 21 11.43 0.50 7.23
N THR A 22 10.19 0.27 6.82
CA THR A 22 9.91 -0.41 5.56
C THR A 22 10.04 0.53 4.38
N VAL A 23 10.98 0.23 3.48
CA VAL A 23 11.21 1.06 2.30
C VAL A 23 11.13 0.23 1.03
N PHE A 24 10.40 0.75 0.04
CA PHE A 24 10.24 0.06 -1.23
C PHE A 24 11.01 0.77 -2.34
N THR A 25 11.32 0.04 -3.41
CA THR A 25 12.05 0.61 -4.54
C THR A 25 11.13 0.89 -5.71
N GLU A 26 11.42 1.94 -6.46
CA GLU A 26 10.62 2.32 -7.61
C GLU A 26 10.07 1.08 -8.31
N LEU A 27 10.86 0.01 -8.33
CA LEU A 27 10.45 -1.23 -8.96
C LEU A 27 9.35 -1.93 -8.17
N GLN A 28 9.63 -2.22 -6.91
CA GLN A 28 8.67 -2.88 -6.04
C GLN A 28 7.35 -2.10 -6.00
N LEU A 29 7.46 -0.78 -5.83
CA LEU A 29 6.28 0.08 -5.76
C LEU A 29 5.49 0.00 -7.07
N MET A 30 6.21 0.01 -8.19
CA MET A 30 5.57 -0.06 -9.50
C MET A 30 4.58 -1.22 -9.57
N GLY A 31 4.95 -2.34 -8.98
CA GLY A 31 4.09 -3.51 -8.98
C GLY A 31 3.00 -3.43 -7.92
N LEU A 32 3.38 -3.06 -6.71
CA LEU A 32 2.43 -2.94 -5.61
C LEU A 32 1.29 -1.99 -5.98
N GLU A 33 1.64 -0.83 -6.52
CA GLU A 33 0.65 0.16 -6.92
C GLU A 33 -0.24 -0.37 -8.04
N LYS A 34 0.39 -1.00 -9.03
CA LYS A 34 -0.34 -1.56 -10.16
C LYS A 34 -1.39 -2.56 -9.69
N ARG A 35 -0.95 -3.56 -8.94
CA ARG A 35 -1.86 -4.59 -8.42
C ARG A 35 -2.90 -3.96 -7.49
N PHE A 36 -2.44 -3.24 -6.48
CA PHE A 36 -3.34 -2.61 -5.53
C PHE A 36 -4.43 -1.83 -6.25
N GLU A 37 -4.05 -1.08 -7.27
CA GLU A 37 -5.00 -0.30 -8.04
C GLU A 37 -6.04 -1.19 -8.71
N LYS A 38 -5.56 -2.18 -9.46
CA LYS A 38 -6.44 -3.11 -10.16
C LYS A 38 -7.40 -3.79 -9.18
N GLN A 39 -6.83 -4.48 -8.19
CA GLN A 39 -7.63 -5.17 -7.19
C GLN A 39 -7.33 -4.64 -5.80
N LYS A 40 -8.25 -3.84 -5.26
CA LYS A 40 -8.09 -3.27 -3.93
C LYS A 40 -7.44 -4.27 -2.98
N TYR A 41 -7.65 -5.55 -3.24
CA TYR A 41 -7.08 -6.61 -2.41
C TYR A 41 -6.45 -7.69 -3.27
N LEU A 42 -5.96 -8.75 -2.62
CA LEU A 42 -5.33 -9.85 -3.32
C LEU A 42 -5.66 -11.19 -2.66
N SER A 43 -5.88 -12.20 -3.48
CA SER A 43 -6.22 -13.54 -2.98
C SER A 43 -5.02 -14.16 -2.25
N THR A 44 -5.28 -15.22 -1.51
CA THR A 44 -4.22 -15.90 -0.76
C THR A 44 -3.02 -16.18 -1.65
N PRO A 45 -3.24 -16.93 -2.74
CA PRO A 45 -2.18 -17.27 -3.70
C PRO A 45 -1.71 -16.07 -4.50
N ASP A 46 -2.56 -15.04 -4.58
CA ASP A 46 -2.22 -13.83 -5.32
C ASP A 46 -1.06 -13.10 -4.66
N ARG A 47 -1.17 -12.88 -3.36
CA ARG A 47 -0.14 -12.18 -2.61
C ARG A 47 1.17 -12.97 -2.64
N ILE A 48 1.08 -14.29 -2.59
CA ILE A 48 2.25 -15.14 -2.61
C ILE A 48 2.90 -15.13 -4.00
N ASP A 49 2.09 -15.23 -5.04
CA ASP A 49 2.59 -15.22 -6.41
C ASP A 49 3.21 -13.88 -6.75
N LEU A 50 2.61 -12.80 -6.27
CA LEU A 50 3.10 -11.45 -6.53
C LEU A 50 4.37 -11.18 -5.72
N ALA A 51 4.29 -11.37 -4.41
CA ALA A 51 5.43 -11.14 -3.54
C ALA A 51 6.67 -11.87 -4.05
N GLU A 52 6.44 -13.01 -4.72
CA GLU A 52 7.54 -13.81 -5.26
C GLU A 52 8.09 -13.17 -6.54
N SER A 53 7.21 -12.51 -7.29
CA SER A 53 7.60 -11.87 -8.54
C SER A 53 8.42 -10.61 -8.27
N LEU A 54 7.91 -9.77 -7.37
CA LEU A 54 8.58 -8.52 -7.02
C LEU A 54 9.69 -8.77 -6.00
N GLY A 55 9.56 -9.86 -5.26
CA GLY A 55 10.55 -10.19 -4.25
C GLY A 55 10.27 -9.54 -2.92
N LEU A 56 9.00 -9.37 -2.61
CA LEU A 56 8.60 -8.74 -1.35
C LEU A 56 8.05 -9.77 -0.38
N SER A 57 7.70 -9.32 0.83
CA SER A 57 7.17 -10.22 1.85
C SER A 57 5.65 -10.10 1.93
N GLN A 58 4.97 -11.24 1.93
CA GLN A 58 3.52 -11.26 2.00
C GLN A 58 3.01 -10.16 2.91
N LEU A 59 3.79 -9.82 3.93
CA LEU A 59 3.41 -8.78 4.88
C LEU A 59 3.34 -7.42 4.20
N GLN A 60 4.37 -7.09 3.44
CA GLN A 60 4.42 -5.81 2.73
C GLN A 60 3.07 -5.50 2.09
N VAL A 61 2.62 -6.38 1.21
CA VAL A 61 1.35 -6.20 0.52
C VAL A 61 0.21 -6.01 1.52
N LYS A 62 0.12 -6.91 2.49
CA LYS A 62 -0.91 -6.84 3.51
C LYS A 62 -0.97 -5.45 4.15
N THR A 63 0.10 -5.08 4.84
CA THR A 63 0.17 -3.78 5.49
C THR A 63 0.14 -2.64 4.46
N TRP A 64 1.13 -2.63 3.57
CA TRP A 64 1.23 -1.61 2.55
C TRP A 64 -0.16 -1.25 2.01
N TYR A 65 -0.95 -2.27 1.69
CA TYR A 65 -2.30 -2.06 1.17
C TYR A 65 -3.15 -1.29 2.16
N GLN A 66 -3.26 -1.80 3.38
CA GLN A 66 -4.05 -1.16 4.42
C GLN A 66 -3.68 0.32 4.54
N ASN A 67 -2.38 0.60 4.57
CA ASN A 67 -1.89 1.97 4.68
C ASN A 67 -2.31 2.80 3.48
N ARG A 68 -2.70 2.12 2.41
CA ARG A 68 -3.13 2.80 1.19
C ARG A 68 -4.64 3.00 1.18
N ARG A 69 -5.38 1.92 1.42
CA ARG A 69 -6.84 1.98 1.43
C ARG A 69 -7.32 3.06 2.40
N MET A 70 -6.61 3.22 3.51
CA MET A 70 -6.97 4.22 4.51
C MET A 70 -6.95 5.62 3.91
N LYS A 71 -5.91 5.91 3.14
CA LYS A 71 -5.78 7.23 2.51
C LYS A 71 -6.64 7.32 1.26
N TRP A 72 -6.99 6.16 0.69
CA TRP A 72 -7.82 6.11 -0.50
C TRP A 72 -9.28 6.36 -0.16
N LYS A 73 -9.74 5.76 0.93
CA LYS A 73 -11.12 5.92 1.38
C LYS A 73 -11.50 7.40 1.46
N LYS A 74 -12.49 7.80 0.65
CA LYS A 74 -12.95 9.18 0.64
C LYS A 74 -13.39 9.62 2.04
N SER A 75 -14.24 8.81 2.66
CA SER A 75 -14.74 9.12 3.99
C SER A 75 -13.85 8.52 5.07
N GLY A 76 -12.56 8.86 5.01
CA GLY A 76 -11.61 8.35 5.98
C GLY A 76 -11.37 9.32 7.12
N PRO A 77 -11.16 8.79 8.34
CA PRO A 77 -10.91 9.59 9.52
C PRO A 77 -9.55 10.27 9.50
N SER A 78 -8.71 9.87 8.53
CA SER A 78 -7.38 10.43 8.40
C SER A 78 -7.41 11.71 7.56
N SER A 79 -6.80 12.76 8.09
CA SER A 79 -6.76 14.05 7.41
C SER A 79 -5.40 14.27 6.76
N GLY A 80 -5.33 15.26 5.87
CA GLY A 80 -4.09 15.56 5.19
C GLY A 80 -3.03 16.12 6.13
N GLY A 1 66.62 -0.28 -3.90
CA GLY A 1 66.12 0.50 -5.02
C GLY A 1 64.77 0.03 -5.50
N SER A 2 64.01 0.93 -6.13
CA SER A 2 62.69 0.60 -6.63
C SER A 2 62.11 1.78 -7.42
N SER A 3 61.12 1.48 -8.26
CA SER A 3 60.48 2.51 -9.06
C SER A 3 59.05 2.11 -9.43
N GLY A 4 58.34 2.99 -10.12
CA GLY A 4 56.98 2.71 -10.52
C GLY A 4 56.15 3.97 -10.69
N SER A 5 55.02 3.85 -11.37
CA SER A 5 54.14 4.98 -11.60
C SER A 5 52.68 4.55 -11.65
N SER A 6 51.78 5.47 -11.34
CA SER A 6 50.35 5.18 -11.35
C SER A 6 49.53 6.46 -11.25
N GLY A 7 48.25 6.37 -11.58
CA GLY A 7 47.37 7.53 -11.53
C GLY A 7 45.91 7.15 -11.43
N GLY A 8 45.07 8.13 -11.10
CA GLY A 8 43.64 7.87 -10.97
C GLY A 8 42.83 9.14 -10.87
N GLU A 9 42.20 9.35 -9.72
CA GLU A 9 41.38 10.54 -9.50
C GLU A 9 40.48 10.81 -10.70
N PRO A 10 39.71 9.79 -11.10
CA PRO A 10 38.79 9.88 -12.23
C PRO A 10 37.61 10.80 -11.95
N GLY A 11 36.61 10.77 -12.82
CA GLY A 11 35.43 11.60 -12.64
C GLY A 11 34.23 10.81 -12.16
N THR A 12 33.18 11.51 -11.76
CA THR A 12 31.96 10.87 -11.29
C THR A 12 30.85 11.90 -11.05
N LYS A 13 29.61 11.46 -11.23
CA LYS A 13 28.46 12.33 -11.03
C LYS A 13 27.31 11.58 -10.36
N ALA A 14 26.36 12.33 -9.81
CA ALA A 14 25.21 11.74 -9.14
C ALA A 14 24.19 12.80 -8.76
N LYS A 15 23.08 12.36 -8.17
CA LYS A 15 22.02 13.28 -7.76
C LYS A 15 21.77 13.18 -6.26
N LYS A 16 20.90 14.05 -5.75
CA LYS A 16 20.58 14.05 -4.33
C LYS A 16 19.24 13.36 -4.07
N GLY A 17 19.16 12.64 -2.97
CA GLY A 17 17.93 11.93 -2.62
C GLY A 17 17.06 12.72 -1.68
N ARG A 18 16.46 12.03 -0.71
CA ARG A 18 15.60 12.68 0.27
C ARG A 18 15.25 11.72 1.41
N ARG A 19 14.44 12.19 2.34
CA ARG A 19 14.03 11.39 3.48
C ARG A 19 12.56 10.98 3.38
N SER A 20 12.22 9.83 3.93
CA SER A 20 10.85 9.32 3.90
C SER A 20 10.67 8.17 4.87
N ARG A 21 9.44 7.66 4.95
CA ARG A 21 9.13 6.54 5.84
C ARG A 21 9.15 5.22 5.08
N THR A 22 8.45 5.18 3.96
CA THR A 22 8.39 3.96 3.15
C THR A 22 9.78 3.45 2.82
N VAL A 23 9.88 2.15 2.54
CA VAL A 23 11.16 1.53 2.20
C VAL A 23 11.08 0.78 0.88
N PHE A 24 10.00 1.02 0.14
CA PHE A 24 9.80 0.36 -1.15
C PHE A 24 10.55 1.10 -2.26
N THR A 25 11.24 0.33 -3.10
CA THR A 25 12.00 0.91 -4.20
C THR A 25 11.09 1.33 -5.34
N GLU A 26 11.48 2.38 -6.05
CA GLU A 26 10.69 2.89 -7.16
C GLU A 26 10.05 1.74 -7.94
N LEU A 27 10.81 0.68 -8.15
CA LEU A 27 10.32 -0.47 -8.89
C LEU A 27 9.24 -1.20 -8.10
N GLN A 28 9.53 -1.51 -6.84
CA GLN A 28 8.57 -2.20 -5.98
C GLN A 28 7.26 -1.43 -5.89
N LEU A 29 7.37 -0.12 -5.64
CA LEU A 29 6.19 0.73 -5.52
C LEU A 29 5.38 0.71 -6.83
N MET A 30 6.09 0.78 -7.95
CA MET A 30 5.44 0.78 -9.25
C MET A 30 4.59 -0.49 -9.44
N GLY A 31 5.18 -1.63 -9.07
CA GLY A 31 4.46 -2.89 -9.20
C GLY A 31 3.34 -3.03 -8.19
N LEU A 32 3.67 -2.85 -6.92
CA LEU A 32 2.69 -2.96 -5.85
C LEU A 32 1.40 -2.22 -6.21
N GLU A 33 1.55 -0.98 -6.65
CA GLU A 33 0.40 -0.16 -7.03
C GLU A 33 -0.38 -0.82 -8.15
N LYS A 34 0.33 -1.40 -9.11
CA LYS A 34 -0.29 -2.05 -10.24
C LYS A 34 -1.34 -3.07 -9.77
N ARG A 35 -0.92 -3.98 -8.89
CA ARG A 35 -1.82 -4.99 -8.36
C ARG A 35 -2.90 -4.36 -7.48
N PHE A 36 -2.48 -3.81 -6.35
CA PHE A 36 -3.41 -3.16 -5.42
C PHE A 36 -4.51 -2.43 -6.17
N GLU A 37 -4.13 -1.72 -7.23
CA GLU A 37 -5.08 -0.96 -8.03
C GLU A 37 -6.05 -1.90 -8.75
N LYS A 38 -5.51 -2.96 -9.32
CA LYS A 38 -6.32 -3.94 -10.04
C LYS A 38 -7.30 -4.64 -9.10
N GLN A 39 -6.79 -5.09 -7.96
CA GLN A 39 -7.62 -5.77 -6.96
C GLN A 39 -7.36 -5.22 -5.57
N LYS A 40 -8.27 -4.38 -5.09
CA LYS A 40 -8.15 -3.78 -3.77
C LYS A 40 -7.50 -4.75 -2.80
N TYR A 41 -7.91 -6.01 -2.86
CA TYR A 41 -7.35 -7.03 -1.98
C TYR A 41 -6.81 -8.21 -2.79
N LEU A 42 -5.92 -8.99 -2.17
CA LEU A 42 -5.33 -10.14 -2.83
C LEU A 42 -5.56 -11.41 -2.01
N SER A 43 -6.08 -12.45 -2.66
CA SER A 43 -6.34 -13.72 -2.00
C SER A 43 -5.08 -14.27 -1.34
N THR A 44 -5.19 -15.47 -0.78
CA THR A 44 -4.06 -16.10 -0.12
C THR A 44 -2.92 -16.35 -1.11
N PRO A 45 -3.21 -17.13 -2.16
CA PRO A 45 -2.21 -17.46 -3.19
C PRO A 45 -1.85 -16.25 -4.06
N ASP A 46 -2.83 -15.38 -4.30
CA ASP A 46 -2.61 -14.19 -5.10
C ASP A 46 -1.50 -13.33 -4.51
N ARG A 47 -1.68 -12.93 -3.25
CA ARG A 47 -0.69 -12.11 -2.56
C ARG A 47 0.70 -12.74 -2.65
N ILE A 48 0.75 -14.06 -2.62
CA ILE A 48 2.01 -14.79 -2.70
C ILE A 48 2.63 -14.66 -4.09
N ASP A 49 1.88 -15.07 -5.11
CA ASP A 49 2.36 -15.00 -6.48
C ASP A 49 3.04 -13.67 -6.75
N LEU A 50 2.40 -12.58 -6.34
CA LEU A 50 2.94 -11.24 -6.54
C LEU A 50 4.24 -11.06 -5.76
N ALA A 51 4.17 -11.22 -4.45
CA ALA A 51 5.35 -11.09 -3.60
C ALA A 51 6.56 -11.77 -4.22
N GLU A 52 6.31 -12.78 -5.05
CA GLU A 52 7.39 -13.52 -5.70
C GLU A 52 7.85 -12.79 -6.96
N SER A 53 6.91 -12.14 -7.65
CA SER A 53 7.22 -11.42 -8.87
C SER A 53 8.20 -10.28 -8.59
N LEU A 54 7.92 -9.51 -7.54
CA LEU A 54 8.78 -8.40 -7.16
C LEU A 54 9.83 -8.83 -6.14
N GLY A 55 9.50 -9.85 -5.37
CA GLY A 55 10.43 -10.36 -4.37
C GLY A 55 10.21 -9.72 -3.01
N LEU A 56 8.94 -9.49 -2.67
CA LEU A 56 8.60 -8.89 -1.38
C LEU A 56 8.07 -9.94 -0.41
N SER A 57 7.81 -9.52 0.82
CA SER A 57 7.30 -10.42 1.84
C SER A 57 5.77 -10.34 1.94
N GLN A 58 5.12 -11.49 1.89
CA GLN A 58 3.67 -11.55 1.96
C GLN A 58 3.13 -10.45 2.87
N LEU A 59 3.80 -10.22 3.99
CA LEU A 59 3.39 -9.19 4.94
C LEU A 59 3.28 -7.83 4.26
N GLN A 60 4.34 -7.44 3.57
CA GLN A 60 4.38 -6.16 2.88
C GLN A 60 3.02 -5.86 2.23
N VAL A 61 2.63 -6.69 1.28
CA VAL A 61 1.36 -6.53 0.58
C VAL A 61 0.22 -6.32 1.57
N LYS A 62 0.16 -7.20 2.57
CA LYS A 62 -0.89 -7.11 3.59
C LYS A 62 -0.94 -5.73 4.22
N THR A 63 0.15 -5.35 4.88
CA THR A 63 0.24 -4.05 5.53
C THR A 63 0.13 -2.92 4.50
N TRP A 64 1.10 -2.85 3.60
CA TRP A 64 1.11 -1.83 2.57
C TRP A 64 -0.30 -1.54 2.07
N TYR A 65 -1.04 -2.60 1.76
CA TYR A 65 -2.41 -2.45 1.26
C TYR A 65 -3.25 -1.66 2.25
N GLN A 66 -3.34 -2.14 3.49
CA GLN A 66 -4.13 -1.49 4.52
C GLN A 66 -3.80 0.01 4.57
N ASN A 67 -2.54 0.34 4.78
CA ASN A 67 -2.10 1.73 4.85
C ASN A 67 -2.50 2.48 3.59
N ARG A 68 -2.35 1.83 2.43
CA ARG A 68 -2.68 2.44 1.16
C ARG A 68 -4.15 2.87 1.13
N ARG A 69 -5.02 2.00 1.63
CA ARG A 69 -6.45 2.29 1.66
C ARG A 69 -6.72 3.66 2.26
N MET A 70 -6.26 3.86 3.49
CA MET A 70 -6.44 5.14 4.18
C MET A 70 -6.34 6.30 3.20
N LYS A 71 -5.18 6.43 2.57
CA LYS A 71 -4.95 7.51 1.61
C LYS A 71 -5.94 7.43 0.46
N TRP A 72 -6.13 6.22 -0.07
CA TRP A 72 -7.06 6.01 -1.18
C TRP A 72 -8.42 6.62 -0.88
N LYS A 73 -8.94 6.32 0.31
CA LYS A 73 -10.24 6.85 0.72
C LYS A 73 -10.37 8.33 0.38
N LYS A 74 -9.34 9.09 0.70
CA LYS A 74 -9.33 10.52 0.42
C LYS A 74 -8.65 10.82 -0.90
N SER A 75 -9.33 11.56 -1.77
CA SER A 75 -8.79 11.91 -3.08
C SER A 75 -9.22 13.31 -3.49
N GLY A 76 -8.51 13.88 -4.45
CA GLY A 76 -8.84 15.21 -4.93
C GLY A 76 -7.63 15.96 -5.45
N PRO A 77 -7.73 17.30 -5.47
CA PRO A 77 -6.64 18.17 -5.96
C PRO A 77 -5.44 18.17 -5.01
N SER A 78 -4.46 17.33 -5.30
CA SER A 78 -3.26 17.24 -4.47
C SER A 78 -2.16 18.14 -5.01
N SER A 79 -1.01 18.14 -4.32
CA SER A 79 0.11 18.96 -4.73
C SER A 79 0.97 18.23 -5.76
N GLY A 80 1.82 18.98 -6.45
CA GLY A 80 2.69 18.39 -7.46
C GLY A 80 2.59 19.10 -8.80
N GLY A 1 -28.28 -17.47 -5.45
CA GLY A 1 -28.42 -16.07 -5.09
C GLY A 1 -27.37 -15.62 -4.10
N SER A 2 -27.83 -15.00 -3.01
CA SER A 2 -26.92 -14.51 -1.97
C SER A 2 -25.81 -15.53 -1.71
N SER A 3 -24.71 -15.05 -1.11
CA SER A 3 -23.58 -15.91 -0.80
C SER A 3 -23.38 -16.02 0.70
N GLY A 4 -23.09 -14.89 1.34
CA GLY A 4 -22.88 -14.87 2.77
C GLY A 4 -22.47 -13.51 3.28
N SER A 5 -21.47 -12.91 2.66
CA SER A 5 -20.98 -11.60 3.06
C SER A 5 -22.13 -10.72 3.55
N SER A 6 -21.93 -10.09 4.70
CA SER A 6 -22.95 -9.23 5.29
C SER A 6 -22.37 -7.84 5.61
N GLY A 7 -21.32 -7.83 6.41
CA GLY A 7 -20.69 -6.57 6.78
C GLY A 7 -20.16 -6.58 8.20
N GLY A 8 -19.79 -5.40 8.69
CA GLY A 8 -19.27 -5.29 10.05
C GLY A 8 -19.42 -3.90 10.63
N GLU A 9 -18.71 -3.63 11.71
CA GLU A 9 -18.78 -2.32 12.37
C GLU A 9 -17.42 -1.64 12.36
N PRO A 10 -17.43 -0.31 12.20
CA PRO A 10 -16.20 0.50 12.17
C PRO A 10 -15.52 0.55 13.53
N GLY A 11 -14.46 1.36 13.62
CA GLY A 11 -13.73 1.48 14.86
C GLY A 11 -13.16 2.88 15.05
N THR A 12 -13.91 3.74 15.73
CA THR A 12 -13.48 5.11 15.98
C THR A 12 -12.08 5.13 16.58
N LYS A 13 -11.25 6.06 16.10
CA LYS A 13 -9.88 6.20 16.58
C LYS A 13 -9.34 7.61 16.31
N ALA A 14 -8.57 8.12 17.26
CA ALA A 14 -8.00 9.46 17.12
C ALA A 14 -6.82 9.45 16.15
N LYS A 15 -5.80 8.66 16.48
CA LYS A 15 -4.61 8.55 15.63
C LYS A 15 -3.73 7.39 16.07
N LYS A 16 -3.23 6.63 15.10
CA LYS A 16 -2.37 5.49 15.38
C LYS A 16 -1.50 5.15 14.18
N GLY A 17 -0.19 5.28 14.34
CA GLY A 17 0.73 4.99 13.26
C GLY A 17 2.16 5.32 13.62
N ARG A 18 3.01 5.40 12.60
CA ARG A 18 4.43 5.71 12.81
C ARG A 18 5.14 4.55 13.49
N ARG A 19 5.02 3.37 12.90
CA ARG A 19 5.66 2.17 13.47
C ARG A 19 6.12 1.24 12.35
N SER A 20 7.20 0.50 12.63
CA SER A 20 7.76 -0.42 11.65
C SER A 20 7.83 0.22 10.26
N ARG A 21 8.30 1.46 10.22
CA ARG A 21 8.42 2.19 8.96
C ARG A 21 9.24 1.40 7.95
N THR A 22 8.67 1.17 6.78
CA THR A 22 9.34 0.42 5.73
C THR A 22 9.47 1.26 4.45
N VAL A 23 10.63 1.18 3.82
CA VAL A 23 10.88 1.92 2.59
C VAL A 23 10.94 1.00 1.38
N PHE A 24 10.19 1.34 0.33
CA PHE A 24 10.16 0.53 -0.88
C PHE A 24 10.91 1.23 -2.01
N THR A 25 11.14 0.50 -3.10
CA THR A 25 11.85 1.05 -4.25
C THR A 25 10.87 1.45 -5.35
N GLU A 26 11.37 2.21 -6.32
CA GLU A 26 10.54 2.67 -7.44
C GLU A 26 9.96 1.47 -8.20
N LEU A 27 10.74 0.42 -8.31
CA LEU A 27 10.31 -0.79 -9.02
C LEU A 27 9.23 -1.53 -8.23
N GLN A 28 9.58 -1.93 -7.01
CA GLN A 28 8.65 -2.65 -6.14
C GLN A 28 7.33 -1.88 -6.02
N LEU A 29 7.42 -0.58 -5.81
CA LEU A 29 6.25 0.26 -5.67
C LEU A 29 5.42 0.27 -6.96
N MET A 30 6.10 0.35 -8.09
CA MET A 30 5.43 0.37 -9.38
C MET A 30 4.49 -0.82 -9.51
N GLY A 31 4.95 -2.00 -9.11
CA GLY A 31 4.14 -3.19 -9.19
C GLY A 31 3.07 -3.23 -8.12
N LEU A 32 3.46 -2.97 -6.87
CA LEU A 32 2.53 -2.98 -5.76
C LEU A 32 1.31 -2.12 -6.05
N GLU A 33 1.54 -0.91 -6.56
CA GLU A 33 0.47 0.00 -6.90
C GLU A 33 -0.42 -0.58 -7.99
N LYS A 34 0.20 -1.24 -8.95
CA LYS A 34 -0.54 -1.85 -10.06
C LYS A 34 -1.45 -2.96 -9.56
N ARG A 35 -0.95 -3.77 -8.63
CA ARG A 35 -1.72 -4.87 -8.06
C ARG A 35 -2.80 -4.34 -7.11
N PHE A 36 -2.42 -3.39 -6.27
CA PHE A 36 -3.35 -2.80 -5.32
C PHE A 36 -4.48 -2.06 -6.03
N GLU A 37 -4.11 -1.28 -7.04
CA GLU A 37 -5.09 -0.51 -7.81
C GLU A 37 -6.03 -1.44 -8.58
N LYS A 38 -5.46 -2.47 -9.19
CA LYS A 38 -6.25 -3.43 -9.95
C LYS A 38 -7.19 -4.21 -9.04
N GLN A 39 -6.69 -4.63 -7.89
CA GLN A 39 -7.49 -5.39 -6.93
C GLN A 39 -7.28 -4.86 -5.51
N LYS A 40 -8.24 -4.10 -5.02
CA LYS A 40 -8.16 -3.54 -3.67
C LYS A 40 -7.49 -4.50 -2.72
N TYR A 41 -7.80 -5.79 -2.87
CA TYR A 41 -7.22 -6.82 -2.02
C TYR A 41 -6.61 -7.95 -2.85
N LEU A 42 -5.86 -8.82 -2.19
CA LEU A 42 -5.22 -9.94 -2.87
C LEU A 42 -5.48 -11.26 -2.14
N SER A 43 -5.92 -12.26 -2.88
CA SER A 43 -6.22 -13.57 -2.29
C SER A 43 -4.95 -14.21 -1.74
N THR A 44 -5.11 -15.38 -1.12
CA THR A 44 -3.97 -16.10 -0.54
C THR A 44 -2.88 -16.32 -1.59
N PRO A 45 -3.24 -17.01 -2.67
CA PRO A 45 -2.30 -17.31 -3.76
C PRO A 45 -1.91 -16.07 -4.56
N ASP A 46 -2.83 -15.10 -4.60
CA ASP A 46 -2.58 -13.86 -5.33
C ASP A 46 -1.48 -13.04 -4.66
N ARG A 47 -1.70 -12.68 -3.39
CA ARG A 47 -0.72 -11.90 -2.65
C ARG A 47 0.66 -12.55 -2.69
N ILE A 48 0.68 -13.87 -2.50
CA ILE A 48 1.94 -14.61 -2.53
C ILE A 48 2.63 -14.49 -3.88
N ASP A 49 1.92 -14.90 -4.94
CA ASP A 49 2.46 -14.84 -6.28
C ASP A 49 3.18 -13.51 -6.52
N LEU A 50 2.49 -12.42 -6.20
CA LEU A 50 3.07 -11.08 -6.37
C LEU A 50 4.35 -10.92 -5.56
N ALA A 51 4.22 -11.00 -4.24
CA ALA A 51 5.36 -10.88 -3.36
C ALA A 51 6.59 -11.56 -3.94
N GLU A 52 6.37 -12.63 -4.69
CA GLU A 52 7.45 -13.38 -5.31
C GLU A 52 7.94 -12.68 -6.58
N SER A 53 7.01 -12.27 -7.42
CA SER A 53 7.35 -11.59 -8.67
C SER A 53 8.31 -10.43 -8.41
N LEU A 54 7.95 -9.57 -7.47
CA LEU A 54 8.78 -8.41 -7.13
C LEU A 54 9.84 -8.80 -6.10
N GLY A 55 9.60 -9.89 -5.39
CA GLY A 55 10.56 -10.35 -4.40
C GLY A 55 10.14 -9.98 -2.98
N LEU A 56 9.07 -9.20 -2.87
CA LEU A 56 8.57 -8.78 -1.57
C LEU A 56 8.00 -9.97 -0.79
N SER A 57 7.58 -9.71 0.44
CA SER A 57 7.02 -10.76 1.30
C SER A 57 5.52 -10.55 1.49
N GLN A 58 4.79 -11.64 1.58
CA GLN A 58 3.34 -11.59 1.77
C GLN A 58 2.96 -10.43 2.69
N LEU A 59 3.71 -10.28 3.77
CA LEU A 59 3.46 -9.21 4.73
C LEU A 59 3.39 -7.85 4.04
N GLN A 60 4.45 -7.50 3.33
CA GLN A 60 4.51 -6.22 2.61
C GLN A 60 3.14 -5.85 2.05
N VAL A 61 2.60 -6.72 1.19
CA VAL A 61 1.29 -6.48 0.58
C VAL A 61 0.23 -6.26 1.65
N LYS A 62 0.11 -7.21 2.57
CA LYS A 62 -0.87 -7.13 3.64
C LYS A 62 -0.84 -5.75 4.30
N THR A 63 0.30 -5.41 4.89
CA THR A 63 0.47 -4.13 5.56
C THR A 63 0.35 -2.98 4.56
N TRP A 64 1.28 -2.93 3.61
CA TRP A 64 1.27 -1.87 2.60
C TRP A 64 -0.16 -1.53 2.18
N TYR A 65 -0.94 -2.56 1.86
CA TYR A 65 -2.32 -2.37 1.45
C TYR A 65 -3.12 -1.63 2.52
N GLN A 66 -3.30 -2.29 3.66
CA GLN A 66 -4.04 -1.71 4.77
C GLN A 66 -3.80 -0.21 4.86
N ASN A 67 -2.53 0.17 4.83
CA ASN A 67 -2.16 1.59 4.90
C ASN A 67 -2.60 2.33 3.65
N ARG A 68 -2.10 1.91 2.50
CA ARG A 68 -2.44 2.54 1.23
C ARG A 68 -3.92 2.85 1.17
N ARG A 69 -4.75 1.86 1.47
CA ARG A 69 -6.20 2.03 1.44
C ARG A 69 -6.60 3.39 2.00
N MET A 70 -6.21 3.65 3.25
CA MET A 70 -6.53 4.91 3.90
C MET A 70 -6.49 6.07 2.90
N LYS A 71 -5.40 6.14 2.14
CA LYS A 71 -5.23 7.19 1.14
C LYS A 71 -6.39 7.18 0.14
N TRP A 72 -6.67 6.00 -0.41
CA TRP A 72 -7.75 5.85 -1.38
C TRP A 72 -9.09 6.23 -0.77
N LYS A 73 -9.31 5.79 0.46
CA LYS A 73 -10.56 6.07 1.17
C LYS A 73 -10.52 7.47 1.80
N LYS A 74 -11.66 7.93 2.27
CA LYS A 74 -11.77 9.24 2.90
C LYS A 74 -10.98 10.28 2.10
N SER A 75 -11.03 10.17 0.78
CA SER A 75 -10.33 11.10 -0.10
C SER A 75 -11.18 11.47 -1.31
N GLY A 76 -11.71 12.68 -1.30
CA GLY A 76 -12.54 13.14 -2.41
C GLY A 76 -12.84 14.62 -2.35
N PRO A 77 -13.87 14.99 -1.57
CA PRO A 77 -14.27 16.39 -1.41
C PRO A 77 -13.26 17.21 -0.62
N SER A 78 -12.29 16.51 -0.01
CA SER A 78 -11.26 17.17 0.78
C SER A 78 -11.86 18.27 1.65
N SER A 79 -13.01 17.97 2.25
CA SER A 79 -13.70 18.93 3.12
C SER A 79 -13.61 18.51 4.58
N GLY A 80 -12.56 18.96 5.26
CA GLY A 80 -12.38 18.62 6.66
C GLY A 80 -11.44 17.44 6.86
N GLY A 1 15.88 34.77 -45.81
CA GLY A 1 15.20 35.05 -44.56
C GLY A 1 16.14 35.59 -43.50
N SER A 2 15.67 35.66 -42.26
CA SER A 2 16.47 36.17 -41.16
C SER A 2 16.39 35.25 -39.94
N SER A 3 17.13 35.59 -38.89
CA SER A 3 17.14 34.78 -37.68
C SER A 3 17.24 35.68 -36.44
N GLY A 4 17.19 35.06 -35.27
CA GLY A 4 17.28 35.82 -34.03
C GLY A 4 16.79 35.02 -32.84
N SER A 5 17.33 35.34 -31.66
CA SER A 5 16.96 34.64 -30.44
C SER A 5 17.46 35.39 -29.21
N SER A 6 16.57 35.60 -28.25
CA SER A 6 16.92 36.31 -27.02
C SER A 6 15.96 35.95 -25.89
N GLY A 7 16.52 35.69 -24.71
CA GLY A 7 15.70 35.34 -23.56
C GLY A 7 16.49 34.61 -22.48
N GLY A 8 15.89 34.48 -21.31
CA GLY A 8 16.55 33.80 -20.21
C GLY A 8 16.14 34.34 -18.86
N GLU A 9 15.60 33.47 -18.02
CA GLU A 9 15.16 33.87 -16.68
C GLU A 9 15.82 33.00 -15.61
N PRO A 10 16.16 33.63 -14.47
CA PRO A 10 16.80 32.93 -13.35
C PRO A 10 15.85 31.97 -12.65
N GLY A 11 16.42 31.02 -11.91
CA GLY A 11 15.60 30.05 -11.20
C GLY A 11 16.39 28.81 -10.80
N THR A 12 16.26 28.42 -9.53
CA THR A 12 16.97 27.24 -9.03
C THR A 12 16.28 26.70 -7.79
N LYS A 13 15.63 25.55 -7.94
CA LYS A 13 14.93 24.91 -6.83
C LYS A 13 15.51 23.51 -6.56
N ALA A 14 15.89 23.28 -5.30
CA ALA A 14 16.44 22.00 -4.91
C ALA A 14 16.64 21.92 -3.40
N LYS A 15 15.81 21.12 -2.74
CA LYS A 15 15.89 20.96 -1.29
C LYS A 15 16.12 19.51 -0.91
N LYS A 16 16.64 19.28 0.29
CA LYS A 16 16.92 17.93 0.76
C LYS A 16 15.69 17.35 1.46
N GLY A 17 15.19 18.06 2.47
CA GLY A 17 14.03 17.61 3.21
C GLY A 17 14.25 16.25 3.83
N ARG A 18 13.75 15.20 3.19
CA ARG A 18 13.89 13.84 3.69
C ARG A 18 14.46 12.91 2.63
N ARG A 19 15.15 11.87 3.07
CA ARG A 19 15.75 10.90 2.15
C ARG A 19 14.68 10.08 1.45
N SER A 20 13.78 9.51 2.23
CA SER A 20 12.70 8.69 1.69
C SER A 20 11.69 8.32 2.78
N ARG A 21 10.45 8.10 2.37
CA ARG A 21 9.39 7.73 3.31
C ARG A 21 9.33 6.22 3.50
N THR A 22 9.32 5.49 2.40
CA THR A 22 9.26 4.02 2.46
C THR A 22 10.58 3.41 2.00
N VAL A 23 10.78 2.14 2.33
CA VAL A 23 12.00 1.43 1.96
C VAL A 23 11.80 0.63 0.68
N PHE A 24 10.68 0.88 0.00
CA PHE A 24 10.36 0.19 -1.24
C PHE A 24 11.07 0.84 -2.43
N THR A 25 11.60 0.02 -3.32
CA THR A 25 12.30 0.52 -4.51
C THR A 25 11.32 0.85 -5.62
N GLU A 26 11.64 1.90 -6.39
CA GLU A 26 10.78 2.32 -7.49
C GLU A 26 10.21 1.11 -8.23
N LEU A 27 11.02 0.07 -8.36
CA LEU A 27 10.58 -1.14 -9.04
C LEU A 27 9.49 -1.86 -8.26
N GLN A 28 9.74 -2.08 -6.97
CA GLN A 28 8.78 -2.76 -6.10
C GLN A 28 7.47 -1.98 -6.05
N LEU A 29 7.57 -0.67 -5.85
CA LEU A 29 6.39 0.19 -5.77
C LEU A 29 5.58 0.11 -7.06
N MET A 30 6.27 0.10 -8.20
CA MET A 30 5.61 0.02 -9.49
C MET A 30 4.63 -1.14 -9.53
N GLY A 31 5.05 -2.30 -9.02
CA GLY A 31 4.20 -3.47 -9.00
C GLY A 31 3.11 -3.38 -7.95
N LEU A 32 3.51 -3.14 -6.71
CA LEU A 32 2.56 -3.04 -5.61
C LEU A 32 1.41 -2.09 -5.97
N GLU A 33 1.75 -0.95 -6.55
CA GLU A 33 0.75 0.04 -6.95
C GLU A 33 -0.10 -0.49 -8.10
N LYS A 34 0.54 -1.15 -9.05
CA LYS A 34 -0.16 -1.71 -10.21
C LYS A 34 -1.24 -2.70 -9.76
N ARG A 35 -0.86 -3.62 -8.88
CA ARG A 35 -1.78 -4.62 -8.38
C ARG A 35 -2.89 -3.98 -7.54
N PHE A 36 -2.48 -3.17 -6.56
CA PHE A 36 -3.43 -2.50 -5.69
C PHE A 36 -4.43 -1.67 -6.50
N GLU A 37 -3.90 -0.77 -7.33
CA GLU A 37 -4.74 0.09 -8.16
C GLU A 37 -5.78 -0.74 -8.91
N LYS A 38 -5.42 -1.98 -9.24
CA LYS A 38 -6.33 -2.87 -9.96
C LYS A 38 -7.31 -3.54 -9.00
N GLN A 39 -6.81 -3.93 -7.83
CA GLN A 39 -7.65 -4.59 -6.83
C GLN A 39 -7.30 -4.10 -5.43
N LYS A 40 -8.30 -3.61 -4.71
CA LYS A 40 -8.10 -3.11 -3.35
C LYS A 40 -7.57 -4.21 -2.44
N TYR A 41 -7.67 -5.46 -2.90
CA TYR A 41 -7.20 -6.60 -2.13
C TYR A 41 -6.71 -7.71 -3.05
N LEU A 42 -6.31 -8.83 -2.45
CA LEU A 42 -5.82 -9.97 -3.21
C LEU A 42 -6.08 -11.28 -2.47
N SER A 43 -6.38 -12.34 -3.22
CA SER A 43 -6.66 -13.63 -2.63
C SER A 43 -5.47 -14.12 -1.79
N THR A 44 -5.57 -15.35 -1.29
CA THR A 44 -4.51 -15.93 -0.49
C THR A 44 -3.27 -16.19 -1.31
N PRO A 45 -3.41 -17.01 -2.37
CA PRO A 45 -2.30 -17.35 -3.26
C PRO A 45 -1.85 -16.17 -4.11
N ASP A 46 -2.69 -15.13 -4.16
CA ASP A 46 -2.37 -13.93 -4.94
C ASP A 46 -1.22 -13.16 -4.30
N ARG A 47 -1.39 -12.78 -3.05
CA ARG A 47 -0.36 -12.03 -2.33
C ARG A 47 0.99 -12.74 -2.43
N ILE A 48 0.98 -14.05 -2.33
CA ILE A 48 2.21 -14.84 -2.40
C ILE A 48 2.79 -14.81 -3.81
N ASP A 49 1.98 -15.19 -4.80
CA ASP A 49 2.42 -15.20 -6.19
C ASP A 49 3.09 -13.88 -6.55
N LEU A 50 2.42 -12.78 -6.23
CA LEU A 50 2.95 -11.45 -6.52
C LEU A 50 4.23 -11.18 -5.73
N ALA A 51 4.10 -11.14 -4.41
CA ALA A 51 5.25 -10.90 -3.53
C ALA A 51 6.48 -11.62 -4.04
N GLU A 52 6.27 -12.76 -4.70
CA GLU A 52 7.37 -13.56 -5.24
C GLU A 52 7.92 -12.93 -6.52
N SER A 53 7.01 -12.48 -7.38
CA SER A 53 7.39 -11.87 -8.65
C SER A 53 8.28 -10.65 -8.40
N LEU A 54 7.85 -9.78 -7.49
CA LEU A 54 8.59 -8.58 -7.17
C LEU A 54 9.71 -8.87 -6.16
N GLY A 55 9.57 -9.98 -5.44
CA GLY A 55 10.57 -10.36 -4.47
C GLY A 55 10.24 -9.85 -3.08
N LEU A 56 9.02 -9.34 -2.91
CA LEU A 56 8.58 -8.82 -1.62
C LEU A 56 7.96 -9.91 -0.76
N SER A 57 7.61 -9.57 0.47
CA SER A 57 7.01 -10.53 1.39
C SER A 57 5.53 -10.22 1.61
N GLN A 58 4.72 -11.26 1.71
CA GLN A 58 3.28 -11.11 1.91
C GLN A 58 2.99 -9.89 2.78
N LEU A 59 3.81 -9.72 3.83
CA LEU A 59 3.63 -8.59 4.74
C LEU A 59 3.53 -7.28 3.98
N GLN A 60 4.52 -7.01 3.12
CA GLN A 60 4.53 -5.79 2.33
C GLN A 60 3.15 -5.49 1.77
N VAL A 61 2.66 -6.38 0.92
CA VAL A 61 1.34 -6.21 0.31
C VAL A 61 0.27 -5.99 1.37
N LYS A 62 0.17 -6.93 2.31
CA LYS A 62 -0.82 -6.84 3.38
C LYS A 62 -0.83 -5.44 3.98
N THR A 63 0.27 -5.06 4.63
CA THR A 63 0.38 -3.75 5.25
C THR A 63 0.27 -2.64 4.22
N TRP A 64 1.20 -2.61 3.28
CA TRP A 64 1.21 -1.60 2.23
C TRP A 64 -0.21 -1.29 1.77
N TYR A 65 -1.00 -2.33 1.53
CA TYR A 65 -2.38 -2.17 1.09
C TYR A 65 -3.21 -1.46 2.15
N GLN A 66 -3.33 -2.08 3.31
CA GLN A 66 -4.10 -1.49 4.41
C GLN A 66 -3.74 -0.03 4.61
N ASN A 67 -2.45 0.28 4.57
CA ASN A 67 -1.97 1.65 4.75
C ASN A 67 -2.39 2.53 3.57
N ARG A 68 -2.65 1.89 2.44
CA ARG A 68 -3.06 2.61 1.24
C ARG A 68 -4.57 2.86 1.24
N ARG A 69 -5.34 1.79 1.33
CA ARG A 69 -6.80 1.88 1.34
C ARG A 69 -7.25 3.02 2.26
N MET A 70 -6.86 2.95 3.52
CA MET A 70 -7.23 3.96 4.50
C MET A 70 -7.19 5.36 3.87
N LYS A 71 -6.09 5.67 3.21
CA LYS A 71 -5.94 6.97 2.56
C LYS A 71 -6.87 7.10 1.36
N TRP A 72 -7.14 5.97 0.71
CA TRP A 72 -8.02 5.95 -0.46
C TRP A 72 -9.46 6.28 -0.06
N LYS A 73 -9.98 5.53 0.92
CA LYS A 73 -11.34 5.74 1.39
C LYS A 73 -11.54 7.19 1.83
N LYS A 74 -10.51 7.79 2.40
CA LYS A 74 -10.58 9.16 2.86
C LYS A 74 -9.87 10.10 1.90
N SER A 75 -10.58 10.48 0.84
CA SER A 75 -10.02 11.38 -0.18
C SER A 75 -10.46 12.82 0.07
N GLY A 76 -9.50 13.66 0.44
CA GLY A 76 -9.80 15.06 0.70
C GLY A 76 -9.82 15.90 -0.56
N PRO A 77 -10.61 16.99 -0.55
CA PRO A 77 -10.73 17.89 -1.70
C PRO A 77 -9.46 18.69 -1.93
N SER A 78 -8.72 18.96 -0.87
CA SER A 78 -7.48 19.72 -0.96
C SER A 78 -6.30 18.80 -1.25
N SER A 79 -5.82 18.85 -2.49
CA SER A 79 -4.69 18.02 -2.91
C SER A 79 -3.64 18.85 -3.65
N GLY A 80 -2.39 18.41 -3.58
CA GLY A 80 -1.32 19.13 -4.25
C GLY A 80 -0.51 18.22 -5.17
#